data_5VYG
# 
_entry.id   5VYG 
# 
_audit_conform.dict_name       mmcif_pdbx.dic 
_audit_conform.dict_version    5.397 
_audit_conform.dict_location   http://mmcif.pdb.org/dictionaries/ascii/mmcif_pdbx.dic 
# 
loop_
_database_2.database_id 
_database_2.database_code 
_database_2.pdbx_database_accession 
_database_2.pdbx_DOI 
PDB   5VYG         pdb_00005vyg 10.2210/pdb5vyg/pdb 
WWPDB D_1000228144 ?            ?                   
# 
loop_
_pdbx_audit_revision_history.ordinal 
_pdbx_audit_revision_history.data_content_type 
_pdbx_audit_revision_history.major_revision 
_pdbx_audit_revision_history.minor_revision 
_pdbx_audit_revision_history.revision_date 
1 'Structure model' 1 0 2017-08-09 
2 'Structure model' 1 1 2018-02-28 
3 'Structure model' 2 0 2020-07-29 
4 'Structure model' 2 1 2023-10-04 
5 'Structure model' 2 2 2024-10-23 
# 
loop_
_pdbx_audit_revision_details.ordinal 
_pdbx_audit_revision_details.revision_ordinal 
_pdbx_audit_revision_details.data_content_type 
_pdbx_audit_revision_details.provider 
_pdbx_audit_revision_details.type 
_pdbx_audit_revision_details.description 
_pdbx_audit_revision_details.details 
1 1 'Structure model' repository 'Initial release' ?                          ? 
2 3 'Structure model' repository Remediation       'Carbohydrate remediation' ? 
# 
loop_
_pdbx_audit_revision_group.ordinal 
_pdbx_audit_revision_group.revision_ordinal 
_pdbx_audit_revision_group.data_content_type 
_pdbx_audit_revision_group.group 
1  2 'Structure model' 'Database references'     
2  3 'Structure model' Advisory                  
3  3 'Structure model' 'Atomic model'            
4  3 'Structure model' 'Data collection'         
5  3 'Structure model' 'Derived calculations'    
6  3 'Structure model' 'Non-polymer description' 
7  3 'Structure model' 'Structure summary'       
8  4 'Structure model' 'Data collection'         
9  4 'Structure model' 'Database references'     
10 4 'Structure model' 'Refinement description'  
11 4 'Structure model' 'Structure summary'       
12 5 'Structure model' 'Structure summary'       
# 
loop_
_pdbx_audit_revision_category.ordinal 
_pdbx_audit_revision_category.revision_ordinal 
_pdbx_audit_revision_category.data_content_type 
_pdbx_audit_revision_category.category 
1  2 'Structure model' citation                      
2  2 'Structure model' citation_author               
3  3 'Structure model' atom_site                     
4  3 'Structure model' chem_comp                     
5  3 'Structure model' entity                        
6  3 'Structure model' pdbx_branch_scheme            
7  3 'Structure model' pdbx_chem_comp_identifier     
8  3 'Structure model' pdbx_entity_branch            
9  3 'Structure model' pdbx_entity_branch_descriptor 
10 3 'Structure model' pdbx_entity_branch_link       
11 3 'Structure model' pdbx_entity_branch_list       
12 3 'Structure model' pdbx_entity_nonpoly           
13 3 'Structure model' pdbx_nonpoly_scheme           
14 3 'Structure model' pdbx_struct_assembly_gen      
15 3 'Structure model' pdbx_struct_conn_angle        
16 3 'Structure model' pdbx_validate_close_contact   
17 3 'Structure model' struct_asym                   
18 3 'Structure model' struct_conn                   
19 3 'Structure model' struct_conn_type              
20 3 'Structure model' struct_site                   
21 3 'Structure model' struct_site_gen               
22 4 'Structure model' chem_comp                     
23 4 'Structure model' chem_comp_atom                
24 4 'Structure model' chem_comp_bond                
25 4 'Structure model' database_2                    
26 4 'Structure model' pdbx_initial_refinement_model 
27 5 'Structure model' pdbx_entry_details            
28 5 'Structure model' pdbx_modification_feature     
# 
loop_
_pdbx_audit_revision_item.ordinal 
_pdbx_audit_revision_item.revision_ordinal 
_pdbx_audit_revision_item.data_content_type 
_pdbx_audit_revision_item.item 
1  2 'Structure model' '_citation.country'                           
2  2 'Structure model' '_citation.journal_abbrev'                    
3  2 'Structure model' '_citation.journal_id_ASTM'                   
4  2 'Structure model' '_citation.journal_id_CSD'                    
5  2 'Structure model' '_citation.journal_id_ISSN'                   
6  2 'Structure model' '_citation.journal_volume'                    
7  2 'Structure model' '_citation.page_first'                        
8  2 'Structure model' '_citation.page_last'                         
9  2 'Structure model' '_citation.pdbx_database_id_DOI'              
10 2 'Structure model' '_citation.pdbx_database_id_PubMed'           
11 2 'Structure model' '_citation.title'                             
12 2 'Structure model' '_citation.year'                              
13 3 'Structure model' '_atom_site.B_iso_or_equiv'                   
14 3 'Structure model' '_atom_site.Cartn_x'                          
15 3 'Structure model' '_atom_site.Cartn_y'                          
16 3 'Structure model' '_atom_site.Cartn_z'                          
17 3 'Structure model' '_atom_site.auth_asym_id'                     
18 3 'Structure model' '_atom_site.auth_atom_id'                     
19 3 'Structure model' '_atom_site.auth_comp_id'                     
20 3 'Structure model' '_atom_site.auth_seq_id'                      
21 3 'Structure model' '_atom_site.label_asym_id'                    
22 3 'Structure model' '_atom_site.label_atom_id'                    
23 3 'Structure model' '_atom_site.label_comp_id'                    
24 3 'Structure model' '_atom_site.label_entity_id'                  
25 3 'Structure model' '_atom_site.type_symbol'                      
26 3 'Structure model' '_chem_comp.formula'                          
27 3 'Structure model' '_chem_comp.formula_weight'                   
28 3 'Structure model' '_chem_comp.id'                               
29 3 'Structure model' '_chem_comp.mon_nstd_flag'                    
30 3 'Structure model' '_chem_comp.name'                             
31 3 'Structure model' '_chem_comp.type'                             
32 3 'Structure model' '_entity.formula_weight'                      
33 3 'Structure model' '_entity.pdbx_description'                    
34 3 'Structure model' '_entity.type'                                
35 3 'Structure model' '_pdbx_struct_assembly_gen.asym_id_list'      
36 3 'Structure model' '_pdbx_struct_conn_angle.ptnr1_auth_asym_id'  
37 3 'Structure model' '_pdbx_struct_conn_angle.ptnr1_auth_comp_id'  
38 3 'Structure model' '_pdbx_struct_conn_angle.ptnr1_auth_seq_id'   
39 3 'Structure model' '_pdbx_struct_conn_angle.ptnr1_label_asym_id' 
40 3 'Structure model' '_pdbx_struct_conn_angle.ptnr1_label_atom_id' 
41 3 'Structure model' '_pdbx_struct_conn_angle.ptnr1_label_comp_id' 
42 3 'Structure model' '_pdbx_struct_conn_angle.ptnr1_label_seq_id'  
43 3 'Structure model' '_pdbx_struct_conn_angle.ptnr2_label_asym_id' 
44 3 'Structure model' '_pdbx_struct_conn_angle.ptnr2_symmetry'      
45 3 'Structure model' '_pdbx_struct_conn_angle.ptnr3_auth_asym_id'  
46 3 'Structure model' '_pdbx_struct_conn_angle.ptnr3_auth_comp_id'  
47 3 'Structure model' '_pdbx_struct_conn_angle.ptnr3_auth_seq_id'   
48 3 'Structure model' '_pdbx_struct_conn_angle.ptnr3_label_asym_id' 
49 3 'Structure model' '_pdbx_struct_conn_angle.ptnr3_label_atom_id' 
50 3 'Structure model' '_pdbx_struct_conn_angle.ptnr3_label_comp_id' 
51 3 'Structure model' '_pdbx_struct_conn_angle.ptnr3_label_seq_id'  
52 3 'Structure model' '_pdbx_struct_conn_angle.value'               
53 3 'Structure model' '_pdbx_validate_close_contact.auth_asym_id_2' 
54 3 'Structure model' '_pdbx_validate_close_contact.auth_atom_id_2' 
55 3 'Structure model' '_pdbx_validate_close_contact.auth_comp_id_2' 
56 3 'Structure model' '_pdbx_validate_close_contact.auth_seq_id_2'  
57 3 'Structure model' '_struct_asym.entity_id'                      
58 3 'Structure model' '_struct_conn_type.id'                        
59 4 'Structure model' '_chem_comp.pdbx_synonyms'                    
60 4 'Structure model' '_database_2.pdbx_DOI'                        
61 4 'Structure model' '_database_2.pdbx_database_accession'         
# 
_pdbx_database_status.status_code                     REL 
_pdbx_database_status.status_code_sf                  REL 
_pdbx_database_status.status_code_mr                  ? 
_pdbx_database_status.entry_id                        5VYG 
_pdbx_database_status.recvd_initial_deposition_date   2017-05-25 
_pdbx_database_status.SG_entry                        N 
_pdbx_database_status.deposit_site                    RCSB 
_pdbx_database_status.process_site                    RCSB 
_pdbx_database_status.status_code_cs                  ? 
_pdbx_database_status.methods_development_category    ? 
_pdbx_database_status.pdb_format_compatible           Y 
_pdbx_database_status.status_code_nmr_data            ? 
# 
loop_
_audit_author.name 
_audit_author.pdbx_ordinal 
_audit_author.identifier_ORCID 
'Yu, H.J.' 1 ? 
'Li, H.L.' 2 ? 
# 
_citation.abstract                  ? 
_citation.abstract_id_CAS           ? 
_citation.book_id_ISBN              ? 
_citation.book_publisher            ? 
_citation.book_publisher_city       ? 
_citation.book_title                ? 
_citation.coordinate_linkage        ? 
_citation.country                   US 
_citation.database_id_Medline       ? 
_citation.details                   ? 
_citation.id                        primary 
_citation.journal_abbrev            'J. Biol. Chem.' 
_citation.journal_id_ASTM           JBCHA3 
_citation.journal_id_CSD            0071 
_citation.journal_id_ISSN           1083-351X 
_citation.journal_full              ? 
_citation.journal_issue             ? 
_citation.journal_volume            292 
_citation.language                  ? 
_citation.page_first                15964 
_citation.page_last                 15973 
_citation.title                     
'O-Glycosylation modulates the stability of epidermal growth factor-like repeats and thereby regulates Notch trafficking' 
_citation.year                      2017 
_citation.database_id_CSD           ? 
_citation.pdbx_database_id_DOI      10.1074/jbc.M117.800102 
_citation.pdbx_database_id_PubMed   28729422 
_citation.unpublished_flag          ? 
# 
loop_
_citation_author.citation_id 
_citation_author.name 
_citation_author.ordinal 
_citation_author.identifier_ORCID 
primary 'Takeuchi, H.'      1 ? 
primary 'Yu, H.'            2 ? 
primary 'Hao, H.'           3 ? 
primary 'Takeuchi, M.'      4 ? 
primary 'Ito, A.'           5 ? 
primary 'Li, H.'            6 ? 
primary 'Haltiwanger, R.S.' 7 ? 
# 
loop_
_entity.id 
_entity.type 
_entity.src_method 
_entity.pdbx_description 
_entity.formula_weight 
_entity.pdbx_number_of_molecules 
_entity.pdbx_ec 
_entity.pdbx_mutation 
_entity.pdbx_fragment 
_entity.details 
1 polymer     man 'Coagulation factor IX'                                                      5710.229 3  3.4.21.22 ? ? ? 
2 branched    man 'alpha-D-xylopyranose-(1-3)-alpha-D-xylopyranose-(1-3)-beta-D-glucopyranose' 444.386  3  ?         ? ? ? 
3 non-polymer syn 'CALCIUM ION'                                                                40.078   3  ?         ? ? ? 
4 water       nat water                                                                        18.015   37 ?         ? ? ? 
# 
_entity_name_com.entity_id   1 
_entity_name_com.name        'Christmas factor,Plasma thromboplastin component,PTC' 
# 
_entity_poly.entity_id                      1 
_entity_poly.type                           'polypeptide(L)' 
_entity_poly.nstd_linkage                   no 
_entity_poly.nstd_monomer                   no 
_entity_poly.pdbx_seq_one_letter_code       MDIVDGDQCESNPCLNGGSCKDDINSYECWCPFGFEGKNCELLEHHHHHH 
_entity_poly.pdbx_seq_one_letter_code_can   MDIVDGDQCESNPCLNGGSCKDDINSYECWCPFGFEGKNCELLEHHHHHH 
_entity_poly.pdbx_strand_id                 B,A,C 
_entity_poly.pdbx_target_identifier         ? 
# 
loop_
_pdbx_entity_nonpoly.entity_id 
_pdbx_entity_nonpoly.name 
_pdbx_entity_nonpoly.comp_id 
3 'CALCIUM ION' CA  
4 water         HOH 
# 
loop_
_entity_poly_seq.entity_id 
_entity_poly_seq.num 
_entity_poly_seq.mon_id 
_entity_poly_seq.hetero 
1 1  MET n 
1 2  ASP n 
1 3  ILE n 
1 4  VAL n 
1 5  ASP n 
1 6  GLY n 
1 7  ASP n 
1 8  GLN n 
1 9  CYS n 
1 10 GLU n 
1 11 SER n 
1 12 ASN n 
1 13 PRO n 
1 14 CYS n 
1 15 LEU n 
1 16 ASN n 
1 17 GLY n 
1 18 GLY n 
1 19 SER n 
1 20 CYS n 
1 21 LYS n 
1 22 ASP n 
1 23 ASP n 
1 24 ILE n 
1 25 ASN n 
1 26 SER n 
1 27 TYR n 
1 28 GLU n 
1 29 CYS n 
1 30 TRP n 
1 31 CYS n 
1 32 PRO n 
1 33 PHE n 
1 34 GLY n 
1 35 PHE n 
1 36 GLU n 
1 37 GLY n 
1 38 LYS n 
1 39 ASN n 
1 40 CYS n 
1 41 GLU n 
1 42 LEU n 
1 43 LEU n 
1 44 GLU n 
1 45 HIS n 
1 46 HIS n 
1 47 HIS n 
1 48 HIS n 
1 49 HIS n 
1 50 HIS n 
# 
_entity_src_gen.entity_id                          1 
_entity_src_gen.pdbx_src_id                        1 
_entity_src_gen.pdbx_alt_source_flag               sample 
_entity_src_gen.pdbx_seq_type                      'Biological sequence' 
_entity_src_gen.pdbx_beg_seq_num                   1 
_entity_src_gen.pdbx_end_seq_num                   50 
_entity_src_gen.gene_src_common_name               Human 
_entity_src_gen.gene_src_genus                     ? 
_entity_src_gen.pdbx_gene_src_gene                 F9 
_entity_src_gen.gene_src_species                   ? 
_entity_src_gen.gene_src_strain                    ? 
_entity_src_gen.gene_src_tissue                    ? 
_entity_src_gen.gene_src_tissue_fraction           ? 
_entity_src_gen.gene_src_details                   ? 
_entity_src_gen.pdbx_gene_src_fragment             ? 
_entity_src_gen.pdbx_gene_src_scientific_name      'Homo sapiens' 
_entity_src_gen.pdbx_gene_src_ncbi_taxonomy_id     9606 
_entity_src_gen.pdbx_gene_src_variant              ? 
_entity_src_gen.pdbx_gene_src_cell_line            ? 
_entity_src_gen.pdbx_gene_src_atcc                 ? 
_entity_src_gen.pdbx_gene_src_organ                ? 
_entity_src_gen.pdbx_gene_src_organelle            ? 
_entity_src_gen.pdbx_gene_src_cell                 ? 
_entity_src_gen.pdbx_gene_src_cellular_location    ? 
_entity_src_gen.host_org_common_name               ? 
_entity_src_gen.pdbx_host_org_scientific_name      'Escherichia coli' 
_entity_src_gen.pdbx_host_org_ncbi_taxonomy_id     562 
_entity_src_gen.host_org_genus                     ? 
_entity_src_gen.pdbx_host_org_gene                 ? 
_entity_src_gen.pdbx_host_org_organ                ? 
_entity_src_gen.host_org_species                   ? 
_entity_src_gen.pdbx_host_org_tissue               ? 
_entity_src_gen.pdbx_host_org_tissue_fraction      ? 
_entity_src_gen.pdbx_host_org_strain               ? 
_entity_src_gen.pdbx_host_org_variant              ? 
_entity_src_gen.pdbx_host_org_cell_line            ? 
_entity_src_gen.pdbx_host_org_atcc                 ? 
_entity_src_gen.pdbx_host_org_culture_collection   ? 
_entity_src_gen.pdbx_host_org_cell                 ? 
_entity_src_gen.pdbx_host_org_organelle            ? 
_entity_src_gen.pdbx_host_org_cellular_location    ? 
_entity_src_gen.pdbx_host_org_vector_type          ? 
_entity_src_gen.pdbx_host_org_vector               ? 
_entity_src_gen.host_org_details                   ? 
_entity_src_gen.expression_system_id               ? 
_entity_src_gen.plasmid_name                       ? 
_entity_src_gen.plasmid_details                    ? 
_entity_src_gen.pdbx_description                   ? 
# 
_pdbx_entity_branch.entity_id   2 
_pdbx_entity_branch.type        oligosaccharide 
# 
loop_
_pdbx_entity_branch_descriptor.ordinal 
_pdbx_entity_branch_descriptor.entity_id 
_pdbx_entity_branch_descriptor.descriptor 
_pdbx_entity_branch_descriptor.type 
_pdbx_entity_branch_descriptor.program 
_pdbx_entity_branch_descriptor.program_version 
1 2 DXylpa1-3DXylpa1-3DGlcpb1-                                        'Glycam Condensed Sequence' GMML       1.0   
2 2 'WURCS=2.0/2,3,2/[a2122h-1b_1-5][a212h-1a_1-5]/1-2-2/a3-b1_b3-c1' WURCS                       PDB2Glycan 1.1.0 
3 2 '[]{[(3+1)][b-D-Glcp]{[(3+1)][a-D-Xylp]{[(3+1)][a-D-Xylp]{}}}}'   LINUCS                      PDB-CARE   ?     
# 
loop_
_pdbx_entity_branch_link.link_id 
_pdbx_entity_branch_link.entity_id 
_pdbx_entity_branch_link.entity_branch_list_num_1 
_pdbx_entity_branch_link.comp_id_1 
_pdbx_entity_branch_link.atom_id_1 
_pdbx_entity_branch_link.leaving_atom_id_1 
_pdbx_entity_branch_link.entity_branch_list_num_2 
_pdbx_entity_branch_link.comp_id_2 
_pdbx_entity_branch_link.atom_id_2 
_pdbx_entity_branch_link.leaving_atom_id_2 
_pdbx_entity_branch_link.value_order 
_pdbx_entity_branch_link.details 
1 2 2 XYS C1 O1 1 BGC O3 HO3 sing ? 
2 2 3 XYS C1 O1 2 XYS O3 HO3 sing ? 
# 
loop_
_chem_comp.id 
_chem_comp.type 
_chem_comp.mon_nstd_flag 
_chem_comp.name 
_chem_comp.pdbx_synonyms 
_chem_comp.formula 
_chem_comp.formula_weight 
ASN 'L-peptide linking'           y ASPARAGINE           ?                                                'C4 H8 N2 O3'    132.118 
ASP 'L-peptide linking'           y 'ASPARTIC ACID'      ?                                                'C4 H7 N O4'     133.103 
BGC 'D-saccharide, beta linking'  . beta-D-glucopyranose 'beta-D-glucose; D-glucose; glucose'             'C6 H12 O6'      180.156 
CA  non-polymer                   . 'CALCIUM ION'        ?                                                'Ca 2'           40.078  
CYS 'L-peptide linking'           y CYSTEINE             ?                                                'C3 H7 N O2 S'   121.158 
GLN 'L-peptide linking'           y GLUTAMINE            ?                                                'C5 H10 N2 O3'   146.144 
GLU 'L-peptide linking'           y 'GLUTAMIC ACID'      ?                                                'C5 H9 N O4'     147.129 
GLY 'peptide linking'             y GLYCINE              ?                                                'C2 H5 N O2'     75.067  
HIS 'L-peptide linking'           y HISTIDINE            ?                                                'C6 H10 N3 O2 1' 156.162 
HOH non-polymer                   . WATER                ?                                                'H2 O'           18.015  
ILE 'L-peptide linking'           y ISOLEUCINE           ?                                                'C6 H13 N O2'    131.173 
LEU 'L-peptide linking'           y LEUCINE              ?                                                'C6 H13 N O2'    131.173 
LYS 'L-peptide linking'           y LYSINE               ?                                                'C6 H15 N2 O2 1' 147.195 
MET 'L-peptide linking'           y METHIONINE           ?                                                'C5 H11 N O2 S'  149.211 
PHE 'L-peptide linking'           y PHENYLALANINE        ?                                                'C9 H11 N O2'    165.189 
PRO 'L-peptide linking'           y PROLINE              ?                                                'C5 H9 N O2'     115.130 
SER 'L-peptide linking'           y SERINE               ?                                                'C3 H7 N O3'     105.093 
TRP 'L-peptide linking'           y TRYPTOPHAN           ?                                                'C11 H12 N2 O2'  204.225 
TYR 'L-peptide linking'           y TYROSINE             ?                                                'C9 H11 N O3'    181.189 
VAL 'L-peptide linking'           y VALINE               ?                                                'C5 H11 N O2'    117.146 
XYS 'D-saccharide, alpha linking' . alpha-D-xylopyranose 'alpha-D-xylose; D-xylose; xylose; XYLOPYRANOSE' 'C5 H10 O5'      150.130 
# 
loop_
_pdbx_chem_comp_identifier.comp_id 
_pdbx_chem_comp_identifier.type 
_pdbx_chem_comp_identifier.program 
_pdbx_chem_comp_identifier.program_version 
_pdbx_chem_comp_identifier.identifier 
BGC 'CONDENSED IUPAC CARBOHYDRATE SYMBOL' GMML     1.0 DGlcpb            
BGC 'COMMON NAME'                         GMML     1.0 b-D-glucopyranose 
BGC 'IUPAC CARBOHYDRATE SYMBOL'           PDB-CARE 1.0 b-D-Glcp          
BGC 'SNFG CARBOHYDRATE SYMBOL'            GMML     1.0 Glc               
XYS 'CONDENSED IUPAC CARBOHYDRATE SYMBOL' GMML     1.0 DXylpa            
XYS 'COMMON NAME'                         GMML     1.0 a-D-xylopyranose  
XYS 'IUPAC CARBOHYDRATE SYMBOL'           PDB-CARE 1.0 a-D-Xylp          
XYS 'SNFG CARBOHYDRATE SYMBOL'            GMML     1.0 Xyl               
# 
loop_
_pdbx_poly_seq_scheme.asym_id 
_pdbx_poly_seq_scheme.entity_id 
_pdbx_poly_seq_scheme.seq_id 
_pdbx_poly_seq_scheme.mon_id 
_pdbx_poly_seq_scheme.ndb_seq_num 
_pdbx_poly_seq_scheme.pdb_seq_num 
_pdbx_poly_seq_scheme.auth_seq_num 
_pdbx_poly_seq_scheme.pdb_mon_id 
_pdbx_poly_seq_scheme.auth_mon_id 
_pdbx_poly_seq_scheme.pdb_strand_id 
_pdbx_poly_seq_scheme.pdb_ins_code 
_pdbx_poly_seq_scheme.hetero 
A 1 1  MET 1  43 43 MET MET B . n 
A 1 2  ASP 2  44 44 ASP ASP B . n 
A 1 3  ILE 3  45 45 ILE ILE B . n 
A 1 4  VAL 4  46 46 VAL VAL B . n 
A 1 5  ASP 5  47 47 ASP ASP B . n 
A 1 6  GLY 6  48 48 GLY GLY B . n 
A 1 7  ASP 7  49 49 ASP ASP B . n 
A 1 8  GLN 8  50 50 GLN GLN B . n 
A 1 9  CYS 9  51 51 CYS CYS B . n 
A 1 10 GLU 10 52 52 GLU GLU B . n 
A 1 11 SER 11 53 53 SER SER B . n 
A 1 12 ASN 12 54 54 ASN ASN B . n 
A 1 13 PRO 13 55 55 PRO PRO B . n 
A 1 14 CYS 14 56 56 CYS CYS B . n 
A 1 15 LEU 15 57 57 LEU LEU B . n 
A 1 16 ASN 16 58 58 ASN ASN B . n 
A 1 17 GLY 17 59 59 GLY GLY B . n 
A 1 18 GLY 18 60 60 GLY GLY B . n 
A 1 19 SER 19 61 61 SER SER B . n 
A 1 20 CYS 20 62 62 CYS CYS B . n 
A 1 21 LYS 21 63 63 LYS LYS B . n 
A 1 22 ASP 22 64 64 ASP ASP B . n 
A 1 23 ASP 23 65 65 ASP ASP B . n 
A 1 24 ILE 24 66 66 ILE ILE B . n 
A 1 25 ASN 25 67 67 ASN ASN B . n 
A 1 26 SER 26 68 68 SER SER B . n 
A 1 27 TYR 27 69 69 TYR TYR B . n 
A 1 28 GLU 28 70 70 GLU GLU B . n 
A 1 29 CYS 29 71 71 CYS CYS B . n 
A 1 30 TRP 30 72 72 TRP TRP B . n 
A 1 31 CYS 31 73 73 CYS CYS B . n 
A 1 32 PRO 32 74 74 PRO PRO B . n 
A 1 33 PHE 33 75 75 PHE PHE B . n 
A 1 34 GLY 34 76 76 GLY GLY B . n 
A 1 35 PHE 35 77 77 PHE PHE B . n 
A 1 36 GLU 36 78 78 GLU GLU B . n 
A 1 37 GLY 37 79 79 GLY GLY B . n 
A 1 38 LYS 38 80 80 LYS LYS B . n 
A 1 39 ASN 39 81 81 ASN ASN B . n 
A 1 40 CYS 40 82 82 CYS CYS B . n 
A 1 41 GLU 41 83 83 GLU GLU B . n 
A 1 42 LEU 42 84 84 LEU LEU B . n 
A 1 43 LEU 43 85 85 LEU LEU B . n 
A 1 44 GLU 44 86 ?  ?   ?   B . n 
A 1 45 HIS 45 87 ?  ?   ?   B . n 
A 1 46 HIS 46 88 ?  ?   ?   B . n 
A 1 47 HIS 47 89 ?  ?   ?   B . n 
A 1 48 HIS 48 90 ?  ?   ?   B . n 
A 1 49 HIS 49 91 ?  ?   ?   B . n 
A 1 50 HIS 50 92 ?  ?   ?   B . n 
B 1 1  MET 1  43 43 MET MET A . n 
B 1 2  ASP 2  44 44 ASP ASP A . n 
B 1 3  ILE 3  45 45 ILE ILE A . n 
B 1 4  VAL 4  46 46 VAL VAL A . n 
B 1 5  ASP 5  47 47 ASP ASP A . n 
B 1 6  GLY 6  48 48 GLY GLY A . n 
B 1 7  ASP 7  49 49 ASP ASP A . n 
B 1 8  GLN 8  50 50 GLN GLN A . n 
B 1 9  CYS 9  51 51 CYS CYS A . n 
B 1 10 GLU 10 52 52 GLU GLU A . n 
B 1 11 SER 11 53 53 SER SER A . n 
B 1 12 ASN 12 54 54 ASN ASN A . n 
B 1 13 PRO 13 55 55 PRO PRO A . n 
B 1 14 CYS 14 56 56 CYS CYS A . n 
B 1 15 LEU 15 57 57 LEU LEU A . n 
B 1 16 ASN 16 58 58 ASN ASN A . n 
B 1 17 GLY 17 59 59 GLY GLY A . n 
B 1 18 GLY 18 60 60 GLY GLY A . n 
B 1 19 SER 19 61 61 SER SER A . n 
B 1 20 CYS 20 62 62 CYS CYS A . n 
B 1 21 LYS 21 63 63 LYS LYS A . n 
B 1 22 ASP 22 64 64 ASP ASP A . n 
B 1 23 ASP 23 65 65 ASP ASP A . n 
B 1 24 ILE 24 66 66 ILE ILE A . n 
B 1 25 ASN 25 67 67 ASN ASN A . n 
B 1 26 SER 26 68 68 SER SER A . n 
B 1 27 TYR 27 69 69 TYR TYR A . n 
B 1 28 GLU 28 70 70 GLU GLU A . n 
B 1 29 CYS 29 71 71 CYS CYS A . n 
B 1 30 TRP 30 72 72 TRP TRP A . n 
B 1 31 CYS 31 73 73 CYS CYS A . n 
B 1 32 PRO 32 74 74 PRO PRO A . n 
B 1 33 PHE 33 75 75 PHE PHE A . n 
B 1 34 GLY 34 76 76 GLY GLY A . n 
B 1 35 PHE 35 77 77 PHE PHE A . n 
B 1 36 GLU 36 78 78 GLU GLU A . n 
B 1 37 GLY 37 79 79 GLY GLY A . n 
B 1 38 LYS 38 80 80 LYS LYS A . n 
B 1 39 ASN 39 81 81 ASN ASN A . n 
B 1 40 CYS 40 82 82 CYS CYS A . n 
B 1 41 GLU 41 83 83 GLU GLU A . n 
B 1 42 LEU 42 84 84 LEU LEU A . n 
B 1 43 LEU 43 85 85 LEU LEU A . n 
B 1 44 GLU 44 86 ?  ?   ?   A . n 
B 1 45 HIS 45 87 ?  ?   ?   A . n 
B 1 46 HIS 46 88 ?  ?   ?   A . n 
B 1 47 HIS 47 89 ?  ?   ?   A . n 
B 1 48 HIS 48 90 ?  ?   ?   A . n 
B 1 49 HIS 49 91 ?  ?   ?   A . n 
B 1 50 HIS 50 92 ?  ?   ?   A . n 
C 1 1  MET 1  43 ?  ?   ?   C . n 
C 1 2  ASP 2  44 44 ASP ASP C . n 
C 1 3  ILE 3  45 45 ILE ILE C . n 
C 1 4  VAL 4  46 46 VAL VAL C . n 
C 1 5  ASP 5  47 47 ASP ASP C . n 
C 1 6  GLY 6  48 48 GLY GLY C . n 
C 1 7  ASP 7  49 49 ASP ASP C . n 
C 1 8  GLN 8  50 50 GLN GLN C . n 
C 1 9  CYS 9  51 51 CYS CYS C . n 
C 1 10 GLU 10 52 52 GLU GLU C . n 
C 1 11 SER 11 53 53 SER SER C . n 
C 1 12 ASN 12 54 54 ASN ASN C . n 
C 1 13 PRO 13 55 55 PRO PRO C . n 
C 1 14 CYS 14 56 56 CYS CYS C . n 
C 1 15 LEU 15 57 57 LEU LEU C . n 
C 1 16 ASN 16 58 58 ASN ASN C . n 
C 1 17 GLY 17 59 59 GLY GLY C . n 
C 1 18 GLY 18 60 60 GLY GLY C . n 
C 1 19 SER 19 61 61 SER SER C . n 
C 1 20 CYS 20 62 62 CYS CYS C . n 
C 1 21 LYS 21 63 63 LYS LYS C . n 
C 1 22 ASP 22 64 64 ASP ASP C . n 
C 1 23 ASP 23 65 65 ASP ASP C . n 
C 1 24 ILE 24 66 66 ILE ILE C . n 
C 1 25 ASN 25 67 67 ASN ASN C . n 
C 1 26 SER 26 68 68 SER SER C . n 
C 1 27 TYR 27 69 69 TYR TYR C . n 
C 1 28 GLU 28 70 70 GLU GLU C . n 
C 1 29 CYS 29 71 71 CYS CYS C . n 
C 1 30 TRP 30 72 72 TRP TRP C . n 
C 1 31 CYS 31 73 73 CYS CYS C . n 
C 1 32 PRO 32 74 74 PRO PRO C . n 
C 1 33 PHE 33 75 75 PHE PHE C . n 
C 1 34 GLY 34 76 76 GLY GLY C . n 
C 1 35 PHE 35 77 77 PHE PHE C . n 
C 1 36 GLU 36 78 78 GLU GLU C . n 
C 1 37 GLY 37 79 79 GLY GLY C . n 
C 1 38 LYS 38 80 80 LYS LYS C . n 
C 1 39 ASN 39 81 81 ASN ASN C . n 
C 1 40 CYS 40 82 82 CYS CYS C . n 
C 1 41 GLU 41 83 83 GLU GLU C . n 
C 1 42 LEU 42 84 84 LEU LEU C . n 
C 1 43 LEU 43 85 85 LEU LEU C . n 
C 1 44 GLU 44 86 ?  ?   ?   C . n 
C 1 45 HIS 45 87 ?  ?   ?   C . n 
C 1 46 HIS 46 88 ?  ?   ?   C . n 
C 1 47 HIS 47 89 ?  ?   ?   C . n 
C 1 48 HIS 48 90 ?  ?   ?   C . n 
C 1 49 HIS 49 91 ?  ?   ?   C . n 
C 1 50 HIS 50 92 ?  ?   ?   C . n 
# 
loop_
_pdbx_branch_scheme.asym_id 
_pdbx_branch_scheme.entity_id 
_pdbx_branch_scheme.mon_id 
_pdbx_branch_scheme.num 
_pdbx_branch_scheme.pdb_asym_id 
_pdbx_branch_scheme.pdb_mon_id 
_pdbx_branch_scheme.pdb_seq_num 
_pdbx_branch_scheme.auth_asym_id 
_pdbx_branch_scheme.auth_mon_id 
_pdbx_branch_scheme.auth_seq_num 
_pdbx_branch_scheme.hetero 
D 2 BGC 1 D BGC 1 D GXX 2 n 
D 2 XYS 2 D XYS 2 D GXX 2 n 
D 2 XYS 3 D XYS 3 D GXX 2 n 
E 2 BGC 1 E BGC 1 D GXX 1 n 
E 2 XYS 2 E XYS 2 D GXX 1 n 
E 2 XYS 3 E XYS 3 D GXX 1 n 
F 2 BGC 1 F BGC 1 D GXX 3 n 
F 2 XYS 2 F XYS 2 D GXX 3 n 
F 2 XYS 3 F XYS 3 D GXX 3 n 
# 
loop_
_pdbx_nonpoly_scheme.asym_id 
_pdbx_nonpoly_scheme.entity_id 
_pdbx_nonpoly_scheme.mon_id 
_pdbx_nonpoly_scheme.ndb_seq_num 
_pdbx_nonpoly_scheme.pdb_seq_num 
_pdbx_nonpoly_scheme.auth_seq_num 
_pdbx_nonpoly_scheme.pdb_mon_id 
_pdbx_nonpoly_scheme.auth_mon_id 
_pdbx_nonpoly_scheme.pdb_strand_id 
_pdbx_nonpoly_scheme.pdb_ins_code 
G 3 CA  1  102 1  CA  CA  B . 
H 3 CA  1  103 3  CA  CA  B . 
I 3 CA  1  102 2  CA  CA  C . 
J 4 HOH 1  201 33 HOH HOH B . 
J 4 HOH 2  202 9  HOH HOH B . 
J 4 HOH 3  203 36 HOH HOH B . 
J 4 HOH 4  204 34 HOH HOH B . 
J 4 HOH 5  205 21 HOH HOH B . 
J 4 HOH 6  206 2  HOH HOH B . 
J 4 HOH 7  207 12 HOH HOH B . 
J 4 HOH 8  208 31 HOH HOH B . 
J 4 HOH 9  209 1  HOH HOH B . 
J 4 HOH 10 210 39 HOH HOH B . 
K 4 HOH 1  201 22 HOH HOH A . 
K 4 HOH 2  202 17 HOH HOH A . 
K 4 HOH 3  203 28 HOH HOH A . 
K 4 HOH 4  204 37 HOH HOH A . 
K 4 HOH 5  205 35 HOH HOH A . 
K 4 HOH 6  206 32 HOH HOH A . 
K 4 HOH 7  207 23 HOH HOH A . 
K 4 HOH 8  208 20 HOH HOH A . 
K 4 HOH 9  209 15 HOH HOH A . 
K 4 HOH 10 210 40 HOH HOH A . 
K 4 HOH 11 211 7  HOH HOH A . 
K 4 HOH 12 212 11 HOH HOH A . 
L 4 HOH 1  201 26 HOH HOH C . 
L 4 HOH 2  202 14 HOH HOH C . 
L 4 HOH 3  203 16 HOH HOH C . 
L 4 HOH 4  204 30 HOH HOH C . 
L 4 HOH 5  205 19 HOH HOH C . 
L 4 HOH 6  206 18 HOH HOH C . 
L 4 HOH 7  207 6  HOH HOH C . 
L 4 HOH 8  208 10 HOH HOH C . 
L 4 HOH 9  209 8  HOH HOH C . 
L 4 HOH 10 210 24 HOH HOH C . 
L 4 HOH 11 211 13 HOH HOH C . 
L 4 HOH 12 212 5  HOH HOH C . 
L 4 HOH 13 213 27 HOH HOH C . 
L 4 HOH 14 214 38 HOH HOH C . 
L 4 HOH 15 215 29 HOH HOH C . 
# 
loop_
_pdbx_unobs_or_zero_occ_atoms.id 
_pdbx_unobs_or_zero_occ_atoms.PDB_model_num 
_pdbx_unobs_or_zero_occ_atoms.polymer_flag 
_pdbx_unobs_or_zero_occ_atoms.occupancy_flag 
_pdbx_unobs_or_zero_occ_atoms.auth_asym_id 
_pdbx_unobs_or_zero_occ_atoms.auth_comp_id 
_pdbx_unobs_or_zero_occ_atoms.auth_seq_id 
_pdbx_unobs_or_zero_occ_atoms.PDB_ins_code 
_pdbx_unobs_or_zero_occ_atoms.auth_atom_id 
_pdbx_unobs_or_zero_occ_atoms.label_alt_id 
_pdbx_unobs_or_zero_occ_atoms.label_asym_id 
_pdbx_unobs_or_zero_occ_atoms.label_comp_id 
_pdbx_unobs_or_zero_occ_atoms.label_seq_id 
_pdbx_unobs_or_zero_occ_atoms.label_atom_id 
1  1 Y 1 B LEU 85 ? CG  ? A LEU 43 CG  
2  1 Y 1 B LEU 85 ? CD1 ? A LEU 43 CD1 
3  1 Y 1 B LEU 85 ? CD2 ? A LEU 43 CD2 
4  1 Y 1 A MET 43 ? CG  ? B MET 1  CG  
5  1 Y 1 A MET 43 ? SD  ? B MET 1  SD  
6  1 Y 1 A MET 43 ? CE  ? B MET 1  CE  
7  1 Y 1 A ASP 44 ? CG  ? B ASP 2  CG  
8  1 Y 1 A ASP 44 ? OD1 ? B ASP 2  OD1 
9  1 Y 1 A ASP 44 ? OD2 ? B ASP 2  OD2 
10 1 Y 1 A ILE 45 ? CG1 ? B ILE 3  CG1 
11 1 Y 1 A ILE 45 ? CG2 ? B ILE 3  CG2 
12 1 Y 1 A ILE 45 ? CD1 ? B ILE 3  CD1 
# 
loop_
_software.citation_id 
_software.classification 
_software.compiler_name 
_software.compiler_version 
_software.contact_author 
_software.contact_author_email 
_software.date 
_software.description 
_software.dependencies 
_software.hardware 
_software.language 
_software.location 
_software.mods 
_software.name 
_software.os 
_software.os_version 
_software.type 
_software.version 
_software.pdbx_ordinal 
? refinement       ? ? ? ? ? ? ? ? ? ? ? REFMAC ? ? ? 5.6.0117 1 
? 'data reduction' ? ? ? ? ? ? ? ? ? ? ? XDS    ? ? ? .        2 
? 'data scaling'   ? ? ? ? ? ? ? ? ? ? ? SCALA  ? ? ? .        3 
? phasing          ? ? ? ? ? ? ? ? ? ? ? MOLREP ? ? ? .        4 
# 
_cell.entry_id           5VYG 
_cell.length_a           92.417 
_cell.length_b           46.840 
_cell.length_c           37.259 
_cell.angle_alpha        90.00 
_cell.angle_beta         92.58 
_cell.angle_gamma        90.00 
_cell.Z_PDB              12 
_cell.pdbx_unique_axis   ? 
# 
_symmetry.entry_id                         5VYG 
_symmetry.space_group_name_H-M             'C 1 2 1' 
_symmetry.pdbx_full_space_group_name_H-M   ? 
_symmetry.cell_setting                     ? 
_symmetry.Int_Tables_number                5 
# 
_exptl.absorpt_coefficient_mu     ? 
_exptl.absorpt_correction_T_max   ? 
_exptl.absorpt_correction_T_min   ? 
_exptl.absorpt_correction_type    ? 
_exptl.absorpt_process_details    ? 
_exptl.entry_id                   5VYG 
_exptl.crystals_number            1 
_exptl.details                    ? 
_exptl.method                     'X-RAY DIFFRACTION' 
_exptl.method_details             ? 
# 
_exptl_crystal.colour                      ? 
_exptl_crystal.density_diffrn              ? 
_exptl_crystal.density_Matthews            2.35 
_exptl_crystal.density_method              ? 
_exptl_crystal.density_percent_sol         47.69 
_exptl_crystal.description                 ? 
_exptl_crystal.F_000                       ? 
_exptl_crystal.id                          1 
_exptl_crystal.preparation                 ? 
_exptl_crystal.size_max                    ? 
_exptl_crystal.size_mid                    ? 
_exptl_crystal.size_min                    ? 
_exptl_crystal.size_rad                    ? 
_exptl_crystal.colour_lustre               ? 
_exptl_crystal.colour_modifier             ? 
_exptl_crystal.colour_primary              ? 
_exptl_crystal.density_meas                ? 
_exptl_crystal.density_meas_esd            ? 
_exptl_crystal.density_meas_gt             ? 
_exptl_crystal.density_meas_lt             ? 
_exptl_crystal.density_meas_temp           ? 
_exptl_crystal.density_meas_temp_esd       ? 
_exptl_crystal.density_meas_temp_gt        ? 
_exptl_crystal.density_meas_temp_lt        ? 
_exptl_crystal.pdbx_crystal_image_url      ? 
_exptl_crystal.pdbx_crystal_image_format   ? 
_exptl_crystal.pdbx_mosaicity              ? 
_exptl_crystal.pdbx_mosaicity_esd          ? 
# 
_exptl_crystal_grow.apparatus       ? 
_exptl_crystal_grow.atmosphere      ? 
_exptl_crystal_grow.crystal_id      1 
_exptl_crystal_grow.details         ? 
_exptl_crystal_grow.method          'VAPOR DIFFUSION, HANGING DROP' 
_exptl_crystal_grow.method_ref      ? 
_exptl_crystal_grow.pH              ? 
_exptl_crystal_grow.pressure        ? 
_exptl_crystal_grow.pressure_esd    ? 
_exptl_crystal_grow.seeding         ? 
_exptl_crystal_grow.seeding_ref     ? 
_exptl_crystal_grow.temp            293 
_exptl_crystal_grow.temp_details    ? 
_exptl_crystal_grow.temp_esd        ? 
_exptl_crystal_grow.time            ? 
_exptl_crystal_grow.pdbx_details    '0.1 M Tris pH 8.5, 15% Glycerol, 1.6 M (NH4)2SO4, 5% 2,2,2-Trifluoroethanol' 
_exptl_crystal_grow.pdbx_pH_range   ? 
# 
_diffrn.ambient_environment    ? 
_diffrn.ambient_temp           100 
_diffrn.ambient_temp_details   ? 
_diffrn.ambient_temp_esd       ? 
_diffrn.crystal_id             1 
_diffrn.crystal_support        ? 
_diffrn.crystal_treatment      ? 
_diffrn.details                ? 
_diffrn.id                     1 
_diffrn.ambient_pressure       ? 
_diffrn.ambient_pressure_esd   ? 
_diffrn.ambient_pressure_gt    ? 
_diffrn.ambient_pressure_lt    ? 
_diffrn.ambient_temp_gt        ? 
_diffrn.ambient_temp_lt        ? 
# 
_diffrn_detector.details                      ? 
_diffrn_detector.detector                     CCD 
_diffrn_detector.diffrn_id                    1 
_diffrn_detector.type                         'RAYONIX MX225HE' 
_diffrn_detector.area_resol_mean              ? 
_diffrn_detector.dtime                        ? 
_diffrn_detector.pdbx_frames_total            ? 
_diffrn_detector.pdbx_collection_time_total   ? 
_diffrn_detector.pdbx_collection_date         2015-09-06 
# 
_diffrn_radiation.collimation                      ? 
_diffrn_radiation.diffrn_id                        1 
_diffrn_radiation.filter_edge                      ? 
_diffrn_radiation.inhomogeneity                    ? 
_diffrn_radiation.monochromator                    ? 
_diffrn_radiation.polarisn_norm                    ? 
_diffrn_radiation.polarisn_ratio                   ? 
_diffrn_radiation.probe                            ? 
_diffrn_radiation.type                             ? 
_diffrn_radiation.xray_symbol                      ? 
_diffrn_radiation.wavelength_id                    1 
_diffrn_radiation.pdbx_monochromatic_or_laue_m_l   M 
_diffrn_radiation.pdbx_wavelength_list             ? 
_diffrn_radiation.pdbx_wavelength                  ? 
_diffrn_radiation.pdbx_diffrn_protocol             'SINGLE WAVELENGTH' 
_diffrn_radiation.pdbx_analyzer                    ? 
_diffrn_radiation.pdbx_scattering_type             x-ray 
# 
_diffrn_radiation_wavelength.id           1 
_diffrn_radiation_wavelength.wavelength   0.9793 
_diffrn_radiation_wavelength.wt           1.0 
# 
_diffrn_source.current                     ? 
_diffrn_source.details                     ? 
_diffrn_source.diffrn_id                   1 
_diffrn_source.power                       ? 
_diffrn_source.size                        ? 
_diffrn_source.source                      SYNCHROTRON 
_diffrn_source.target                      ? 
_diffrn_source.type                        'APS BEAMLINE 31-ID' 
_diffrn_source.voltage                     ? 
_diffrn_source.take-off_angle              ? 
_diffrn_source.pdbx_wavelength_list        0.9793 
_diffrn_source.pdbx_wavelength             ? 
_diffrn_source.pdbx_synchrotron_beamline   31-ID 
_diffrn_source.pdbx_synchrotron_site       APS 
# 
_reflns.B_iso_Wilson_estimate            ? 
_reflns.entry_id                         5VYG 
_reflns.data_reduction_details           ? 
_reflns.data_reduction_method            ? 
_reflns.d_resolution_high                2.2 
_reflns.d_resolution_low                 50 
_reflns.details                          ? 
_reflns.limit_h_max                      ? 
_reflns.limit_h_min                      ? 
_reflns.limit_k_max                      ? 
_reflns.limit_k_min                      ? 
_reflns.limit_l_max                      ? 
_reflns.limit_l_min                      ? 
_reflns.number_all                       ? 
_reflns.number_obs                       7814 
_reflns.observed_criterion               ? 
_reflns.observed_criterion_F_max         ? 
_reflns.observed_criterion_F_min         ? 
_reflns.observed_criterion_I_max         ? 
_reflns.observed_criterion_I_min         ? 
_reflns.observed_criterion_sigma_F       ? 
_reflns.observed_criterion_sigma_I       ? 
_reflns.percent_possible_obs             99.8 
_reflns.R_free_details                   ? 
_reflns.Rmerge_F_all                     ? 
_reflns.Rmerge_F_obs                     ? 
_reflns.Friedel_coverage                 ? 
_reflns.number_gt                        ? 
_reflns.threshold_expression             ? 
_reflns.pdbx_redundancy                  7.5 
_reflns.pdbx_Rmerge_I_obs                0.104 
_reflns.pdbx_Rmerge_I_all                ? 
_reflns.pdbx_Rsym_value                  ? 
_reflns.pdbx_netI_over_av_sigmaI         ? 
_reflns.pdbx_netI_over_sigmaI            12.6 
_reflns.pdbx_res_netI_over_av_sigmaI_2   ? 
_reflns.pdbx_res_netI_over_sigmaI_2      ? 
_reflns.pdbx_chi_squared                 ? 
_reflns.pdbx_scaling_rejects             ? 
_reflns.pdbx_d_res_high_opt              ? 
_reflns.pdbx_d_res_low_opt               ? 
_reflns.pdbx_d_res_opt_method            ? 
_reflns.phase_calculation_details        ? 
_reflns.pdbx_Rrim_I_all                  ? 
_reflns.pdbx_Rpim_I_all                  ? 
_reflns.pdbx_d_opt                       ? 
_reflns.pdbx_number_measured_all         ? 
_reflns.pdbx_diffrn_id                   1 
_reflns.pdbx_ordinal                     1 
_reflns.pdbx_CC_half                     ? 
_reflns.pdbx_R_split                     ? 
# 
_reflns_shell.d_res_high                  2.2 
_reflns_shell.d_res_low                   2.32 
_reflns_shell.meanI_over_sigI_all         ? 
_reflns_shell.meanI_over_sigI_obs         4.5 
_reflns_shell.number_measured_all         ? 
_reflns_shell.number_measured_obs         ? 
_reflns_shell.number_possible             ? 
_reflns_shell.number_unique_all           ? 
_reflns_shell.number_unique_obs           1200 
_reflns_shell.percent_possible_all        100 
_reflns_shell.percent_possible_obs        ? 
_reflns_shell.Rmerge_F_all                ? 
_reflns_shell.Rmerge_F_obs                ? 
_reflns_shell.Rmerge_I_all                ? 
_reflns_shell.Rmerge_I_obs                0.515 
_reflns_shell.meanI_over_sigI_gt          ? 
_reflns_shell.meanI_over_uI_all           ? 
_reflns_shell.meanI_over_uI_gt            ? 
_reflns_shell.number_measured_gt          ? 
_reflns_shell.number_unique_gt            ? 
_reflns_shell.percent_possible_gt         ? 
_reflns_shell.Rmerge_F_gt                 ? 
_reflns_shell.Rmerge_I_gt                 ? 
_reflns_shell.pdbx_redundancy             ? 
_reflns_shell.pdbx_Rsym_value             ? 
_reflns_shell.pdbx_chi_squared            ? 
_reflns_shell.pdbx_netI_over_sigmaI_all   ? 
_reflns_shell.pdbx_netI_over_sigmaI_obs   ? 
_reflns_shell.pdbx_Rrim_I_all             ? 
_reflns_shell.pdbx_Rpim_I_all             ? 
_reflns_shell.pdbx_rejects                ? 
_reflns_shell.pdbx_ordinal                1 
_reflns_shell.pdbx_diffrn_id              1 
_reflns_shell.pdbx_CC_half                ? 
_reflns_shell.pdbx_R_split                ? 
# 
_refine.pdbx_refine_id                           'X-RAY DIFFRACTION' 
_refine.entry_id                                 5VYG 
_refine.pdbx_diffrn_id                           1 
_refine.pdbx_TLS_residual_ADP_flag               ? 
_refine.ls_number_reflns_obs                     7814 
_refine.ls_number_reflns_all                     ? 
_refine.pdbx_ls_sigma_I                          ? 
_refine.pdbx_ls_sigma_F                          ? 
_refine.pdbx_data_cutoff_high_absF               ? 
_refine.pdbx_data_cutoff_low_absF                ? 
_refine.pdbx_data_cutoff_high_rms_absF           ? 
_refine.ls_d_res_low                             46.16 
_refine.ls_d_res_high                            2.20 
_refine.ls_percent_reflns_obs                    99.82 
_refine.ls_R_factor_obs                          0.21448 
_refine.ls_R_factor_all                          ? 
_refine.ls_R_factor_R_work                       0.21233 
_refine.ls_R_factor_R_free                       0.25895 
_refine.ls_R_factor_R_free_error                 ? 
_refine.ls_R_factor_R_free_error_details         ? 
_refine.ls_percent_reflns_R_free                 4.6 
_refine.ls_number_reflns_R_free                  377 
_refine.ls_number_parameters                     ? 
_refine.ls_number_restraints                     ? 
_refine.occupancy_min                            ? 
_refine.occupancy_max                            ? 
_refine.correlation_coeff_Fo_to_Fc               0.939 
_refine.correlation_coeff_Fo_to_Fc_free          0.913 
_refine.B_iso_mean                               36.999 
_refine.aniso_B[1][1]                            -0.02 
_refine.aniso_B[2][2]                            -0.96 
_refine.aniso_B[3][3]                            0.96 
_refine.aniso_B[1][2]                            0.00 
_refine.aniso_B[1][3]                            -0.25 
_refine.aniso_B[2][3]                            0.00 
_refine.solvent_model_details                    MASK 
_refine.solvent_model_param_ksol                 ? 
_refine.solvent_model_param_bsol                 ? 
_refine.pdbx_solvent_vdw_probe_radii             1.20 
_refine.pdbx_solvent_ion_probe_radii             0.80 
_refine.pdbx_solvent_shrinkage_radii             0.80 
_refine.pdbx_ls_cross_valid_method               THROUGHOUT 
_refine.details                                  'HYDROGENS HAVE BEEN USED IF PRESENT IN THE INPUT' 
_refine.pdbx_starting_model                      1edm 
_refine.pdbx_method_to_determine_struct          'MOLECULAR REPLACEMENT' 
_refine.pdbx_isotropic_thermal_model             ? 
_refine.pdbx_stereochemistry_target_values       'MAXIMUM LIKELIHOOD' 
_refine.pdbx_stereochem_target_val_spec_case     ? 
_refine.pdbx_R_Free_selection_details            RANDOM 
_refine.pdbx_overall_ESU_R                       0.265 
_refine.pdbx_overall_ESU_R_Free                  0.216 
_refine.overall_SU_ML                            0.160 
_refine.pdbx_overall_phase_error                 ? 
_refine.overall_SU_B                             6.412 
_refine.overall_SU_R_Cruickshank_DPI             ? 
_refine.pdbx_overall_SU_R_free_Cruickshank_DPI   ? 
_refine.pdbx_overall_SU_R_Blow_DPI               ? 
_refine.pdbx_overall_SU_R_free_Blow_DPI          ? 
# 
_refine_hist.pdbx_refine_id                   'X-RAY DIFFRACTION' 
_refine_hist.cycle_id                         1 
_refine_hist.pdbx_number_atoms_protein        958 
_refine_hist.pdbx_number_atoms_nucleic_acid   0 
_refine_hist.pdbx_number_atoms_ligand         90 
_refine_hist.number_atoms_solvent             37 
_refine_hist.number_atoms_total               1085 
_refine_hist.d_res_high                       2.20 
_refine_hist.d_res_low                        46.16 
# 
loop_
_refine_ls_restr.type 
_refine_ls_restr.dev_ideal 
_refine_ls_restr.dev_ideal_target 
_refine_ls_restr.weight 
_refine_ls_restr.number 
_refine_ls_restr.pdbx_refine_id 
_refine_ls_restr.pdbx_restraint_function 
r_bond_refined_d             0.009  0.020  ? 1078 'X-RAY DIFFRACTION' ? 
r_bond_other_d               ?      ?      ? ?    'X-RAY DIFFRACTION' ? 
r_angle_refined_deg          1.490  2.048  ? 1469 'X-RAY DIFFRACTION' ? 
r_angle_other_deg            ?      ?      ? ?    'X-RAY DIFFRACTION' ? 
r_dihedral_angle_1_deg       6.362  5.000  ? 125  'X-RAY DIFFRACTION' ? 
r_dihedral_angle_2_deg       44.180 27.736 ? 53   'X-RAY DIFFRACTION' ? 
r_dihedral_angle_3_deg       17.405 15.000 ? 151  'X-RAY DIFFRACTION' ? 
r_dihedral_angle_4_deg       ?      ?      ? ?    'X-RAY DIFFRACTION' ? 
r_chiral_restr               0.083  0.200  ? 165  'X-RAY DIFFRACTION' ? 
r_gen_planes_refined         0.004  0.021  ? 784  'X-RAY DIFFRACTION' ? 
r_gen_planes_other           ?      ?      ? ?    'X-RAY DIFFRACTION' ? 
r_nbd_refined                ?      ?      ? ?    'X-RAY DIFFRACTION' ? 
r_nbd_other                  ?      ?      ? ?    'X-RAY DIFFRACTION' ? 
r_nbtor_refined              ?      ?      ? ?    'X-RAY DIFFRACTION' ? 
r_nbtor_other                ?      ?      ? ?    'X-RAY DIFFRACTION' ? 
r_xyhbond_nbd_refined        ?      ?      ? ?    'X-RAY DIFFRACTION' ? 
r_xyhbond_nbd_other          ?      ?      ? ?    'X-RAY DIFFRACTION' ? 
r_metal_ion_refined          ?      ?      ? ?    'X-RAY DIFFRACTION' ? 
r_metal_ion_other            ?      ?      ? ?    'X-RAY DIFFRACTION' ? 
r_symmetry_vdw_refined       ?      ?      ? ?    'X-RAY DIFFRACTION' ? 
r_symmetry_vdw_other         ?      ?      ? ?    'X-RAY DIFFRACTION' ? 
r_symmetry_hbond_refined     ?      ?      ? ?    'X-RAY DIFFRACTION' ? 
r_symmetry_hbond_other       ?      ?      ? ?    'X-RAY DIFFRACTION' ? 
r_symmetry_metal_ion_refined ?      ?      ? ?    'X-RAY DIFFRACTION' ? 
r_symmetry_metal_ion_other   ?      ?      ? ?    'X-RAY DIFFRACTION' ? 
r_mcbond_it                  ?      ?      ? ?    'X-RAY DIFFRACTION' ? 
r_mcbond_other               ?      ?      ? ?    'X-RAY DIFFRACTION' ? 
r_mcangle_it                 ?      ?      ? ?    'X-RAY DIFFRACTION' ? 
r_mcangle_other              ?      ?      ? ?    'X-RAY DIFFRACTION' ? 
r_scbond_it                  ?      ?      ? ?    'X-RAY DIFFRACTION' ? 
r_scbond_other               ?      ?      ? ?    'X-RAY DIFFRACTION' ? 
r_scangle_it                 ?      ?      ? ?    'X-RAY DIFFRACTION' ? 
r_scangle_other              ?      ?      ? ?    'X-RAY DIFFRACTION' ? 
r_long_range_B_refined       ?      ?      ? ?    'X-RAY DIFFRACTION' ? 
r_long_range_B_other         ?      ?      ? ?    'X-RAY DIFFRACTION' ? 
r_rigid_bond_restr           ?      ?      ? ?    'X-RAY DIFFRACTION' ? 
r_sphericity_free            ?      ?      ? ?    'X-RAY DIFFRACTION' ? 
r_sphericity_bonded          ?      ?      ? ?    'X-RAY DIFFRACTION' ? 
# 
_refine_ls_shell.pdbx_refine_id                   'X-RAY DIFFRACTION' 
_refine_ls_shell.pdbx_total_number_of_bins_used   20 
_refine_ls_shell.d_res_high                       2.200 
_refine_ls_shell.d_res_low                        2.257 
_refine_ls_shell.number_reflns_R_work             546 
_refine_ls_shell.R_factor_R_work                  0.260 
_refine_ls_shell.percent_reflns_obs               100.00 
_refine_ls_shell.R_factor_R_free                  0.332 
_refine_ls_shell.R_factor_R_free_error            ? 
_refine_ls_shell.percent_reflns_R_free            ? 
_refine_ls_shell.number_reflns_R_free             28 
_refine_ls_shell.number_reflns_all                ? 
_refine_ls_shell.R_factor_all                     ? 
_refine_ls_shell.R_factor_obs                     ? 
_refine_ls_shell.number_reflns_obs                ? 
# 
_struct.entry_id                     5VYG 
_struct.title                        'Crystal structure of hFA9 EGF repeat with O-glucose trisaccharide' 
_struct.pdbx_model_details           ? 
_struct.pdbx_formula_weight          ? 
_struct.pdbx_formula_weight_method   ? 
_struct.pdbx_model_type_details      ? 
_struct.pdbx_CASP_flag               N 
# 
_struct_keywords.entry_id        5VYG 
_struct_keywords.text            
'Notch regulation, EGF repeat, glycosylation, Transferase-Hydrolase complex, transferase, hydrolase' 
_struct_keywords.pdbx_keywords   'transferase, hydrolase' 
# 
loop_
_struct_asym.id 
_struct_asym.pdbx_blank_PDB_chainid_flag 
_struct_asym.pdbx_modified 
_struct_asym.entity_id 
_struct_asym.details 
A N N 1 ? 
B N N 1 ? 
C N N 1 ? 
D N N 2 ? 
E N N 2 ? 
F N N 2 ? 
G N N 3 ? 
H N N 3 ? 
I N N 3 ? 
J N N 4 ? 
K N N 4 ? 
L N N 4 ? 
# 
_struct_ref.id                         1 
_struct_ref.db_name                    UNP 
_struct_ref.db_code                    FA9_HUMAN 
_struct_ref.pdbx_db_accession          P00740 
_struct_ref.pdbx_db_isoform            ? 
_struct_ref.entity_id                  1 
_struct_ref.pdbx_seq_one_letter_code   VDGDQCESNPCLNGGSCKDDINSYECWCPFGFEGKNCEL 
_struct_ref.pdbx_align_begin           92 
# 
loop_
_struct_ref_seq.align_id 
_struct_ref_seq.ref_id 
_struct_ref_seq.pdbx_PDB_id_code 
_struct_ref_seq.pdbx_strand_id 
_struct_ref_seq.seq_align_beg 
_struct_ref_seq.pdbx_seq_align_beg_ins_code 
_struct_ref_seq.seq_align_end 
_struct_ref_seq.pdbx_seq_align_end_ins_code 
_struct_ref_seq.pdbx_db_accession 
_struct_ref_seq.db_align_beg 
_struct_ref_seq.pdbx_db_align_beg_ins_code 
_struct_ref_seq.db_align_end 
_struct_ref_seq.pdbx_db_align_end_ins_code 
_struct_ref_seq.pdbx_auth_seq_align_beg 
_struct_ref_seq.pdbx_auth_seq_align_end 
1 1 5VYG B 4 ? 42 ? P00740 92 ? 130 ? 46 84 
2 1 5VYG A 4 ? 42 ? P00740 92 ? 130 ? 46 84 
3 1 5VYG C 4 ? 42 ? P00740 92 ? 130 ? 46 84 
# 
loop_
_struct_ref_seq_dif.align_id 
_struct_ref_seq_dif.pdbx_pdb_id_code 
_struct_ref_seq_dif.mon_id 
_struct_ref_seq_dif.pdbx_pdb_strand_id 
_struct_ref_seq_dif.seq_num 
_struct_ref_seq_dif.pdbx_pdb_ins_code 
_struct_ref_seq_dif.pdbx_seq_db_name 
_struct_ref_seq_dif.pdbx_seq_db_accession_code 
_struct_ref_seq_dif.db_mon_id 
_struct_ref_seq_dif.pdbx_seq_db_seq_num 
_struct_ref_seq_dif.details 
_struct_ref_seq_dif.pdbx_auth_seq_num 
_struct_ref_seq_dif.pdbx_ordinal 
1 5VYG MET B 1  ? UNP P00740 ? ? 'initiating methionine' 43 1  
1 5VYG ASP B 2  ? UNP P00740 ? ? 'expression tag'        44 2  
1 5VYG ILE B 3  ? UNP P00740 ? ? 'expression tag'        45 3  
1 5VYG LEU B 43 ? UNP P00740 ? ? 'expression tag'        85 4  
1 5VYG GLU B 44 ? UNP P00740 ? ? 'expression tag'        86 5  
1 5VYG HIS B 45 ? UNP P00740 ? ? 'expression tag'        87 6  
1 5VYG HIS B 46 ? UNP P00740 ? ? 'expression tag'        88 7  
1 5VYG HIS B 47 ? UNP P00740 ? ? 'expression tag'        89 8  
1 5VYG HIS B 48 ? UNP P00740 ? ? 'expression tag'        90 9  
1 5VYG HIS B 49 ? UNP P00740 ? ? 'expression tag'        91 10 
1 5VYG HIS B 50 ? UNP P00740 ? ? 'expression tag'        92 11 
2 5VYG MET A 1  ? UNP P00740 ? ? 'initiating methionine' 43 12 
2 5VYG ASP A 2  ? UNP P00740 ? ? 'expression tag'        44 13 
2 5VYG ILE A 3  ? UNP P00740 ? ? 'expression tag'        45 14 
2 5VYG LEU A 43 ? UNP P00740 ? ? 'expression tag'        85 15 
2 5VYG GLU A 44 ? UNP P00740 ? ? 'expression tag'        86 16 
2 5VYG HIS A 45 ? UNP P00740 ? ? 'expression tag'        87 17 
2 5VYG HIS A 46 ? UNP P00740 ? ? 'expression tag'        88 18 
2 5VYG HIS A 47 ? UNP P00740 ? ? 'expression tag'        89 19 
2 5VYG HIS A 48 ? UNP P00740 ? ? 'expression tag'        90 20 
2 5VYG HIS A 49 ? UNP P00740 ? ? 'expression tag'        91 21 
2 5VYG HIS A 50 ? UNP P00740 ? ? 'expression tag'        92 22 
3 5VYG MET C 1  ? UNP P00740 ? ? 'initiating methionine' 43 23 
3 5VYG ASP C 2  ? UNP P00740 ? ? 'expression tag'        44 24 
3 5VYG ILE C 3  ? UNP P00740 ? ? 'expression tag'        45 25 
3 5VYG LEU C 43 ? UNP P00740 ? ? 'expression tag'        85 26 
3 5VYG GLU C 44 ? UNP P00740 ? ? 'expression tag'        86 27 
3 5VYG HIS C 45 ? UNP P00740 ? ? 'expression tag'        87 28 
3 5VYG HIS C 46 ? UNP P00740 ? ? 'expression tag'        88 29 
3 5VYG HIS C 47 ? UNP P00740 ? ? 'expression tag'        89 30 
3 5VYG HIS C 48 ? UNP P00740 ? ? 'expression tag'        90 31 
3 5VYG HIS C 49 ? UNP P00740 ? ? 'expression tag'        91 32 
3 5VYG HIS C 50 ? UNP P00740 ? ? 'expression tag'        92 33 
# 
loop_
_pdbx_struct_assembly.id 
_pdbx_struct_assembly.details 
_pdbx_struct_assembly.method_details 
_pdbx_struct_assembly.oligomeric_details 
_pdbx_struct_assembly.oligomeric_count 
1 author_and_software_defined_assembly PISA monomeric 1 
2 author_and_software_defined_assembly PISA monomeric 1 
3 author_and_software_defined_assembly PISA monomeric 1 
# 
loop_
_pdbx_struct_assembly_gen.assembly_id 
_pdbx_struct_assembly_gen.oper_expression 
_pdbx_struct_assembly_gen.asym_id_list 
1 1 A,D,G,H,J 
2 1 B,E,K     
3 1 C,F,I,L   
# 
_pdbx_struct_assembly_auth_evidence.id                     1 
_pdbx_struct_assembly_auth_evidence.assembly_id            1 
_pdbx_struct_assembly_auth_evidence.experimental_support   none 
_pdbx_struct_assembly_auth_evidence.details                ? 
# 
_pdbx_struct_oper_list.id                   1 
_pdbx_struct_oper_list.type                 'identity operation' 
_pdbx_struct_oper_list.name                 1_555 
_pdbx_struct_oper_list.symmetry_operation   x,y,z 
_pdbx_struct_oper_list.matrix[1][1]         1.0000000000 
_pdbx_struct_oper_list.matrix[1][2]         0.0000000000 
_pdbx_struct_oper_list.matrix[1][3]         0.0000000000 
_pdbx_struct_oper_list.vector[1]            0.0000000000 
_pdbx_struct_oper_list.matrix[2][1]         0.0000000000 
_pdbx_struct_oper_list.matrix[2][2]         1.0000000000 
_pdbx_struct_oper_list.matrix[2][3]         0.0000000000 
_pdbx_struct_oper_list.vector[2]            0.0000000000 
_pdbx_struct_oper_list.matrix[3][1]         0.0000000000 
_pdbx_struct_oper_list.matrix[3][2]         0.0000000000 
_pdbx_struct_oper_list.matrix[3][3]         1.0000000000 
_pdbx_struct_oper_list.vector[3]            0.0000000000 
# 
loop_
_struct_conn.id 
_struct_conn.conn_type_id 
_struct_conn.pdbx_leaving_atom_flag 
_struct_conn.pdbx_PDB_id 
_struct_conn.ptnr1_label_asym_id 
_struct_conn.ptnr1_label_comp_id 
_struct_conn.ptnr1_label_seq_id 
_struct_conn.ptnr1_label_atom_id 
_struct_conn.pdbx_ptnr1_label_alt_id 
_struct_conn.pdbx_ptnr1_PDB_ins_code 
_struct_conn.pdbx_ptnr1_standard_comp_id 
_struct_conn.ptnr1_symmetry 
_struct_conn.ptnr2_label_asym_id 
_struct_conn.ptnr2_label_comp_id 
_struct_conn.ptnr2_label_seq_id 
_struct_conn.ptnr2_label_atom_id 
_struct_conn.pdbx_ptnr2_label_alt_id 
_struct_conn.pdbx_ptnr2_PDB_ins_code 
_struct_conn.ptnr1_auth_asym_id 
_struct_conn.ptnr1_auth_comp_id 
_struct_conn.ptnr1_auth_seq_id 
_struct_conn.ptnr2_auth_asym_id 
_struct_conn.ptnr2_auth_comp_id 
_struct_conn.ptnr2_auth_seq_id 
_struct_conn.ptnr2_symmetry 
_struct_conn.pdbx_ptnr3_label_atom_id 
_struct_conn.pdbx_ptnr3_label_seq_id 
_struct_conn.pdbx_ptnr3_label_comp_id 
_struct_conn.pdbx_ptnr3_label_asym_id 
_struct_conn.pdbx_ptnr3_label_alt_id 
_struct_conn.pdbx_ptnr3_PDB_ins_code 
_struct_conn.details 
_struct_conn.pdbx_dist_value 
_struct_conn.pdbx_value_order 
_struct_conn.pdbx_role 
disulf1  disulf ?    ? A CYS 9  SG  ? ? ? 1_555 A CYS 20 SG  ? ? B CYS 51  B CYS 62  1_555 ? ? ? ? ? ? ? 2.063 ?    ? 
disulf2  disulf ?    ? A CYS 14 SG  ? ? ? 1_555 A CYS 29 SG  ? ? B CYS 56  B CYS 71  1_555 ? ? ? ? ? ? ? 2.027 ?    ? 
disulf3  disulf ?    ? A CYS 31 SG  ? ? ? 1_555 A CYS 40 SG  ? ? B CYS 73  B CYS 82  1_555 ? ? ? ? ? ? ? 2.072 ?    ? 
disulf4  disulf ?    ? B CYS 9  SG  ? ? ? 1_555 B CYS 20 SG  ? ? A CYS 51  A CYS 62  1_555 ? ? ? ? ? ? ? 2.068 ?    ? 
disulf5  disulf ?    ? B CYS 14 SG  ? ? ? 1_555 B CYS 29 SG  ? ? A CYS 56  A CYS 71  1_555 ? ? ? ? ? ? ? 2.035 ?    ? 
disulf6  disulf ?    ? B CYS 31 SG  ? ? ? 1_555 B CYS 40 SG  ? ? A CYS 73  A CYS 82  1_555 ? ? ? ? ? ? ? 2.083 ?    ? 
disulf7  disulf ?    ? C CYS 9  SG  ? ? ? 1_555 C CYS 20 SG  ? ? C CYS 51  C CYS 62  1_555 ? ? ? ? ? ? ? 2.074 ?    ? 
disulf8  disulf ?    ? C CYS 14 SG  ? ? ? 1_555 C CYS 29 SG  ? ? C CYS 56  C CYS 71  1_555 ? ? ? ? ? ? ? 2.029 ?    ? 
disulf9  disulf ?    ? C CYS 31 SG  ? ? ? 1_555 C CYS 40 SG  ? ? C CYS 73  C CYS 82  1_555 ? ? ? ? ? ? ? 2.085 ?    ? 
covale1  covale one  ? A SER 11 OG  ? ? ? 1_555 D BGC .  C1  ? ? B SER 53  D BGC 1   1_555 ? ? ? ? ? ? ? 1.207 ?    
O-Glycosylation 
covale2  covale one  ? B SER 11 OG  ? ? ? 1_555 E BGC .  C1  ? ? A SER 53  E BGC 1   1_555 ? ? ? ? ? ? ? 1.419 ?    
O-Glycosylation 
covale3  covale one  ? C SER 11 OG  ? ? ? 1_555 F BGC .  C1  ? ? C SER 53  F BGC 1   1_555 ? ? ? ? ? ? ? 1.303 ?    
O-Glycosylation 
covale4  covale both ? D BGC .  O3  ? ? ? 1_555 D XYS .  C1  ? ? D BGC 1   D XYS 2   1_555 ? ? ? ? ? ? ? 1.425 sing ? 
covale5  covale both ? D XYS .  O3  ? ? ? 1_555 D XYS .  C1  ? ? D XYS 2   D XYS 3   1_555 ? ? ? ? ? ? ? 1.430 sing ? 
covale6  covale both ? E BGC .  O3  ? ? ? 1_555 E XYS .  C1  ? ? E BGC 1   E XYS 2   1_555 ? ? ? ? ? ? ? 1.421 sing ? 
covale7  covale both ? E XYS .  O3  ? ? ? 1_555 E XYS .  C1  ? ? E XYS 2   E XYS 3   1_555 ? ? ? ? ? ? ? 1.408 sing ? 
covale8  covale both ? F BGC .  O3  ? ? ? 1_555 F XYS .  C1  ? ? F BGC 1   F XYS 2   1_555 ? ? ? ? ? ? ? 1.432 sing ? 
covale9  covale both ? F XYS .  O3  ? ? ? 1_555 F XYS .  C1  ? ? F XYS 2   F XYS 3   1_555 ? ? ? ? ? ? ? 1.430 sing ? 
metalc1  metalc ?    ? A ASP 5  OD2 ? ? ? 1_555 G CA  .  CA  ? ? B ASP 47  B CA  102 1_555 ? ? ? ? ? ? ? 2.589 ?    ? 
metalc2  metalc ?    ? A GLY 6  O   ? ? ? 1_555 G CA  .  CA  ? ? B GLY 48  B CA  102 1_555 ? ? ? ? ? ? ? 2.364 ?    ? 
metalc3  metalc ?    ? A GLN 8  OE1 ? ? ? 1_555 G CA  .  CA  ? ? B GLN 50  B CA  102 1_555 ? ? ? ? ? ? ? 2.438 ?    ? 
metalc4  metalc ?    ? A ASN 16 OD1 ? ? ? 1_555 H CA  .  CA  ? ? B ASN 58  B CA  103 1_555 ? ? ? ? ? ? ? 2.292 ?    ? 
metalc5  metalc ?    ? A ASP 22 OD1 ? ? ? 1_555 G CA  .  CA  ? ? B ASP 64  B CA  102 1_555 ? ? ? ? ? ? ? 2.504 ?    ? 
metalc6  metalc ?    ? A ASP 22 OD2 ? ? ? 1_555 G CA  .  CA  ? ? B ASP 64  B CA  102 1_555 ? ? ? ? ? ? ? 2.454 ?    ? 
metalc7  metalc ?    ? A ASP 23 O   ? ? ? 1_555 G CA  .  CA  ? ? B ASP 65  B CA  102 1_555 ? ? ? ? ? ? ? 2.300 ?    ? 
metalc8  metalc ?    ? G CA  .  CA  ? ? ? 1_555 C ASN 16 OD1 ? ? B CA  102 C ASN 58  1_555 ? ? ? ? ? ? ? 2.256 ?    ? 
metalc9  metalc ?    ? H CA  .  CA  ? ? ? 1_555 B ASP 5  OD1 ? ? B CA  103 A ASP 47  1_555 ? ? ? ? ? ? ? 2.684 ?    ? 
metalc10 metalc ?    ? H CA  .  CA  ? ? ? 1_555 B GLY 6  O   ? ? B CA  103 A GLY 48  1_555 ? ? ? ? ? ? ? 2.389 ?    ? 
metalc11 metalc ?    ? H CA  .  CA  ? ? ? 1_555 B GLN 8  OE1 ? ? B CA  103 A GLN 50  1_555 ? ? ? ? ? ? ? 2.341 ?    ? 
metalc12 metalc ?    ? H CA  .  CA  ? ? ? 1_555 B ASP 22 OD1 ? ? B CA  103 A ASP 64  1_555 ? ? ? ? ? ? ? 2.491 ?    ? 
metalc13 metalc ?    ? H CA  .  CA  ? ? ? 1_555 B ASP 22 OD2 ? ? B CA  103 A ASP 64  1_555 ? ? ? ? ? ? ? 2.500 ?    ? 
metalc14 metalc ?    ? H CA  .  CA  ? ? ? 1_555 B ASP 23 O   ? ? B CA  103 A ASP 65  1_555 ? ? ? ? ? ? ? 2.422 ?    ? 
metalc15 metalc ?    ? B ASN 16 OD1 ? ? ? 1_555 I CA  .  CA  ? ? A ASN 58  C CA  102 1_556 ? ? ? ? ? ? ? 2.395 ?    ? 
metalc16 metalc ?    ? C ASP 5  OD2 ? ? ? 1_555 I CA  .  CA  ? ? C ASP 47  C CA  102 1_555 ? ? ? ? ? ? ? 2.905 ?    ? 
metalc17 metalc ?    ? C GLY 6  O   ? ? ? 1_555 I CA  .  CA  ? ? C GLY 48  C CA  102 1_555 ? ? ? ? ? ? ? 2.398 ?    ? 
metalc18 metalc ?    ? C GLN 8  OE1 ? ? ? 1_555 I CA  .  CA  ? ? C GLN 50  C CA  102 1_555 ? ? ? ? ? ? ? 2.373 ?    ? 
metalc19 metalc ?    ? C ASP 22 OD1 ? ? ? 1_555 I CA  .  CA  ? ? C ASP 64  C CA  102 1_555 ? ? ? ? ? ? ? 2.487 ?    ? 
metalc20 metalc ?    ? C ASP 22 OD2 ? ? ? 1_555 I CA  .  CA  ? ? C ASP 64  C CA  102 1_555 ? ? ? ? ? ? ? 2.611 ?    ? 
metalc21 metalc ?    ? C ASP 23 O   ? ? ? 1_555 I CA  .  CA  ? ? C ASP 65  C CA  102 1_555 ? ? ? ? ? ? ? 2.342 ?    ? 
# 
loop_
_struct_conn_type.id 
_struct_conn_type.criteria 
_struct_conn_type.reference 
disulf ? ? 
covale ? ? 
metalc ? ? 
# 
loop_
_pdbx_struct_conn_angle.id 
_pdbx_struct_conn_angle.ptnr1_label_atom_id 
_pdbx_struct_conn_angle.ptnr1_label_alt_id 
_pdbx_struct_conn_angle.ptnr1_label_asym_id 
_pdbx_struct_conn_angle.ptnr1_label_comp_id 
_pdbx_struct_conn_angle.ptnr1_label_seq_id 
_pdbx_struct_conn_angle.ptnr1_auth_atom_id 
_pdbx_struct_conn_angle.ptnr1_auth_asym_id 
_pdbx_struct_conn_angle.ptnr1_auth_comp_id 
_pdbx_struct_conn_angle.ptnr1_auth_seq_id 
_pdbx_struct_conn_angle.ptnr1_PDB_ins_code 
_pdbx_struct_conn_angle.ptnr1_symmetry 
_pdbx_struct_conn_angle.ptnr2_label_atom_id 
_pdbx_struct_conn_angle.ptnr2_label_alt_id 
_pdbx_struct_conn_angle.ptnr2_label_asym_id 
_pdbx_struct_conn_angle.ptnr2_label_comp_id 
_pdbx_struct_conn_angle.ptnr2_label_seq_id 
_pdbx_struct_conn_angle.ptnr2_auth_atom_id 
_pdbx_struct_conn_angle.ptnr2_auth_asym_id 
_pdbx_struct_conn_angle.ptnr2_auth_comp_id 
_pdbx_struct_conn_angle.ptnr2_auth_seq_id 
_pdbx_struct_conn_angle.ptnr2_PDB_ins_code 
_pdbx_struct_conn_angle.ptnr2_symmetry 
_pdbx_struct_conn_angle.ptnr3_label_atom_id 
_pdbx_struct_conn_angle.ptnr3_label_alt_id 
_pdbx_struct_conn_angle.ptnr3_label_asym_id 
_pdbx_struct_conn_angle.ptnr3_label_comp_id 
_pdbx_struct_conn_angle.ptnr3_label_seq_id 
_pdbx_struct_conn_angle.ptnr3_auth_atom_id 
_pdbx_struct_conn_angle.ptnr3_auth_asym_id 
_pdbx_struct_conn_angle.ptnr3_auth_comp_id 
_pdbx_struct_conn_angle.ptnr3_auth_seq_id 
_pdbx_struct_conn_angle.ptnr3_PDB_ins_code 
_pdbx_struct_conn_angle.ptnr3_symmetry 
_pdbx_struct_conn_angle.value 
_pdbx_struct_conn_angle.value_esd 
1  OD2 ? A ASP 5  ? B ASP 47 ? 1_555 CA ? G CA . ? B CA 102 ? 1_555 O   ? A GLY 6  ? B GLY 48 ? 1_555 94.1  ? 
2  OD2 ? A ASP 5  ? B ASP 47 ? 1_555 CA ? G CA . ? B CA 102 ? 1_555 OE1 ? A GLN 8  ? B GLN 50 ? 1_555 77.8  ? 
3  O   ? A GLY 6  ? B GLY 48 ? 1_555 CA ? G CA . ? B CA 102 ? 1_555 OE1 ? A GLN 8  ? B GLN 50 ? 1_555 88.2  ? 
4  OD2 ? A ASP 5  ? B ASP 47 ? 1_555 CA ? G CA . ? B CA 102 ? 1_555 OD1 ? A ASP 22 ? B ASP 64 ? 1_555 150.0 ? 
5  O   ? A GLY 6  ? B GLY 48 ? 1_555 CA ? G CA . ? B CA 102 ? 1_555 OD1 ? A ASP 22 ? B ASP 64 ? 1_555 92.4  ? 
6  OE1 ? A GLN 8  ? B GLN 50 ? 1_555 CA ? G CA . ? B CA 102 ? 1_555 OD1 ? A ASP 22 ? B ASP 64 ? 1_555 73.2  ? 
7  OD2 ? A ASP 5  ? B ASP 47 ? 1_555 CA ? G CA . ? B CA 102 ? 1_555 OD2 ? A ASP 22 ? B ASP 64 ? 1_555 155.7 ? 
8  O   ? A GLY 6  ? B GLY 48 ? 1_555 CA ? G CA . ? B CA 102 ? 1_555 OD2 ? A ASP 22 ? B ASP 64 ? 1_555 91.4  ? 
9  OE1 ? A GLN 8  ? B GLN 50 ? 1_555 CA ? G CA . ? B CA 102 ? 1_555 OD2 ? A ASP 22 ? B ASP 64 ? 1_555 126.0 ? 
10 OD1 ? A ASP 22 ? B ASP 64 ? 1_555 CA ? G CA . ? B CA 102 ? 1_555 OD2 ? A ASP 22 ? B ASP 64 ? 1_555 52.9  ? 
11 OD2 ? A ASP 5  ? B ASP 47 ? 1_555 CA ? G CA . ? B CA 102 ? 1_555 O   ? A ASP 23 ? B ASP 65 ? 1_555 87.0  ? 
12 O   ? A GLY 6  ? B GLY 48 ? 1_555 CA ? G CA . ? B CA 102 ? 1_555 O   ? A ASP 23 ? B ASP 65 ? 1_555 173.0 ? 
13 OE1 ? A GLN 8  ? B GLN 50 ? 1_555 CA ? G CA . ? B CA 102 ? 1_555 O   ? A ASP 23 ? B ASP 65 ? 1_555 85.3  ? 
14 OD1 ? A ASP 22 ? B ASP 64 ? 1_555 CA ? G CA . ? B CA 102 ? 1_555 O   ? A ASP 23 ? B ASP 65 ? 1_555 83.3  ? 
15 OD2 ? A ASP 22 ? B ASP 64 ? 1_555 CA ? G CA . ? B CA 102 ? 1_555 O   ? A ASP 23 ? B ASP 65 ? 1_555 90.4  ? 
16 OD2 ? A ASP 5  ? B ASP 47 ? 1_555 CA ? G CA . ? B CA 102 ? 1_555 OD1 ? C ASN 16 ? C ASN 58 ? 1_555 75.8  ? 
17 O   ? A GLY 6  ? B GLY 48 ? 1_555 CA ? G CA . ? B CA 102 ? 1_555 OD1 ? C ASN 16 ? C ASN 58 ? 1_555 98.9  ? 
18 OE1 ? A GLN 8  ? B GLN 50 ? 1_555 CA ? G CA . ? B CA 102 ? 1_555 OD1 ? C ASN 16 ? C ASN 58 ? 1_555 153.0 ? 
19 OD1 ? A ASP 22 ? B ASP 64 ? 1_555 CA ? G CA . ? B CA 102 ? 1_555 OD1 ? C ASN 16 ? C ASN 58 ? 1_555 131.9 ? 
20 OD2 ? A ASP 22 ? B ASP 64 ? 1_555 CA ? G CA . ? B CA 102 ? 1_555 OD1 ? C ASN 16 ? C ASN 58 ? 1_555 80.0  ? 
21 O   ? A ASP 23 ? B ASP 65 ? 1_555 CA ? G CA . ? B CA 102 ? 1_555 OD1 ? C ASN 16 ? C ASN 58 ? 1_555 88.1  ? 
22 OD1 ? A ASN 16 ? B ASN 58 ? 1_555 CA ? H CA . ? B CA 103 ? 1_555 OD1 ? B ASP 5  ? A ASP 47 ? 1_555 71.7  ? 
23 OD1 ? A ASN 16 ? B ASN 58 ? 1_555 CA ? H CA . ? B CA 103 ? 1_555 O   ? B GLY 6  ? A GLY 48 ? 1_555 97.0  ? 
24 OD1 ? B ASP 5  ? A ASP 47 ? 1_555 CA ? H CA . ? B CA 103 ? 1_555 O   ? B GLY 6  ? A GLY 48 ? 1_555 91.6  ? 
25 OD1 ? A ASN 16 ? B ASN 58 ? 1_555 CA ? H CA . ? B CA 103 ? 1_555 OE1 ? B GLN 8  ? A GLN 50 ? 1_555 158.1 ? 
26 OD1 ? B ASP 5  ? A ASP 47 ? 1_555 CA ? H CA . ? B CA 103 ? 1_555 OE1 ? B GLN 8  ? A GLN 50 ? 1_555 86.4  ? 
27 O   ? B GLY 6  ? A GLY 48 ? 1_555 CA ? H CA . ? B CA 103 ? 1_555 OE1 ? B GLN 8  ? A GLN 50 ? 1_555 84.6  ? 
28 OD1 ? A ASN 16 ? B ASN 58 ? 1_555 CA ? H CA . ? B CA 103 ? 1_555 OD1 ? B ASP 22 ? A ASP 64 ? 1_555 128.5 ? 
29 OD1 ? B ASP 5  ? A ASP 47 ? 1_555 CA ? H CA . ? B CA 103 ? 1_555 OD1 ? B ASP 22 ? A ASP 64 ? 1_555 158.9 ? 
30 O   ? B GLY 6  ? A GLY 48 ? 1_555 CA ? H CA . ? B CA 103 ? 1_555 OD1 ? B ASP 22 ? A ASP 64 ? 1_555 91.7  ? 
31 OE1 ? B GLN 8  ? A GLN 50 ? 1_555 CA ? H CA . ? B CA 103 ? 1_555 OD1 ? B ASP 22 ? A ASP 64 ? 1_555 73.1  ? 
32 OD1 ? A ASN 16 ? B ASN 58 ? 1_555 CA ? H CA . ? B CA 103 ? 1_555 OD2 ? B ASP 22 ? A ASP 64 ? 1_555 76.3  ? 
33 OD1 ? B ASP 5  ? A ASP 47 ? 1_555 CA ? H CA . ? B CA 103 ? 1_555 OD2 ? B ASP 22 ? A ASP 64 ? 1_555 147.9 ? 
34 O   ? B GLY 6  ? A GLY 48 ? 1_555 CA ? H CA . ? B CA 103 ? 1_555 OD2 ? B ASP 22 ? A ASP 64 ? 1_555 95.2  ? 
35 OE1 ? B GLN 8  ? A GLN 50 ? 1_555 CA ? H CA . ? B CA 103 ? 1_555 OD2 ? B ASP 22 ? A ASP 64 ? 1_555 125.4 ? 
36 OD1 ? B ASP 22 ? A ASP 64 ? 1_555 CA ? H CA . ? B CA 103 ? 1_555 OD2 ? B ASP 22 ? A ASP 64 ? 1_555 52.3  ? 
37 OD1 ? A ASN 16 ? B ASN 58 ? 1_555 CA ? H CA . ? B CA 103 ? 1_555 O   ? B ASP 23 ? A ASP 65 ? 1_555 94.6  ? 
38 OD1 ? B ASP 5  ? A ASP 47 ? 1_555 CA ? H CA . ? B CA 103 ? 1_555 O   ? B ASP 23 ? A ASP 65 ? 1_555 87.5  ? 
39 O   ? B GLY 6  ? A GLY 48 ? 1_555 CA ? H CA . ? B CA 103 ? 1_555 O   ? B ASP 23 ? A ASP 65 ? 1_555 167.4 ? 
40 OE1 ? B GLN 8  ? A GLN 50 ? 1_555 CA ? H CA . ? B CA 103 ? 1_555 O   ? B ASP 23 ? A ASP 65 ? 1_555 82.8  ? 
41 OD1 ? B ASP 22 ? A ASP 64 ? 1_555 CA ? H CA . ? B CA 103 ? 1_555 O   ? B ASP 23 ? A ASP 65 ? 1_555 84.8  ? 
42 OD2 ? B ASP 22 ? A ASP 64 ? 1_555 CA ? H CA . ? B CA 103 ? 1_555 O   ? B ASP 23 ? A ASP 65 ? 1_555 92.2  ? 
43 OD1 ? B ASN 16 ? A ASN 58 ? 1_555 CA ? I CA . ? C CA 102 ? 1_556 OD2 ? C ASP 5  ? C ASP 47 ? 1_555 23.9  ? 
44 OD1 ? B ASN 16 ? A ASN 58 ? 1_555 CA ? I CA . ? C CA 102 ? 1_556 O   ? C GLY 6  ? C GLY 48 ? 1_555 22.8  ? 
45 OD2 ? C ASP 5  ? C ASP 47 ? 1_555 CA ? I CA . ? C CA 102 ? 1_556 O   ? C GLY 6  ? C GLY 48 ? 1_555 5.4   ? 
46 OD1 ? B ASN 16 ? A ASN 58 ? 1_555 CA ? I CA . ? C CA 102 ? 1_556 OE1 ? C GLN 8  ? C GLN 50 ? 1_555 26.9  ? 
47 OD2 ? C ASP 5  ? C ASP 47 ? 1_555 CA ? I CA . ? C CA 102 ? 1_556 OE1 ? C GLN 8  ? C GLN 50 ? 1_555 4.0   ? 
48 O   ? C GLY 6  ? C GLY 48 ? 1_555 CA ? I CA . ? C CA 102 ? 1_556 OE1 ? C GLN 8  ? C GLN 50 ? 1_555 5.1   ? 
49 OD1 ? B ASN 16 ? A ASN 58 ? 1_555 CA ? I CA . ? C CA 102 ? 1_556 OD1 ? C ASP 22 ? C ASP 64 ? 1_555 28.0  ? 
50 OD2 ? C ASP 5  ? C ASP 47 ? 1_555 CA ? I CA . ? C CA 102 ? 1_556 OD1 ? C ASP 22 ? C ASP 64 ? 1_555 7.8   ? 
51 O   ? C GLY 6  ? C GLY 48 ? 1_555 CA ? I CA . ? C CA 102 ? 1_556 OD1 ? C ASP 22 ? C ASP 64 ? 1_555 5.2   ? 
52 OE1 ? C GLN 8  ? C GLN 50 ? 1_555 CA ? I CA . ? C CA 102 ? 1_556 OD1 ? C ASP 22 ? C ASP 64 ? 1_555 4.3   ? 
53 OD1 ? B ASN 16 ? A ASN 58 ? 1_555 CA ? I CA . ? C CA 102 ? 1_556 OD2 ? C ASP 22 ? C ASP 64 ? 1_555 26.9  ? 
54 OD2 ? C ASP 5  ? C ASP 47 ? 1_555 CA ? I CA . ? C CA 102 ? 1_556 OD2 ? C ASP 22 ? C ASP 64 ? 1_555 7.9   ? 
55 O   ? C GLY 6  ? C GLY 48 ? 1_555 CA ? I CA . ? C CA 102 ? 1_556 OD2 ? C ASP 22 ? C ASP 64 ? 1_555 4.3   ? 
56 OE1 ? C GLN 8  ? C GLN 50 ? 1_555 CA ? I CA . ? C CA 102 ? 1_556 OD2 ? C ASP 22 ? C ASP 64 ? 1_555 5.0   ? 
57 OD1 ? C ASP 22 ? C ASP 64 ? 1_555 CA ? I CA . ? C CA 102 ? 1_556 OD2 ? C ASP 22 ? C ASP 64 ? 1_555 1.5   ? 
58 OD1 ? B ASN 16 ? A ASN 58 ? 1_555 CA ? I CA . ? C CA 102 ? 1_556 O   ? C ASP 23 ? C ASP 65 ? 1_555 28.4  ? 
59 OD2 ? C ASP 5  ? C ASP 47 ? 1_555 CA ? I CA . ? C CA 102 ? 1_556 O   ? C ASP 23 ? C ASP 65 ? 1_555 5.5   ? 
60 O   ? C GLY 6  ? C GLY 48 ? 1_555 CA ? I CA . ? C CA 102 ? 1_556 O   ? C ASP 23 ? C ASP 65 ? 1_555 6.2   ? 
61 OE1 ? C GLN 8  ? C GLN 50 ? 1_555 CA ? I CA . ? C CA 102 ? 1_556 O   ? C ASP 23 ? C ASP 65 ? 1_555 1.6   ? 
62 OD1 ? C ASP 22 ? C ASP 64 ? 1_555 CA ? I CA . ? C CA 102 ? 1_556 O   ? C ASP 23 ? C ASP 65 ? 1_555 3.8   ? 
63 OD2 ? C ASP 22 ? C ASP 64 ? 1_555 CA ? I CA . ? C CA 102 ? 1_556 O   ? C ASP 23 ? C ASP 65 ? 1_555 4.9   ? 
# 
loop_
_pdbx_modification_feature.ordinal 
_pdbx_modification_feature.label_comp_id 
_pdbx_modification_feature.label_asym_id 
_pdbx_modification_feature.label_seq_id 
_pdbx_modification_feature.label_alt_id 
_pdbx_modification_feature.modified_residue_label_comp_id 
_pdbx_modification_feature.modified_residue_label_asym_id 
_pdbx_modification_feature.modified_residue_label_seq_id 
_pdbx_modification_feature.modified_residue_label_alt_id 
_pdbx_modification_feature.auth_comp_id 
_pdbx_modification_feature.auth_asym_id 
_pdbx_modification_feature.auth_seq_id 
_pdbx_modification_feature.PDB_ins_code 
_pdbx_modification_feature.symmetry 
_pdbx_modification_feature.modified_residue_auth_comp_id 
_pdbx_modification_feature.modified_residue_auth_asym_id 
_pdbx_modification_feature.modified_residue_auth_seq_id 
_pdbx_modification_feature.modified_residue_PDB_ins_code 
_pdbx_modification_feature.modified_residue_symmetry 
_pdbx_modification_feature.comp_id_linking_atom 
_pdbx_modification_feature.modified_residue_id_linking_atom 
_pdbx_modification_feature.modified_residue_id 
_pdbx_modification_feature.ref_pcm_id 
_pdbx_modification_feature.ref_comp_id 
_pdbx_modification_feature.type 
_pdbx_modification_feature.category 
1  BGC D .  ? SER A 11 ? BGC D 1  ? 1_555 SER B 53 ? 1_555 C1 OG SER 3 BGC O-Glycosylation Carbohydrate       
2  BGC E .  ? SER B 11 ? BGC E 1  ? 1_555 SER A 53 ? 1_555 C1 OG SER 3 BGC O-Glycosylation Carbohydrate       
3  BGC F .  ? SER C 11 ? BGC F 1  ? 1_555 SER C 53 ? 1_555 C1 OG SER 3 BGC O-Glycosylation Carbohydrate       
4  CYS A 9  ? CYS A 20 ? CYS B 51 ? 1_555 CYS B 62 ? 1_555 SG SG .   . .   None            'Disulfide bridge' 
5  CYS A 14 ? CYS A 29 ? CYS B 56 ? 1_555 CYS B 71 ? 1_555 SG SG .   . .   None            'Disulfide bridge' 
6  CYS A 31 ? CYS A 40 ? CYS B 73 ? 1_555 CYS B 82 ? 1_555 SG SG .   . .   None            'Disulfide bridge' 
7  CYS B 9  ? CYS B 20 ? CYS A 51 ? 1_555 CYS A 62 ? 1_555 SG SG .   . .   None            'Disulfide bridge' 
8  CYS B 14 ? CYS B 29 ? CYS A 56 ? 1_555 CYS A 71 ? 1_555 SG SG .   . .   None            'Disulfide bridge' 
9  CYS B 31 ? CYS B 40 ? CYS A 73 ? 1_555 CYS A 82 ? 1_555 SG SG .   . .   None            'Disulfide bridge' 
10 CYS C 9  ? CYS C 20 ? CYS C 51 ? 1_555 CYS C 62 ? 1_555 SG SG .   . .   None            'Disulfide bridge' 
11 CYS C 14 ? CYS C 29 ? CYS C 56 ? 1_555 CYS C 71 ? 1_555 SG SG .   . .   None            'Disulfide bridge' 
12 CYS C 31 ? CYS C 40 ? CYS C 73 ? 1_555 CYS C 82 ? 1_555 SG SG .   . .   None            'Disulfide bridge' 
# 
loop_
_struct_sheet.id 
_struct_sheet.type 
_struct_sheet.number_strands 
_struct_sheet.details 
AA1 ? 2 ? 
AA2 ? 2 ? 
AA3 ? 2 ? 
# 
loop_
_struct_sheet_order.sheet_id 
_struct_sheet_order.range_id_1 
_struct_sheet_order.range_id_2 
_struct_sheet_order.offset 
_struct_sheet_order.sense 
AA1 1 2 ? anti-parallel 
AA2 1 2 ? anti-parallel 
AA3 1 2 ? anti-parallel 
# 
loop_
_struct_sheet_range.sheet_id 
_struct_sheet_range.id 
_struct_sheet_range.beg_label_comp_id 
_struct_sheet_range.beg_label_asym_id 
_struct_sheet_range.beg_label_seq_id 
_struct_sheet_range.pdbx_beg_PDB_ins_code 
_struct_sheet_range.end_label_comp_id 
_struct_sheet_range.end_label_asym_id 
_struct_sheet_range.end_label_seq_id 
_struct_sheet_range.pdbx_end_PDB_ins_code 
_struct_sheet_range.beg_auth_comp_id 
_struct_sheet_range.beg_auth_asym_id 
_struct_sheet_range.beg_auth_seq_id 
_struct_sheet_range.end_auth_comp_id 
_struct_sheet_range.end_auth_asym_id 
_struct_sheet_range.end_auth_seq_id 
AA1 1 SER A 19 ? ASP A 22 ? SER B 61 ASP B 64 
AA1 2 TYR A 27 ? TRP A 30 ? TYR B 69 TRP B 72 
AA2 1 SER B 19 ? ASP B 23 ? SER A 61 ASP A 65 
AA2 2 SER B 26 ? TRP B 30 ? SER A 68 TRP A 72 
AA3 1 SER C 19 ? ASP C 23 ? SER C 61 ASP C 65 
AA3 2 SER C 26 ? TRP C 30 ? SER C 68 TRP C 72 
# 
loop_
_pdbx_struct_sheet_hbond.sheet_id 
_pdbx_struct_sheet_hbond.range_id_1 
_pdbx_struct_sheet_hbond.range_id_2 
_pdbx_struct_sheet_hbond.range_1_label_atom_id 
_pdbx_struct_sheet_hbond.range_1_label_comp_id 
_pdbx_struct_sheet_hbond.range_1_label_asym_id 
_pdbx_struct_sheet_hbond.range_1_label_seq_id 
_pdbx_struct_sheet_hbond.range_1_PDB_ins_code 
_pdbx_struct_sheet_hbond.range_1_auth_atom_id 
_pdbx_struct_sheet_hbond.range_1_auth_comp_id 
_pdbx_struct_sheet_hbond.range_1_auth_asym_id 
_pdbx_struct_sheet_hbond.range_1_auth_seq_id 
_pdbx_struct_sheet_hbond.range_2_label_atom_id 
_pdbx_struct_sheet_hbond.range_2_label_comp_id 
_pdbx_struct_sheet_hbond.range_2_label_asym_id 
_pdbx_struct_sheet_hbond.range_2_label_seq_id 
_pdbx_struct_sheet_hbond.range_2_PDB_ins_code 
_pdbx_struct_sheet_hbond.range_2_auth_atom_id 
_pdbx_struct_sheet_hbond.range_2_auth_comp_id 
_pdbx_struct_sheet_hbond.range_2_auth_asym_id 
_pdbx_struct_sheet_hbond.range_2_auth_seq_id 
AA1 1 2 N SER A 19 ? N SER B 61 O TRP A 30 ? O TRP B 72 
AA2 1 2 N SER B 19 ? N SER A 61 O TRP B 30 ? O TRP A 72 
AA3 1 2 N SER C 19 ? N SER C 61 O TRP C 30 ? O TRP C 72 
# 
_pdbx_entry_details.entry_id                   5VYG 
_pdbx_entry_details.compound_details           ? 
_pdbx_entry_details.source_details             ? 
_pdbx_entry_details.nonpolymer_details         ? 
_pdbx_entry_details.sequence_details           ? 
_pdbx_entry_details.has_ligand_of_interest     ? 
_pdbx_entry_details.has_protein_modification   Y 
# 
loop_
_pdbx_validate_close_contact.id 
_pdbx_validate_close_contact.PDB_model_num 
_pdbx_validate_close_contact.auth_atom_id_1 
_pdbx_validate_close_contact.auth_asym_id_1 
_pdbx_validate_close_contact.auth_comp_id_1 
_pdbx_validate_close_contact.auth_seq_id_1 
_pdbx_validate_close_contact.PDB_ins_code_1 
_pdbx_validate_close_contact.label_alt_id_1 
_pdbx_validate_close_contact.auth_atom_id_2 
_pdbx_validate_close_contact.auth_asym_id_2 
_pdbx_validate_close_contact.auth_comp_id_2 
_pdbx_validate_close_contact.auth_seq_id_2 
_pdbx_validate_close_contact.PDB_ins_code_2 
_pdbx_validate_close_contact.label_alt_id_2 
_pdbx_validate_close_contact.dist 
1 1 OG A SER 53 ? ? O5 E BGC 1 ? ? 1.75 
2 1 OG B SER 53 ? ? O5 D BGC 1 ? ? 2.00 
# 
loop_
_pdbx_validate_torsion.id 
_pdbx_validate_torsion.PDB_model_num 
_pdbx_validate_torsion.auth_comp_id 
_pdbx_validate_torsion.auth_asym_id 
_pdbx_validate_torsion.auth_seq_id 
_pdbx_validate_torsion.PDB_ins_code 
_pdbx_validate_torsion.label_alt_id 
_pdbx_validate_torsion.phi 
_pdbx_validate_torsion.psi 
1 1 SER A 68 ? ? 179.64 170.95 
2 1 PHE C 75 ? ? -36.92 123.93 
# 
loop_
_pdbx_unobs_or_zero_occ_residues.id 
_pdbx_unobs_or_zero_occ_residues.PDB_model_num 
_pdbx_unobs_or_zero_occ_residues.polymer_flag 
_pdbx_unobs_or_zero_occ_residues.occupancy_flag 
_pdbx_unobs_or_zero_occ_residues.auth_asym_id 
_pdbx_unobs_or_zero_occ_residues.auth_comp_id 
_pdbx_unobs_or_zero_occ_residues.auth_seq_id 
_pdbx_unobs_or_zero_occ_residues.PDB_ins_code 
_pdbx_unobs_or_zero_occ_residues.label_asym_id 
_pdbx_unobs_or_zero_occ_residues.label_comp_id 
_pdbx_unobs_or_zero_occ_residues.label_seq_id 
1  1 Y 1 B GLU 86 ? A GLU 44 
2  1 Y 1 B HIS 87 ? A HIS 45 
3  1 Y 1 B HIS 88 ? A HIS 46 
4  1 Y 1 B HIS 89 ? A HIS 47 
5  1 Y 1 B HIS 90 ? A HIS 48 
6  1 Y 1 B HIS 91 ? A HIS 49 
7  1 Y 1 B HIS 92 ? A HIS 50 
8  1 Y 1 A GLU 86 ? B GLU 44 
9  1 Y 1 A HIS 87 ? B HIS 45 
10 1 Y 1 A HIS 88 ? B HIS 46 
11 1 Y 1 A HIS 89 ? B HIS 47 
12 1 Y 1 A HIS 90 ? B HIS 48 
13 1 Y 1 A HIS 91 ? B HIS 49 
14 1 Y 1 A HIS 92 ? B HIS 50 
15 1 Y 1 C MET 43 ? C MET 1  
16 1 Y 1 C GLU 86 ? C GLU 44 
17 1 Y 1 C HIS 87 ? C HIS 45 
18 1 Y 1 C HIS 88 ? C HIS 46 
19 1 Y 1 C HIS 89 ? C HIS 47 
20 1 Y 1 C HIS 90 ? C HIS 48 
21 1 Y 1 C HIS 91 ? C HIS 49 
22 1 Y 1 C HIS 92 ? C HIS 50 
# 
loop_
_chem_comp_atom.comp_id 
_chem_comp_atom.atom_id 
_chem_comp_atom.type_symbol 
_chem_comp_atom.pdbx_aromatic_flag 
_chem_comp_atom.pdbx_stereo_config 
_chem_comp_atom.pdbx_ordinal 
ASN N    N  N N 1   
ASN CA   C  N S 2   
ASN C    C  N N 3   
ASN O    O  N N 4   
ASN CB   C  N N 5   
ASN CG   C  N N 6   
ASN OD1  O  N N 7   
ASN ND2  N  N N 8   
ASN OXT  O  N N 9   
ASN H    H  N N 10  
ASN H2   H  N N 11  
ASN HA   H  N N 12  
ASN HB2  H  N N 13  
ASN HB3  H  N N 14  
ASN HD21 H  N N 15  
ASN HD22 H  N N 16  
ASN HXT  H  N N 17  
ASP N    N  N N 18  
ASP CA   C  N S 19  
ASP C    C  N N 20  
ASP O    O  N N 21  
ASP CB   C  N N 22  
ASP CG   C  N N 23  
ASP OD1  O  N N 24  
ASP OD2  O  N N 25  
ASP OXT  O  N N 26  
ASP H    H  N N 27  
ASP H2   H  N N 28  
ASP HA   H  N N 29  
ASP HB2  H  N N 30  
ASP HB3  H  N N 31  
ASP HD2  H  N N 32  
ASP HXT  H  N N 33  
BGC C2   C  N R 34  
BGC C3   C  N S 35  
BGC C4   C  N S 36  
BGC C5   C  N R 37  
BGC C6   C  N N 38  
BGC C1   C  N R 39  
BGC O1   O  N N 40  
BGC O2   O  N N 41  
BGC O3   O  N N 42  
BGC O4   O  N N 43  
BGC O5   O  N N 44  
BGC O6   O  N N 45  
BGC H2   H  N N 46  
BGC H3   H  N N 47  
BGC H4   H  N N 48  
BGC H5   H  N N 49  
BGC H61  H  N N 50  
BGC H62  H  N N 51  
BGC H1   H  N N 52  
BGC HO1  H  N N 53  
BGC HO2  H  N N 54  
BGC HO3  H  N N 55  
BGC HO4  H  N N 56  
BGC HO6  H  N N 57  
CA  CA   CA N N 58  
CYS N    N  N N 59  
CYS CA   C  N R 60  
CYS C    C  N N 61  
CYS O    O  N N 62  
CYS CB   C  N N 63  
CYS SG   S  N N 64  
CYS OXT  O  N N 65  
CYS H    H  N N 66  
CYS H2   H  N N 67  
CYS HA   H  N N 68  
CYS HB2  H  N N 69  
CYS HB3  H  N N 70  
CYS HG   H  N N 71  
CYS HXT  H  N N 72  
GLN N    N  N N 73  
GLN CA   C  N S 74  
GLN C    C  N N 75  
GLN O    O  N N 76  
GLN CB   C  N N 77  
GLN CG   C  N N 78  
GLN CD   C  N N 79  
GLN OE1  O  N N 80  
GLN NE2  N  N N 81  
GLN OXT  O  N N 82  
GLN H    H  N N 83  
GLN H2   H  N N 84  
GLN HA   H  N N 85  
GLN HB2  H  N N 86  
GLN HB3  H  N N 87  
GLN HG2  H  N N 88  
GLN HG3  H  N N 89  
GLN HE21 H  N N 90  
GLN HE22 H  N N 91  
GLN HXT  H  N N 92  
GLU N    N  N N 93  
GLU CA   C  N S 94  
GLU C    C  N N 95  
GLU O    O  N N 96  
GLU CB   C  N N 97  
GLU CG   C  N N 98  
GLU CD   C  N N 99  
GLU OE1  O  N N 100 
GLU OE2  O  N N 101 
GLU OXT  O  N N 102 
GLU H    H  N N 103 
GLU H2   H  N N 104 
GLU HA   H  N N 105 
GLU HB2  H  N N 106 
GLU HB3  H  N N 107 
GLU HG2  H  N N 108 
GLU HG3  H  N N 109 
GLU HE2  H  N N 110 
GLU HXT  H  N N 111 
GLY N    N  N N 112 
GLY CA   C  N N 113 
GLY C    C  N N 114 
GLY O    O  N N 115 
GLY OXT  O  N N 116 
GLY H    H  N N 117 
GLY H2   H  N N 118 
GLY HA2  H  N N 119 
GLY HA3  H  N N 120 
GLY HXT  H  N N 121 
HIS N    N  N N 122 
HIS CA   C  N S 123 
HIS C    C  N N 124 
HIS O    O  N N 125 
HIS CB   C  N N 126 
HIS CG   C  Y N 127 
HIS ND1  N  Y N 128 
HIS CD2  C  Y N 129 
HIS CE1  C  Y N 130 
HIS NE2  N  Y N 131 
HIS OXT  O  N N 132 
HIS H    H  N N 133 
HIS H2   H  N N 134 
HIS HA   H  N N 135 
HIS HB2  H  N N 136 
HIS HB3  H  N N 137 
HIS HD1  H  N N 138 
HIS HD2  H  N N 139 
HIS HE1  H  N N 140 
HIS HE2  H  N N 141 
HIS HXT  H  N N 142 
HOH O    O  N N 143 
HOH H1   H  N N 144 
HOH H2   H  N N 145 
ILE N    N  N N 146 
ILE CA   C  N S 147 
ILE C    C  N N 148 
ILE O    O  N N 149 
ILE CB   C  N S 150 
ILE CG1  C  N N 151 
ILE CG2  C  N N 152 
ILE CD1  C  N N 153 
ILE OXT  O  N N 154 
ILE H    H  N N 155 
ILE H2   H  N N 156 
ILE HA   H  N N 157 
ILE HB   H  N N 158 
ILE HG12 H  N N 159 
ILE HG13 H  N N 160 
ILE HG21 H  N N 161 
ILE HG22 H  N N 162 
ILE HG23 H  N N 163 
ILE HD11 H  N N 164 
ILE HD12 H  N N 165 
ILE HD13 H  N N 166 
ILE HXT  H  N N 167 
LEU N    N  N N 168 
LEU CA   C  N S 169 
LEU C    C  N N 170 
LEU O    O  N N 171 
LEU CB   C  N N 172 
LEU CG   C  N N 173 
LEU CD1  C  N N 174 
LEU CD2  C  N N 175 
LEU OXT  O  N N 176 
LEU H    H  N N 177 
LEU H2   H  N N 178 
LEU HA   H  N N 179 
LEU HB2  H  N N 180 
LEU HB3  H  N N 181 
LEU HG   H  N N 182 
LEU HD11 H  N N 183 
LEU HD12 H  N N 184 
LEU HD13 H  N N 185 
LEU HD21 H  N N 186 
LEU HD22 H  N N 187 
LEU HD23 H  N N 188 
LEU HXT  H  N N 189 
LYS N    N  N N 190 
LYS CA   C  N S 191 
LYS C    C  N N 192 
LYS O    O  N N 193 
LYS CB   C  N N 194 
LYS CG   C  N N 195 
LYS CD   C  N N 196 
LYS CE   C  N N 197 
LYS NZ   N  N N 198 
LYS OXT  O  N N 199 
LYS H    H  N N 200 
LYS H2   H  N N 201 
LYS HA   H  N N 202 
LYS HB2  H  N N 203 
LYS HB3  H  N N 204 
LYS HG2  H  N N 205 
LYS HG3  H  N N 206 
LYS HD2  H  N N 207 
LYS HD3  H  N N 208 
LYS HE2  H  N N 209 
LYS HE3  H  N N 210 
LYS HZ1  H  N N 211 
LYS HZ2  H  N N 212 
LYS HZ3  H  N N 213 
LYS HXT  H  N N 214 
MET N    N  N N 215 
MET CA   C  N S 216 
MET C    C  N N 217 
MET O    O  N N 218 
MET CB   C  N N 219 
MET CG   C  N N 220 
MET SD   S  N N 221 
MET CE   C  N N 222 
MET OXT  O  N N 223 
MET H    H  N N 224 
MET H2   H  N N 225 
MET HA   H  N N 226 
MET HB2  H  N N 227 
MET HB3  H  N N 228 
MET HG2  H  N N 229 
MET HG3  H  N N 230 
MET HE1  H  N N 231 
MET HE2  H  N N 232 
MET HE3  H  N N 233 
MET HXT  H  N N 234 
PHE N    N  N N 235 
PHE CA   C  N S 236 
PHE C    C  N N 237 
PHE O    O  N N 238 
PHE CB   C  N N 239 
PHE CG   C  Y N 240 
PHE CD1  C  Y N 241 
PHE CD2  C  Y N 242 
PHE CE1  C  Y N 243 
PHE CE2  C  Y N 244 
PHE CZ   C  Y N 245 
PHE OXT  O  N N 246 
PHE H    H  N N 247 
PHE H2   H  N N 248 
PHE HA   H  N N 249 
PHE HB2  H  N N 250 
PHE HB3  H  N N 251 
PHE HD1  H  N N 252 
PHE HD2  H  N N 253 
PHE HE1  H  N N 254 
PHE HE2  H  N N 255 
PHE HZ   H  N N 256 
PHE HXT  H  N N 257 
PRO N    N  N N 258 
PRO CA   C  N S 259 
PRO C    C  N N 260 
PRO O    O  N N 261 
PRO CB   C  N N 262 
PRO CG   C  N N 263 
PRO CD   C  N N 264 
PRO OXT  O  N N 265 
PRO H    H  N N 266 
PRO HA   H  N N 267 
PRO HB2  H  N N 268 
PRO HB3  H  N N 269 
PRO HG2  H  N N 270 
PRO HG3  H  N N 271 
PRO HD2  H  N N 272 
PRO HD3  H  N N 273 
PRO HXT  H  N N 274 
SER N    N  N N 275 
SER CA   C  N S 276 
SER C    C  N N 277 
SER O    O  N N 278 
SER CB   C  N N 279 
SER OG   O  N N 280 
SER OXT  O  N N 281 
SER H    H  N N 282 
SER H2   H  N N 283 
SER HA   H  N N 284 
SER HB2  H  N N 285 
SER HB3  H  N N 286 
SER HG   H  N N 287 
SER HXT  H  N N 288 
TRP N    N  N N 289 
TRP CA   C  N S 290 
TRP C    C  N N 291 
TRP O    O  N N 292 
TRP CB   C  N N 293 
TRP CG   C  Y N 294 
TRP CD1  C  Y N 295 
TRP CD2  C  Y N 296 
TRP NE1  N  Y N 297 
TRP CE2  C  Y N 298 
TRP CE3  C  Y N 299 
TRP CZ2  C  Y N 300 
TRP CZ3  C  Y N 301 
TRP CH2  C  Y N 302 
TRP OXT  O  N N 303 
TRP H    H  N N 304 
TRP H2   H  N N 305 
TRP HA   H  N N 306 
TRP HB2  H  N N 307 
TRP HB3  H  N N 308 
TRP HD1  H  N N 309 
TRP HE1  H  N N 310 
TRP HE3  H  N N 311 
TRP HZ2  H  N N 312 
TRP HZ3  H  N N 313 
TRP HH2  H  N N 314 
TRP HXT  H  N N 315 
TYR N    N  N N 316 
TYR CA   C  N S 317 
TYR C    C  N N 318 
TYR O    O  N N 319 
TYR CB   C  N N 320 
TYR CG   C  Y N 321 
TYR CD1  C  Y N 322 
TYR CD2  C  Y N 323 
TYR CE1  C  Y N 324 
TYR CE2  C  Y N 325 
TYR CZ   C  Y N 326 
TYR OH   O  N N 327 
TYR OXT  O  N N 328 
TYR H    H  N N 329 
TYR H2   H  N N 330 
TYR HA   H  N N 331 
TYR HB2  H  N N 332 
TYR HB3  H  N N 333 
TYR HD1  H  N N 334 
TYR HD2  H  N N 335 
TYR HE1  H  N N 336 
TYR HE2  H  N N 337 
TYR HH   H  N N 338 
TYR HXT  H  N N 339 
VAL N    N  N N 340 
VAL CA   C  N S 341 
VAL C    C  N N 342 
VAL O    O  N N 343 
VAL CB   C  N N 344 
VAL CG1  C  N N 345 
VAL CG2  C  N N 346 
VAL OXT  O  N N 347 
VAL H    H  N N 348 
VAL H2   H  N N 349 
VAL HA   H  N N 350 
VAL HB   H  N N 351 
VAL HG11 H  N N 352 
VAL HG12 H  N N 353 
VAL HG13 H  N N 354 
VAL HG21 H  N N 355 
VAL HG22 H  N N 356 
VAL HG23 H  N N 357 
VAL HXT  H  N N 358 
XYS C1   C  N S 359 
XYS C2   C  N R 360 
XYS C3   C  N S 361 
XYS C4   C  N R 362 
XYS C5   C  N N 363 
XYS O1   O  N N 364 
XYS O2   O  N N 365 
XYS O3   O  N N 366 
XYS O4   O  N N 367 
XYS O5   O  N N 368 
XYS H1   H  N N 369 
XYS H2   H  N N 370 
XYS H3   H  N N 371 
XYS H4   H  N N 372 
XYS H51  H  N N 373 
XYS H52  H  N N 374 
XYS HO1  H  N N 375 
XYS HO2  H  N N 376 
XYS HO3  H  N N 377 
XYS HO4  H  N N 378 
# 
loop_
_chem_comp_bond.comp_id 
_chem_comp_bond.atom_id_1 
_chem_comp_bond.atom_id_2 
_chem_comp_bond.value_order 
_chem_comp_bond.pdbx_aromatic_flag 
_chem_comp_bond.pdbx_stereo_config 
_chem_comp_bond.pdbx_ordinal 
ASN N   CA   sing N N 1   
ASN N   H    sing N N 2   
ASN N   H2   sing N N 3   
ASN CA  C    sing N N 4   
ASN CA  CB   sing N N 5   
ASN CA  HA   sing N N 6   
ASN C   O    doub N N 7   
ASN C   OXT  sing N N 8   
ASN CB  CG   sing N N 9   
ASN CB  HB2  sing N N 10  
ASN CB  HB3  sing N N 11  
ASN CG  OD1  doub N N 12  
ASN CG  ND2  sing N N 13  
ASN ND2 HD21 sing N N 14  
ASN ND2 HD22 sing N N 15  
ASN OXT HXT  sing N N 16  
ASP N   CA   sing N N 17  
ASP N   H    sing N N 18  
ASP N   H2   sing N N 19  
ASP CA  C    sing N N 20  
ASP CA  CB   sing N N 21  
ASP CA  HA   sing N N 22  
ASP C   O    doub N N 23  
ASP C   OXT  sing N N 24  
ASP CB  CG   sing N N 25  
ASP CB  HB2  sing N N 26  
ASP CB  HB3  sing N N 27  
ASP CG  OD1  doub N N 28  
ASP CG  OD2  sing N N 29  
ASP OD2 HD2  sing N N 30  
ASP OXT HXT  sing N N 31  
BGC C2  C3   sing N N 32  
BGC C2  C1   sing N N 33  
BGC C2  O2   sing N N 34  
BGC C2  H2   sing N N 35  
BGC C3  C4   sing N N 36  
BGC C3  O3   sing N N 37  
BGC C3  H3   sing N N 38  
BGC C4  C5   sing N N 39  
BGC C4  O4   sing N N 40  
BGC C4  H4   sing N N 41  
BGC C5  C6   sing N N 42  
BGC C5  O5   sing N N 43  
BGC C5  H5   sing N N 44  
BGC C6  O6   sing N N 45  
BGC C6  H61  sing N N 46  
BGC C6  H62  sing N N 47  
BGC C1  O1   sing N N 48  
BGC C1  O5   sing N N 49  
BGC C1  H1   sing N N 50  
BGC O1  HO1  sing N N 51  
BGC O2  HO2  sing N N 52  
BGC O3  HO3  sing N N 53  
BGC O4  HO4  sing N N 54  
BGC O6  HO6  sing N N 55  
CYS N   CA   sing N N 56  
CYS N   H    sing N N 57  
CYS N   H2   sing N N 58  
CYS CA  C    sing N N 59  
CYS CA  CB   sing N N 60  
CYS CA  HA   sing N N 61  
CYS C   O    doub N N 62  
CYS C   OXT  sing N N 63  
CYS CB  SG   sing N N 64  
CYS CB  HB2  sing N N 65  
CYS CB  HB3  sing N N 66  
CYS SG  HG   sing N N 67  
CYS OXT HXT  sing N N 68  
GLN N   CA   sing N N 69  
GLN N   H    sing N N 70  
GLN N   H2   sing N N 71  
GLN CA  C    sing N N 72  
GLN CA  CB   sing N N 73  
GLN CA  HA   sing N N 74  
GLN C   O    doub N N 75  
GLN C   OXT  sing N N 76  
GLN CB  CG   sing N N 77  
GLN CB  HB2  sing N N 78  
GLN CB  HB3  sing N N 79  
GLN CG  CD   sing N N 80  
GLN CG  HG2  sing N N 81  
GLN CG  HG3  sing N N 82  
GLN CD  OE1  doub N N 83  
GLN CD  NE2  sing N N 84  
GLN NE2 HE21 sing N N 85  
GLN NE2 HE22 sing N N 86  
GLN OXT HXT  sing N N 87  
GLU N   CA   sing N N 88  
GLU N   H    sing N N 89  
GLU N   H2   sing N N 90  
GLU CA  C    sing N N 91  
GLU CA  CB   sing N N 92  
GLU CA  HA   sing N N 93  
GLU C   O    doub N N 94  
GLU C   OXT  sing N N 95  
GLU CB  CG   sing N N 96  
GLU CB  HB2  sing N N 97  
GLU CB  HB3  sing N N 98  
GLU CG  CD   sing N N 99  
GLU CG  HG2  sing N N 100 
GLU CG  HG3  sing N N 101 
GLU CD  OE1  doub N N 102 
GLU CD  OE2  sing N N 103 
GLU OE2 HE2  sing N N 104 
GLU OXT HXT  sing N N 105 
GLY N   CA   sing N N 106 
GLY N   H    sing N N 107 
GLY N   H2   sing N N 108 
GLY CA  C    sing N N 109 
GLY CA  HA2  sing N N 110 
GLY CA  HA3  sing N N 111 
GLY C   O    doub N N 112 
GLY C   OXT  sing N N 113 
GLY OXT HXT  sing N N 114 
HIS N   CA   sing N N 115 
HIS N   H    sing N N 116 
HIS N   H2   sing N N 117 
HIS CA  C    sing N N 118 
HIS CA  CB   sing N N 119 
HIS CA  HA   sing N N 120 
HIS C   O    doub N N 121 
HIS C   OXT  sing N N 122 
HIS CB  CG   sing N N 123 
HIS CB  HB2  sing N N 124 
HIS CB  HB3  sing N N 125 
HIS CG  ND1  sing Y N 126 
HIS CG  CD2  doub Y N 127 
HIS ND1 CE1  doub Y N 128 
HIS ND1 HD1  sing N N 129 
HIS CD2 NE2  sing Y N 130 
HIS CD2 HD2  sing N N 131 
HIS CE1 NE2  sing Y N 132 
HIS CE1 HE1  sing N N 133 
HIS NE2 HE2  sing N N 134 
HIS OXT HXT  sing N N 135 
HOH O   H1   sing N N 136 
HOH O   H2   sing N N 137 
ILE N   CA   sing N N 138 
ILE N   H    sing N N 139 
ILE N   H2   sing N N 140 
ILE CA  C    sing N N 141 
ILE CA  CB   sing N N 142 
ILE CA  HA   sing N N 143 
ILE C   O    doub N N 144 
ILE C   OXT  sing N N 145 
ILE CB  CG1  sing N N 146 
ILE CB  CG2  sing N N 147 
ILE CB  HB   sing N N 148 
ILE CG1 CD1  sing N N 149 
ILE CG1 HG12 sing N N 150 
ILE CG1 HG13 sing N N 151 
ILE CG2 HG21 sing N N 152 
ILE CG2 HG22 sing N N 153 
ILE CG2 HG23 sing N N 154 
ILE CD1 HD11 sing N N 155 
ILE CD1 HD12 sing N N 156 
ILE CD1 HD13 sing N N 157 
ILE OXT HXT  sing N N 158 
LEU N   CA   sing N N 159 
LEU N   H    sing N N 160 
LEU N   H2   sing N N 161 
LEU CA  C    sing N N 162 
LEU CA  CB   sing N N 163 
LEU CA  HA   sing N N 164 
LEU C   O    doub N N 165 
LEU C   OXT  sing N N 166 
LEU CB  CG   sing N N 167 
LEU CB  HB2  sing N N 168 
LEU CB  HB3  sing N N 169 
LEU CG  CD1  sing N N 170 
LEU CG  CD2  sing N N 171 
LEU CG  HG   sing N N 172 
LEU CD1 HD11 sing N N 173 
LEU CD1 HD12 sing N N 174 
LEU CD1 HD13 sing N N 175 
LEU CD2 HD21 sing N N 176 
LEU CD2 HD22 sing N N 177 
LEU CD2 HD23 sing N N 178 
LEU OXT HXT  sing N N 179 
LYS N   CA   sing N N 180 
LYS N   H    sing N N 181 
LYS N   H2   sing N N 182 
LYS CA  C    sing N N 183 
LYS CA  CB   sing N N 184 
LYS CA  HA   sing N N 185 
LYS C   O    doub N N 186 
LYS C   OXT  sing N N 187 
LYS CB  CG   sing N N 188 
LYS CB  HB2  sing N N 189 
LYS CB  HB3  sing N N 190 
LYS CG  CD   sing N N 191 
LYS CG  HG2  sing N N 192 
LYS CG  HG3  sing N N 193 
LYS CD  CE   sing N N 194 
LYS CD  HD2  sing N N 195 
LYS CD  HD3  sing N N 196 
LYS CE  NZ   sing N N 197 
LYS CE  HE2  sing N N 198 
LYS CE  HE3  sing N N 199 
LYS NZ  HZ1  sing N N 200 
LYS NZ  HZ2  sing N N 201 
LYS NZ  HZ3  sing N N 202 
LYS OXT HXT  sing N N 203 
MET N   CA   sing N N 204 
MET N   H    sing N N 205 
MET N   H2   sing N N 206 
MET CA  C    sing N N 207 
MET CA  CB   sing N N 208 
MET CA  HA   sing N N 209 
MET C   O    doub N N 210 
MET C   OXT  sing N N 211 
MET CB  CG   sing N N 212 
MET CB  HB2  sing N N 213 
MET CB  HB3  sing N N 214 
MET CG  SD   sing N N 215 
MET CG  HG2  sing N N 216 
MET CG  HG3  sing N N 217 
MET SD  CE   sing N N 218 
MET CE  HE1  sing N N 219 
MET CE  HE2  sing N N 220 
MET CE  HE3  sing N N 221 
MET OXT HXT  sing N N 222 
PHE N   CA   sing N N 223 
PHE N   H    sing N N 224 
PHE N   H2   sing N N 225 
PHE CA  C    sing N N 226 
PHE CA  CB   sing N N 227 
PHE CA  HA   sing N N 228 
PHE C   O    doub N N 229 
PHE C   OXT  sing N N 230 
PHE CB  CG   sing N N 231 
PHE CB  HB2  sing N N 232 
PHE CB  HB3  sing N N 233 
PHE CG  CD1  doub Y N 234 
PHE CG  CD2  sing Y N 235 
PHE CD1 CE1  sing Y N 236 
PHE CD1 HD1  sing N N 237 
PHE CD2 CE2  doub Y N 238 
PHE CD2 HD2  sing N N 239 
PHE CE1 CZ   doub Y N 240 
PHE CE1 HE1  sing N N 241 
PHE CE2 CZ   sing Y N 242 
PHE CE2 HE2  sing N N 243 
PHE CZ  HZ   sing N N 244 
PHE OXT HXT  sing N N 245 
PRO N   CA   sing N N 246 
PRO N   CD   sing N N 247 
PRO N   H    sing N N 248 
PRO CA  C    sing N N 249 
PRO CA  CB   sing N N 250 
PRO CA  HA   sing N N 251 
PRO C   O    doub N N 252 
PRO C   OXT  sing N N 253 
PRO CB  CG   sing N N 254 
PRO CB  HB2  sing N N 255 
PRO CB  HB3  sing N N 256 
PRO CG  CD   sing N N 257 
PRO CG  HG2  sing N N 258 
PRO CG  HG3  sing N N 259 
PRO CD  HD2  sing N N 260 
PRO CD  HD3  sing N N 261 
PRO OXT HXT  sing N N 262 
SER N   CA   sing N N 263 
SER N   H    sing N N 264 
SER N   H2   sing N N 265 
SER CA  C    sing N N 266 
SER CA  CB   sing N N 267 
SER CA  HA   sing N N 268 
SER C   O    doub N N 269 
SER C   OXT  sing N N 270 
SER CB  OG   sing N N 271 
SER CB  HB2  sing N N 272 
SER CB  HB3  sing N N 273 
SER OG  HG   sing N N 274 
SER OXT HXT  sing N N 275 
TRP N   CA   sing N N 276 
TRP N   H    sing N N 277 
TRP N   H2   sing N N 278 
TRP CA  C    sing N N 279 
TRP CA  CB   sing N N 280 
TRP CA  HA   sing N N 281 
TRP C   O    doub N N 282 
TRP C   OXT  sing N N 283 
TRP CB  CG   sing N N 284 
TRP CB  HB2  sing N N 285 
TRP CB  HB3  sing N N 286 
TRP CG  CD1  doub Y N 287 
TRP CG  CD2  sing Y N 288 
TRP CD1 NE1  sing Y N 289 
TRP CD1 HD1  sing N N 290 
TRP CD2 CE2  doub Y N 291 
TRP CD2 CE3  sing Y N 292 
TRP NE1 CE2  sing Y N 293 
TRP NE1 HE1  sing N N 294 
TRP CE2 CZ2  sing Y N 295 
TRP CE3 CZ3  doub Y N 296 
TRP CE3 HE3  sing N N 297 
TRP CZ2 CH2  doub Y N 298 
TRP CZ2 HZ2  sing N N 299 
TRP CZ3 CH2  sing Y N 300 
TRP CZ3 HZ3  sing N N 301 
TRP CH2 HH2  sing N N 302 
TRP OXT HXT  sing N N 303 
TYR N   CA   sing N N 304 
TYR N   H    sing N N 305 
TYR N   H2   sing N N 306 
TYR CA  C    sing N N 307 
TYR CA  CB   sing N N 308 
TYR CA  HA   sing N N 309 
TYR C   O    doub N N 310 
TYR C   OXT  sing N N 311 
TYR CB  CG   sing N N 312 
TYR CB  HB2  sing N N 313 
TYR CB  HB3  sing N N 314 
TYR CG  CD1  doub Y N 315 
TYR CG  CD2  sing Y N 316 
TYR CD1 CE1  sing Y N 317 
TYR CD1 HD1  sing N N 318 
TYR CD2 CE2  doub Y N 319 
TYR CD2 HD2  sing N N 320 
TYR CE1 CZ   doub Y N 321 
TYR CE1 HE1  sing N N 322 
TYR CE2 CZ   sing Y N 323 
TYR CE2 HE2  sing N N 324 
TYR CZ  OH   sing N N 325 
TYR OH  HH   sing N N 326 
TYR OXT HXT  sing N N 327 
VAL N   CA   sing N N 328 
VAL N   H    sing N N 329 
VAL N   H2   sing N N 330 
VAL CA  C    sing N N 331 
VAL CA  CB   sing N N 332 
VAL CA  HA   sing N N 333 
VAL C   O    doub N N 334 
VAL C   OXT  sing N N 335 
VAL CB  CG1  sing N N 336 
VAL CB  CG2  sing N N 337 
VAL CB  HB   sing N N 338 
VAL CG1 HG11 sing N N 339 
VAL CG1 HG12 sing N N 340 
VAL CG1 HG13 sing N N 341 
VAL CG2 HG21 sing N N 342 
VAL CG2 HG22 sing N N 343 
VAL CG2 HG23 sing N N 344 
VAL OXT HXT  sing N N 345 
XYS C1  C2   sing N N 346 
XYS C1  O1   sing N N 347 
XYS C1  O5   sing N N 348 
XYS C1  H1   sing N N 349 
XYS C2  C3   sing N N 350 
XYS C2  O2   sing N N 351 
XYS C2  H2   sing N N 352 
XYS C3  C4   sing N N 353 
XYS C3  O3   sing N N 354 
XYS C3  H3   sing N N 355 
XYS C4  C5   sing N N 356 
XYS C4  O4   sing N N 357 
XYS C4  H4   sing N N 358 
XYS C5  O5   sing N N 359 
XYS C5  H51  sing N N 360 
XYS C5  H52  sing N N 361 
XYS O1  HO1  sing N N 362 
XYS O2  HO2  sing N N 363 
XYS O3  HO3  sing N N 364 
XYS O4  HO4  sing N N 365 
# 
loop_
_pdbx_entity_branch_list.entity_id 
_pdbx_entity_branch_list.comp_id 
_pdbx_entity_branch_list.num 
_pdbx_entity_branch_list.hetero 
2 BGC 1 n 
2 XYS 2 n 
2 XYS 3 n 
# 
_pdbx_initial_refinement_model.id               1 
_pdbx_initial_refinement_model.entity_id_list   ? 
_pdbx_initial_refinement_model.type             'experimental model' 
_pdbx_initial_refinement_model.source_name      PDB 
_pdbx_initial_refinement_model.accession_code   1EDM 
_pdbx_initial_refinement_model.details          ? 
# 
_atom_sites.entry_id                    5VYG 
_atom_sites.fract_transf_matrix[1][1]   -0.00852707 
_atom_sites.fract_transf_matrix[1][2]   -0.00479045 
_atom_sites.fract_transf_matrix[1][3]   0.00465298 
_atom_sites.fract_transf_matrix[2][1]   -0.00764003 
_atom_sites.fract_transf_matrix[2][2]   -0.00511539 
_atom_sites.fract_transf_matrix[2][3]   -0.01926766 
_atom_sites.fract_transf_matrix[3][1]   0.01252544 
_atom_sites.fract_transf_matrix[3][2]   -0.02373120 
_atom_sites.fract_transf_matrix[3][3]   0.00133382 
_atom_sites.fract_transf_vector[1]      -0.153230 
_atom_sites.fract_transf_vector[2]      -0.062997 
_atom_sites.fract_transf_vector[3]      0.204165 
# 
loop_
_atom_type.symbol 
C  
CA 
N  
O  
S  
# 
loop_
_atom_site.group_PDB 
_atom_site.id 
_atom_site.type_symbol 
_atom_site.label_atom_id 
_atom_site.label_alt_id 
_atom_site.label_comp_id 
_atom_site.label_asym_id 
_atom_site.label_entity_id 
_atom_site.label_seq_id 
_atom_site.pdbx_PDB_ins_code 
_atom_site.Cartn_x 
_atom_site.Cartn_y 
_atom_site.Cartn_z 
_atom_site.occupancy 
_atom_site.B_iso_or_equiv 
_atom_site.pdbx_formal_charge 
_atom_site.auth_seq_id 
_atom_site.auth_comp_id 
_atom_site.auth_asym_id 
_atom_site.auth_atom_id 
_atom_site.pdbx_PDB_model_num 
ATOM   1    N  N   . MET A 1 1  ? 8.897   7.215   24.324  1.00 46.32 ? 43  MET B N   1 
ATOM   2    C  CA  . MET A 1 1  ? 8.228   5.916   24.040  1.00 43.97 ? 43  MET B CA  1 
ATOM   3    C  C   . MET A 1 1  ? 6.829   6.149   23.482  1.00 43.37 ? 43  MET B C   1 
ATOM   4    O  O   . MET A 1 1  ? 6.063   6.958   24.012  1.00 44.98 ? 43  MET B O   1 
ATOM   5    C  CB  . MET A 1 1  ? 8.161   5.068   25.309  1.00 48.81 ? 43  MET B CB  1 
ATOM   6    C  CG  . MET A 1 1  ? 7.834   3.601   25.062  1.00 51.25 ? 43  MET B CG  1 
ATOM   7    S  SD  . MET A 1 1  ? 7.289   2.706   26.539  1.00 57.58 ? 43  MET B SD  1 
ATOM   8    C  CE  . MET A 1 1  ? 5.575   3.233   26.667  1.00 52.10 ? 43  MET B CE  1 
ATOM   9    N  N   . ASP A 1 2  ? 6.491   5.459   22.403  1.00 40.19 ? 44  ASP B N   1 
ATOM   10   C  CA  . ASP A 1 2  ? 5.160   5.618   21.825  1.00 41.03 ? 44  ASP B CA  1 
ATOM   11   C  C   . ASP A 1 2  ? 4.522   4.294   21.480  1.00 38.86 ? 44  ASP B C   1 
ATOM   12   O  O   . ASP A 1 2  ? 5.204   3.284   21.273  1.00 36.74 ? 44  ASP B O   1 
ATOM   13   C  CB  . ASP A 1 2  ? 5.203   6.510   20.589  1.00 44.63 ? 44  ASP B CB  1 
ATOM   14   C  CG  . ASP A 1 2  ? 5.592   7.936   20.919  1.00 48.92 ? 44  ASP B CG  1 
ATOM   15   O  OD1 . ASP A 1 2  ? 4.724   8.686   21.420  1.00 50.37 ? 44  ASP B OD1 1 
ATOM   16   O  OD2 . ASP A 1 2  ? 6.765   8.303   20.679  1.00 52.81 ? 44  ASP B OD2 1 
ATOM   17   N  N   . ILE A 1 3  ? 3.198   4.322   21.440  1.00 39.09 ? 45  ILE B N   1 
ATOM   18   C  CA  . ILE A 1 3  ? 2.392   3.205   20.978  1.00 38.92 ? 45  ILE B CA  1 
ATOM   19   C  C   . ILE A 1 3  ? 1.919   3.539   19.567  1.00 37.30 ? 45  ILE B C   1 
ATOM   20   O  O   . ILE A 1 3  ? 1.423   4.632   19.289  1.00 35.48 ? 45  ILE B O   1 
ATOM   21   C  CB  . ILE A 1 3  ? 1.179   2.949   21.899  1.00 39.92 ? 45  ILE B CB  1 
ATOM   22   C  CG1 . ILE A 1 3  ? 1.610   2.861   23.381  1.00 42.00 ? 45  ILE B CG1 1 
ATOM   23   C  CG2 . ILE A 1 3  ? 0.408   1.709   21.462  1.00 41.08 ? 45  ILE B CG2 1 
ATOM   24   C  CD1 . ILE A 1 3  ? 2.678   1.835   23.705  1.00 41.07 ? 45  ILE B CD1 1 
ATOM   25   N  N   . VAL A 1 4  ? 2.101   2.581   18.678  1.00 37.37 ? 46  VAL B N   1 
ATOM   26   C  CA  . VAL A 1 4  ? 1.749   2.752   17.291  1.00 37.33 ? 46  VAL B CA  1 
ATOM   27   C  C   . VAL A 1 4  ? 0.818   1.585   16.907  1.00 35.64 ? 46  VAL B C   1 
ATOM   28   O  O   . VAL A 1 4  ? 1.015   0.451   17.363  1.00 34.75 ? 46  VAL B O   1 
ATOM   29   C  CB  . VAL A 1 4  ? 3.043   2.875   16.442  1.00 39.99 ? 46  VAL B CB  1 
ATOM   30   C  CG1 . VAL A 1 4  ? 3.867   1.594   16.454  1.00 37.67 ? 46  VAL B CG1 1 
ATOM   31   C  CG2 . VAL A 1 4  ? 2.739   3.318   15.025  1.00 46.49 ? 46  VAL B CG2 1 
ATOM   32   N  N   . ASP A 1 5  ? -0.234  1.868   16.141  1.00 32.27 ? 47  ASP B N   1 
ATOM   33   C  CA  . ASP A 1 5  ? -1.119  0.801   15.688  1.00 30.69 ? 47  ASP B CA  1 
ATOM   34   C  C   . ASP A 1 5  ? -0.432  -0.063  14.619  1.00 29.25 ? 47  ASP B C   1 
ATOM   35   O  O   . ASP A 1 5  ? -0.675  -1.258  14.537  1.00 29.28 ? 47  ASP B O   1 
ATOM   36   C  CB  . ASP A 1 5  ? -2.443  1.352   15.163  1.00 33.92 ? 47  ASP B CB  1 
ATOM   37   C  CG  . ASP A 1 5  ? -3.410  0.242   14.739  1.00 36.88 ? 47  ASP B CG  1 
ATOM   38   O  OD1 . ASP A 1 5  ? -3.898  -0.489  15.635  1.00 38.02 ? 47  ASP B OD1 1 
ATOM   39   O  OD2 . ASP A 1 5  ? -3.670  0.094   13.518  1.00 33.36 ? 47  ASP B OD2 1 
ATOM   40   N  N   . GLY A 1 6  ? 0.436   0.542   13.813  1.00 26.39 ? 48  GLY B N   1 
ATOM   41   C  CA  . GLY A 1 6  ? 1.135   -0.192  12.779  1.00 26.59 ? 48  GLY B CA  1 
ATOM   42   C  C   . GLY A 1 6  ? 0.425   -0.022  11.445  1.00 27.40 ? 48  GLY B C   1 
ATOM   43   O  O   . GLY A 1 6  ? -0.741  0.376   11.392  1.00 26.54 ? 48  GLY B O   1 
ATOM   44   N  N   . ASP A 1 7  ? 1.142   -0.296  10.367  1.00 27.45 ? 49  ASP B N   1 
ATOM   45   C  CA  . ASP A 1 7  ? 0.583   -0.230  9.025   1.00 28.17 ? 49  ASP B CA  1 
ATOM   46   C  C   . ASP A 1 7  ? 0.235   -1.649  8.597   1.00 27.90 ? 49  ASP B C   1 
ATOM   47   O  O   . ASP A 1 7  ? 1.137   -2.419  8.232   1.00 27.54 ? 49  ASP B O   1 
ATOM   48   C  CB  . ASP A 1 7  ? 1.618   0.364   8.066   1.00 29.07 ? 49  ASP B CB  1 
ATOM   49   C  CG  . ASP A 1 7  ? 1.064   0.612   6.661   1.00 30.27 ? 49  ASP B CG  1 
ATOM   50   O  OD1 . ASP A 1 7  ? -0.100  0.255   6.345   1.00 29.54 ? 49  ASP B OD1 1 
ATOM   51   O  OD2 . ASP A 1 7  ? 1.817   1.189   5.866   1.00 32.82 ? 49  ASP B OD2 1 
ATOM   52   N  N   . GLN A 1 8  ? -1.052  -2.007  8.670   1.00 27.94 ? 50  GLN B N   1 
ATOM   53   C  CA  . GLN A 1 8  ? -1.513  -3.361  8.264   1.00 28.17 ? 50  GLN B CA  1 
ATOM   54   C  C   . GLN A 1 8  ? -1.425  -3.619  6.752   1.00 28.75 ? 50  GLN B C   1 
ATOM   55   O  O   . GLN A 1 8  ? -1.570  -4.756  6.304   1.00 29.13 ? 50  GLN B O   1 
ATOM   56   C  CB  . GLN A 1 8  ? -2.923  -3.648  8.786   1.00 27.75 ? 50  GLN B CB  1 
ATOM   57   C  CG  . GLN A 1 8  ? -2.960  -3.979  10.275  1.00 27.03 ? 50  GLN B CG  1 
ATOM   58   C  CD  . GLN A 1 8  ? -2.703  -2.760  11.143  1.00 26.67 ? 50  GLN B CD  1 
ATOM   59   O  OE1 . GLN A 1 8  ? -3.314  -1.709  10.948  1.00 25.16 ? 50  GLN B OE1 1 
ATOM   60   N  NE2 . GLN A 1 8  ? -1.805  -2.898  12.115  1.00 26.29 ? 50  GLN B NE2 1 
ATOM   61   N  N   . CYS A 1 9  ? -1.158  -2.569  5.976   1.00 28.47 ? 51  CYS B N   1 
ATOM   62   C  CA  . CYS A 1 9  ? -0.965  -2.697  4.521   1.00 29.68 ? 51  CYS B CA  1 
ATOM   63   C  C   . CYS A 1 9  ? 0.433   -3.098  4.090   1.00 29.96 ? 51  CYS B C   1 
ATOM   64   O  O   . CYS A 1 9  ? 0.657   -3.288  2.896   1.00 28.34 ? 51  CYS B O   1 
ATOM   65   C  CB  . CYS A 1 9  ? -1.291  -1.386  3.816   1.00 28.84 ? 51  CYS B CB  1 
ATOM   66   S  SG  . CYS A 1 9  ? -3.029  -1.011  3.833   1.00 32.38 ? 51  CYS B SG  1 
ATOM   67   N  N   . GLU A 1 10 ? 1.376   -3.213  5.027   1.00 31.31 ? 52  GLU B N   1 
ATOM   68   C  CA  . GLU A 1 10 ? 2.766   -3.466  4.632   1.00 34.05 ? 52  GLU B CA  1 
ATOM   69   C  C   . GLU A 1 10 ? 3.021   -4.842  4.019   1.00 32.85 ? 52  GLU B C   1 
ATOM   70   O  O   . GLU A 1 10 ? 3.995   -5.027  3.285   1.00 32.13 ? 52  GLU B O   1 
ATOM   71   C  CB  . GLU A 1 10 ? 3.767   -3.158  5.757   1.00 40.47 ? 52  GLU B CB  1 
ATOM   72   C  CG  . GLU A 1 10 ? 3.638   -3.993  7.018   1.00 44.94 ? 52  GLU B CG  1 
ATOM   73   C  CD  . GLU A 1 10 ? 4.270   -3.302  8.221   1.00 51.62 ? 52  GLU B CD  1 
ATOM   74   O  OE1 . GLU A 1 10 ? 5.168   -2.434  8.028   1.00 51.28 ? 52  GLU B OE1 1 
ATOM   75   O  OE2 . GLU A 1 10 ? 3.859   -3.627  9.363   1.00 55.34 ? 52  GLU B OE2 1 
ATOM   76   N  N   . SER A 1 11 ? 2.116   -5.763  4.277   1.00 29.70 ? 53  SER B N   1 
ATOM   77   C  CA  . SER A 1 11 ? 2.136   -7.080  3.678   1.00 29.96 ? 53  SER B CA  1 
ATOM   78   C  C   . SER A 1 11 ? 1.448   -7.127  2.298   1.00 28.98 ? 53  SER B C   1 
ATOM   79   O  O   . SER A 1 11 ? 1.365   -8.149  1.738   1.00 30.26 ? 53  SER B O   1 
ATOM   80   C  CB  . SER A 1 11 ? 1.576   -8.139  4.642   1.00 31.44 ? 53  SER B CB  1 
ATOM   81   O  OG  . SER A 1 11 ? 0.201   -8.070  4.951   1.00 32.99 ? 53  SER B OG  1 
ATOM   82   N  N   . ASN A 1 12 ? 1.050   -5.988  1.751   1.00 28.36 ? 54  ASN B N   1 
ATOM   83   C  CA  . ASN A 1 12 ? 0.292   -5.881  0.488   1.00 29.79 ? 54  ASN B CA  1 
ATOM   84   C  C   . ASN A 1 12 ? -0.844  -6.923  0.360   1.00 29.49 ? 54  ASN B C   1 
ATOM   85   O  O   . ASN A 1 12 ? -0.812  -7.776  -0.522  1.00 28.04 ? 54  ASN B O   1 
ATOM   86   C  CB  . ASN A 1 12 ? 1.233   -5.915  -0.732  1.00 28.67 ? 54  ASN B CB  1 
ATOM   87   C  CG  . ASN A 1 12 ? 2.284   -4.806  -0.699  1.00 29.34 ? 54  ASN B CG  1 
ATOM   88   O  OD1 . ASN A 1 12 ? 1.969   -3.646  -0.471  1.00 30.44 ? 54  ASN B OD1 1 
ATOM   89   N  ND2 . ASN A 1 12 ? 3.532   -5.162  -0.931  1.00 30.01 ? 54  ASN B ND2 1 
ATOM   90   N  N   . PRO A 1 13 ? -1.841  -6.867  1.262   1.00 27.66 ? 55  PRO B N   1 
ATOM   91   C  CA  . PRO A 1 13 ? -2.870  -7.909  1.238   1.00 27.75 ? 55  PRO B CA  1 
ATOM   92   C  C   . PRO A 1 13 ? -3.874  -7.764  0.079   1.00 30.63 ? 55  PRO B C   1 
ATOM   93   O  O   . PRO A 1 13 ? -4.575  -8.731  -0.234  1.00 32.88 ? 55  PRO B O   1 
ATOM   94   C  CB  . PRO A 1 13 ? -3.590  -7.704  2.568   1.00 25.99 ? 55  PRO B CB  1 
ATOM   95   C  CG  . PRO A 1 13 ? -3.453  -6.223  2.821   1.00 25.84 ? 55  PRO B CG  1 
ATOM   96   C  CD  . PRO A 1 13 ? -2.062  -5.897  2.352   1.00 25.35 ? 55  PRO B CD  1 
ATOM   97   N  N   . CYS A 1 14 ? -3.978  -6.570  -0.512  1.00 31.18 ? 56  CYS B N   1 
ATOM   98   C  CA  . CYS A 1 14 ? -4.928  -6.326  -1.614  1.00 30.86 ? 56  CYS B CA  1 
ATOM   99   C  C   . CYS A 1 14 ? -4.353  -6.863  -2.912  1.00 29.84 ? 56  CYS B C   1 
ATOM   100  O  O   . CYS A 1 14 ? -3.234  -6.509  -3.307  1.00 30.52 ? 56  CYS B O   1 
ATOM   101  C  CB  . CYS A 1 14 ? -5.267  -4.845  -1.731  1.00 31.87 ? 56  CYS B CB  1 
ATOM   102  S  SG  . CYS A 1 14 ? -5.799  -4.139  -0.149  1.00 34.36 ? 56  CYS B SG  1 
ATOM   103  N  N   . LEU A 1 15 ? -5.103  -7.761  -3.540  1.00 26.93 ? 57  LEU B N   1 
ATOM   104  C  CA  . LEU A 1 15 ? -4.598  -8.511  -4.682  1.00 25.18 ? 57  LEU B CA  1 
ATOM   105  C  C   . LEU A 1 15 ? -4.932  -7.834  -6.004  1.00 23.92 ? 57  LEU B C   1 
ATOM   106  O  O   . LEU A 1 15 ? -5.731  -6.902  -6.061  1.00 20.45 ? 57  LEU B O   1 
ATOM   107  C  CB  . LEU A 1 15 ? -5.166  -9.945  -4.673  1.00 25.06 ? 57  LEU B CB  1 
ATOM   108  C  CG  . LEU A 1 15 ? -4.851  -10.888 -3.491  1.00 25.52 ? 57  LEU B CG  1 
ATOM   109  C  CD1 . LEU A 1 15 ? -5.474  -12.273 -3.678  1.00 24.75 ? 57  LEU B CD1 1 
ATOM   110  C  CD2 . LEU A 1 15 ? -3.350  -11.033 -3.280  1.00 25.68 ? 57  LEU B CD2 1 
ATOM   111  N  N   . ASN A 1 16 ? -4.285  -8.316  -7.066  1.00 24.30 ? 58  ASN B N   1 
ATOM   112  C  CA  . ASN A 1 16 ? -4.716  -8.051  -8.434  1.00 24.94 ? 58  ASN B CA  1 
ATOM   113  C  C   . ASN A 1 16 ? -4.787  -6.577  -8.821  1.00 26.24 ? 58  ASN B C   1 
ATOM   114  O  O   . ASN A 1 16 ? -5.709  -6.154  -9.508  1.00 29.73 ? 58  ASN B O   1 
ATOM   115  C  CB  . ASN A 1 16 ? -6.054  -8.749  -8.684  1.00 23.35 ? 58  ASN B CB  1 
ATOM   116  C  CG  . ASN A 1 16 ? -5.975  -10.236 -8.461  1.00 23.35 ? 58  ASN B CG  1 
ATOM   117  O  OD1 . ASN A 1 16 ? -5.006  -10.889 -8.874  1.00 23.27 ? 58  ASN B OD1 1 
ATOM   118  N  ND2 . ASN A 1 16 ? -6.983  -10.787 -7.794  1.00 22.70 ? 58  ASN B ND2 1 
ATOM   119  N  N   . GLY A 1 17 ? -3.805  -5.799  -8.385  1.00 27.12 ? 59  GLY B N   1 
ATOM   120  C  CA  . GLY A 1 17 ? -3.790  -4.363  -8.661  1.00 27.32 ? 59  GLY B CA  1 
ATOM   121  C  C   . GLY A 1 17 ? -4.634  -3.522  -7.730  1.00 28.28 ? 59  GLY B C   1 
ATOM   122  O  O   . GLY A 1 17 ? -4.737  -2.313  -7.919  1.00 29.79 ? 59  GLY B O   1 
ATOM   123  N  N   . GLY A 1 18 ? -5.252  -4.147  -6.732  1.00 26.96 ? 60  GLY B N   1 
ATOM   124  C  CA  . GLY A 1 18 ? -5.988  -3.403  -5.704  1.00 28.17 ? 60  GLY B CA  1 
ATOM   125  C  C   . GLY A 1 18 ? -5.126  -2.420  -4.915  1.00 29.45 ? 60  GLY B C   1 
ATOM   126  O  O   . GLY A 1 18 ? -3.899  -2.574  -4.827  1.00 30.26 ? 60  GLY B O   1 
ATOM   127  N  N   . SER A 1 19 ? -5.765  -1.409  -4.336  1.00 31.05 ? 61  SER B N   1 
ATOM   128  C  CA  . SER A 1 19 ? -5.070  -0.422  -3.509  1.00 32.69 ? 61  SER B CA  1 
ATOM   129  C  C   . SER A 1 19 ? -5.379  -0.596  -2.000  1.00 31.64 ? 61  SER B C   1 
ATOM   130  O  O   . SER A 1 19 ? -6.538  -0.684  -1.610  1.00 31.20 ? 61  SER B O   1 
ATOM   131  C  CB  . SER A 1 19 ? -5.447  0.978   -3.998  1.00 35.02 ? 61  SER B CB  1 
ATOM   132  O  OG  . SER A 1 19 ? -4.749  1.977   -3.278  1.00 42.27 ? 61  SER B OG  1 
ATOM   133  N  N   . CYS A 1 20 ? -4.348  -0.646  -1.157  1.00 32.06 ? 62  CYS B N   1 
ATOM   134  C  CA  . CYS A 1 20 ? -4.543  -0.825  0.299   1.00 31.22 ? 62  CYS B CA  1 
ATOM   135  C  C   . CYS A 1 20 ? -4.527  0.488   1.072   1.00 29.77 ? 62  CYS B C   1 
ATOM   136  O  O   . CYS A 1 20 ? -3.589  1.264   0.958   1.00 31.94 ? 62  CYS B O   1 
ATOM   137  C  CB  . CYS A 1 20 ? -3.469  -1.751  0.878   1.00 32.50 ? 62  CYS B CB  1 
ATOM   138  S  SG  . CYS A 1 20 ? -3.845  -2.393  2.537   1.00 33.68 ? 62  CYS B SG  1 
ATOM   139  N  N   . LYS A 1 21 ? -5.569  0.732   1.861   1.00 30.14 ? 63  LYS B N   1 
ATOM   140  C  CA  . LYS A 1 21 ? -5.610  1.867   2.786   1.00 29.58 ? 63  LYS B CA  1 
ATOM   141  C  C   . LYS A 1 21 ? -5.553  1.322   4.196   1.00 29.35 ? 63  LYS B C   1 
ATOM   142  O  O   . LYS A 1 21 ? -6.399  0.525   4.588   1.00 31.66 ? 63  LYS B O   1 
ATOM   143  C  CB  . LYS A 1 21 ? -6.887  2.697   2.610   1.00 31.24 ? 63  LYS B CB  1 
ATOM   144  C  CG  . LYS A 1 21 ? -6.965  3.913   3.529   0.50 31.44 ? 63  LYS B CG  1 
ATOM   145  C  CD  . LYS A 1 21 ? -8.050  4.887   3.095   0.50 31.99 ? 63  LYS B CD  1 
ATOM   146  C  CE  . LYS A 1 21 ? -8.462  5.812   4.236   0.50 32.14 ? 63  LYS B CE  1 
ATOM   147  N  NZ  . LYS A 1 21 ? -7.323  6.646   4.712   0.50 30.91 ? 63  LYS B NZ  1 
ATOM   148  N  N   . ASP A 1 22 ? -4.547  1.739   4.953   1.00 27.76 ? 64  ASP B N   1 
ATOM   149  C  CA  . ASP A 1 22 ? -4.401  1.302   6.339   1.00 26.53 ? 64  ASP B CA  1 
ATOM   150  C  C   . ASP A 1 22 ? -5.522  1.866   7.190   1.00 26.62 ? 64  ASP B C   1 
ATOM   151  O  O   . ASP A 1 22 ? -5.972  2.977   6.975   1.00 25.78 ? 64  ASP B O   1 
ATOM   152  C  CB  . ASP A 1 22 ? -3.027  1.707   6.897   1.00 25.69 ? 64  ASP B CB  1 
ATOM   153  C  CG  . ASP A 1 22 ? -2.850  1.315   8.345   1.00 26.10 ? 64  ASP B CG  1 
ATOM   154  O  OD1 . ASP A 1 22 ? -2.929  0.100   8.654   1.00 24.37 ? 64  ASP B OD1 1 
ATOM   155  O  OD2 . ASP A 1 22 ? -2.648  2.225   9.189   1.00 24.70 ? 64  ASP B OD2 1 
ATOM   156  N  N   . ASP A 1 23 ? -6.004  1.070   8.140   1.00 28.79 ? 65  ASP B N   1 
ATOM   157  C  CA  . ASP A 1 23 ? -6.968  1.560   9.110   1.00 27.89 ? 65  ASP B CA  1 
ATOM   158  C  C   . ASP A 1 23 ? -6.489  1.142   10.495  1.00 27.90 ? 65  ASP B C   1 
ATOM   159  O  O   . ASP A 1 23 ? -5.320  0.782   10.661  1.00 26.83 ? 65  ASP B O   1 
ATOM   160  C  CB  . ASP A 1 23 ? -8.386  1.055   8.795   1.00 28.95 ? 65  ASP B CB  1 
ATOM   161  C  CG  . ASP A 1 23 ? -9.458  2.095   9.125   0.50 30.29 ? 65  ASP B CG  1 
ATOM   162  O  OD1 . ASP A 1 23 ? -9.771  2.290   10.323  0.50 30.55 ? 65  ASP B OD1 1 
ATOM   163  O  OD2 . ASP A 1 23 ? -9.971  2.735   8.186   0.50 30.03 ? 65  ASP B OD2 1 
ATOM   164  N  N   . ILE A 1 24 ? -7.383  1.201   11.479  1.00 28.87 ? 66  ILE B N   1 
ATOM   165  C  CA  . ILE A 1 24 ? -7.048  0.897   12.859  1.00 29.69 ? 66  ILE B CA  1 
ATOM   166  C  C   . ILE A 1 24 ? -7.087  -0.609  13.015  1.00 30.99 ? 66  ILE B C   1 
ATOM   167  O  O   . ILE A 1 24 ? -8.139  -1.236  12.824  1.00 31.82 ? 66  ILE B O   1 
ATOM   168  C  CB  . ILE A 1 24 ? -8.028  1.596   13.833  1.00 31.22 ? 66  ILE B CB  1 
ATOM   169  C  CG1 . ILE A 1 24 ? -7.876  3.119   13.707  1.00 32.38 ? 66  ILE B CG1 1 
ATOM   170  C  CG2 . ILE A 1 24 ? -7.808  1.145   15.272  1.00 29.16 ? 66  ILE B CG2 1 
ATOM   171  C  CD1 . ILE A 1 24 ? -9.016  3.924   14.316  1.00 33.72 ? 66  ILE B CD1 1 
ATOM   172  N  N   . ASN A 1 25 ? -5.930  -1.191  13.317  1.00 30.81 ? 67  ASN B N   1 
ATOM   173  C  CA  . ASN A 1 25 ? -5.807  -2.638  13.502  1.00 32.08 ? 67  ASN B CA  1 
ATOM   174  C  C   . ASN A 1 25 ? -6.397  -3.473  12.335  1.00 32.40 ? 67  ASN B C   1 
ATOM   175  O  O   . ASN A 1 25 ? -6.710  -4.651  12.496  1.00 31.63 ? 67  ASN B O   1 
ATOM   176  C  CB  . ASN A 1 25 ? -6.422  -3.035  14.857  1.00 34.32 ? 67  ASN B CB  1 
ATOM   177  C  CG  . ASN A 1 25 ? -6.017  -4.428  15.301  1.00 36.42 ? 67  ASN B CG  1 
ATOM   178  O  OD1 . ASN A 1 25 ? -4.920  -4.900  14.993  1.00 37.51 ? 67  ASN B OD1 1 
ATOM   179  N  ND2 . ASN A 1 25 ? -6.909  -5.098  16.029  1.00 37.83 ? 67  ASN B ND2 1 
ATOM   180  N  N   . SER A 1 26 ? -6.514  -2.844  11.165  1.00 31.07 ? 68  SER B N   1 
ATOM   181  C  CA  . SER A 1 26 ? -7.104  -3.435  9.976   1.00 32.46 ? 68  SER B CA  1 
ATOM   182  C  C   . SER A 1 26 ? -6.695  -2.632  8.742   1.00 33.71 ? 68  SER B C   1 
ATOM   183  O  O   . SER A 1 26 ? -5.918  -1.679  8.845   1.00 32.99 ? 68  SER B O   1 
ATOM   184  C  CB  . SER A 1 26 ? -8.635  -3.433  10.088  1.00 32.00 ? 68  SER B CB  1 
ATOM   185  O  OG  . SER A 1 26 ? -9.124  -2.136  10.400  1.00 31.44 ? 68  SER B OG  1 
ATOM   186  N  N   . TYR A 1 27 ? -7.225  -3.031  7.584   1.00 32.54 ? 69  TYR B N   1 
ATOM   187  C  CA  . TYR A 1 27 ? -7.049  -2.329  6.307   1.00 31.76 ? 69  TYR B CA  1 
ATOM   188  C  C   . TYR A 1 27 ? -8.329  -2.501  5.485   1.00 33.40 ? 69  TYR B C   1 
ATOM   189  O  O   . TYR A 1 27 ? -9.146  -3.374  5.793   1.00 32.40 ? 69  TYR B O   1 
ATOM   190  C  CB  . TYR A 1 27 ? -5.874  -2.916  5.511   1.00 29.77 ? 69  TYR B CB  1 
ATOM   191  C  CG  . TYR A 1 27 ? -6.057  -4.382  5.152   1.00 29.24 ? 69  TYR B CG  1 
ATOM   192  C  CD1 . TYR A 1 27 ? -6.779  -4.773  4.001   1.00 28.43 ? 69  TYR B CD1 1 
ATOM   193  C  CD2 . TYR A 1 27 ? -5.532  -5.387  5.968   1.00 28.21 ? 69  TYR B CD2 1 
ATOM   194  C  CE1 . TYR A 1 27 ? -6.967  -6.114  3.689   1.00 26.33 ? 69  TYR B CE1 1 
ATOM   195  C  CE2 . TYR A 1 27 ? -5.710  -6.732  5.657   1.00 27.90 ? 69  TYR B CE2 1 
ATOM   196  C  CZ  . TYR A 1 27 ? -6.430  -7.084  4.526   1.00 27.70 ? 69  TYR B CZ  1 
ATOM   197  O  OH  . TYR A 1 27 ? -6.579  -8.411  4.232   1.00 26.54 ? 69  TYR B OH  1 
ATOM   198  N  N   . GLU A 1 28 ? -8.474  -1.676  4.441   1.00 34.54 ? 70  GLU B N   1 
ATOM   199  C  CA  . GLU A 1 28 ? -9.533  -1.797  3.426   1.00 36.10 ? 70  GLU B CA  1 
ATOM   200  C  C   . GLU A 1 28 ? -8.865  -1.824  2.061   1.00 35.21 ? 70  GLU B C   1 
ATOM   201  O  O   . GLU A 1 28 ? -7.862  -1.148  1.854   1.00 36.67 ? 70  GLU B O   1 
ATOM   202  C  CB  . GLU A 1 28 ? -10.490 -0.593  3.474   1.00 38.55 ? 70  GLU B CB  1 
ATOM   203  C  CG  . GLU A 1 28 ? -11.801 -0.814  2.725   0.50 39.60 ? 70  GLU B CG  1 
ATOM   204  C  CD  . GLU A 1 28 ? -12.746 0.369   2.798   0.50 40.84 ? 70  GLU B CD  1 
ATOM   205  O  OE1 . GLU A 1 28 ? -13.413 0.651   1.781   0.50 41.62 ? 70  GLU B OE1 1 
ATOM   206  O  OE2 . GLU A 1 28 ? -12.829 1.016   3.863   0.50 41.83 ? 70  GLU B OE2 1 
ATOM   207  N  N   . CYS A 1 29 ? -9.408  -2.603  1.136   1.00 34.57 ? 71  CYS B N   1 
ATOM   208  C  CA  . CYS A 1 29 ? -8.888  -2.670  -0.227  1.00 35.37 ? 71  CYS B CA  1 
ATOM   209  C  C   . CYS A 1 29 ? -9.798  -1.940  -1.203  1.00 38.99 ? 71  CYS B C   1 
ATOM   210  O  O   . CYS A 1 29 ? -11.009 -2.134  -1.188  1.00 40.01 ? 71  CYS B O   1 
ATOM   211  C  CB  . CYS A 1 29 ? -8.754  -4.120  -0.670  1.00 32.87 ? 71  CYS B CB  1 
ATOM   212  S  SG  . CYS A 1 29 ? -7.547  -5.082  0.251   1.00 32.02 ? 71  CYS B SG  1 
ATOM   213  N  N   . TRP A 1 30 ? -9.213  -1.104  -2.053  1.00 44.01 ? 72  TRP B N   1 
ATOM   214  C  CA  . TRP A 1 30 ? -9.955  -0.452  -3.128  1.00 46.76 ? 72  TRP B CA  1 
ATOM   215  C  C   . TRP A 1 30 ? -9.659  -1.223  -4.379  1.00 44.79 ? 72  TRP B C   1 
ATOM   216  O  O   . TRP A 1 30 ? -8.532  -1.223  -4.867  1.00 45.06 ? 72  TRP B O   1 
ATOM   217  C  CB  . TRP A 1 30 ? -9.552  1.013   -3.247  1.00 53.88 ? 72  TRP B CB  1 
ATOM   218  C  CG  . TRP A 1 30 ? -10.028 1.872   -2.085  1.00 66.96 ? 72  TRP B CG  1 
ATOM   219  C  CD1 . TRP A 1 30 ? -10.445 1.447   -0.817  1.00 67.72 ? 72  TRP B CD1 1 
ATOM   220  C  CD2 . TRP A 1 30 ? -10.127 3.348   -2.038  1.00 73.73 ? 72  TRP B CD2 1 
ATOM   221  N  NE1 . TRP A 1 30 ? -10.797 2.515   -0.028  1.00 73.36 ? 72  TRP B NE1 1 
ATOM   222  C  CE2 . TRP A 1 30 ? -10.633 3.684   -0.695  1.00 76.53 ? 72  TRP B CE2 1 
ATOM   223  C  CE3 . TRP A 1 30 ? -9.867  4.384   -2.939  1.00 76.67 ? 72  TRP B CE3 1 
ATOM   224  C  CZ2 . TRP A 1 30 ? -10.856 5.001   -0.298  1.00 78.03 ? 72  TRP B CZ2 1 
ATOM   225  C  CZ3 . TRP A 1 30 ? -10.095 5.706   -2.523  1.00 76.64 ? 72  TRP B CZ3 1 
ATOM   226  C  CH2 . TRP A 1 30 ? -10.576 6.004   -1.236  1.00 77.25 ? 72  TRP B CH2 1 
ATOM   227  N  N   . CYS A 1 31 ? -10.660 -1.928  -4.892  1.00 41.68 ? 73  CYS B N   1 
ATOM   228  C  CA  . CYS A 1 31 ? -10.421 -2.876  -5.980  1.00 42.49 ? 73  CYS B CA  1 
ATOM   229  C  C   . CYS A 1 31 ? -10.466 -2.227  -7.359  1.00 43.31 ? 73  CYS B C   1 
ATOM   230  O  O   . CYS A 1 31 ? -11.174 -1.243  -7.569  1.00 45.29 ? 73  CYS B O   1 
ATOM   231  C  CB  . CYS A 1 31 ? -11.370 -4.068  -5.888  1.00 40.82 ? 73  CYS B CB  1 
ATOM   232  S  SG  . CYS A 1 31 ? -11.193 -4.990  -4.339  1.00 41.58 ? 73  CYS B SG  1 
ATOM   233  N  N   . PRO A 1 32 ? -9.677  -2.755  -8.299  1.00 43.59 ? 74  PRO B N   1 
ATOM   234  C  CA  . PRO A 1 32 ? -9.753  -2.175  -9.628  1.00 45.78 ? 74  PRO B CA  1 
ATOM   235  C  C   . PRO A 1 32 ? -10.964 -2.746  -10.376 1.00 47.42 ? 74  PRO B C   1 
ATOM   236  O  O   . PRO A 1 32 ? -11.579 -3.711  -9.900  1.00 45.39 ? 74  PRO B O   1 
ATOM   237  C  CB  . PRO A 1 32 ? -8.439  -2.619  -10.267 1.00 44.06 ? 74  PRO B CB  1 
ATOM   238  C  CG  . PRO A 1 32 ? -8.130  -3.927  -9.608  1.00 43.58 ? 74  PRO B CG  1 
ATOM   239  C  CD  . PRO A 1 32 ? -8.728  -3.883  -8.230  1.00 41.70 ? 74  PRO B CD  1 
ATOM   240  N  N   . PHE A 1 33 ? -11.302 -2.145  -11.519 1.00 50.22 ? 75  PHE B N   1 
ATOM   241  C  CA  . PHE A 1 33 ? -12.378 -2.647  -12.377 1.00 50.80 ? 75  PHE B CA  1 
ATOM   242  C  C   . PHE A 1 33 ? -12.216 -4.135  -12.707 1.00 45.26 ? 75  PHE B C   1 
ATOM   243  O  O   . PHE A 1 33 ? -11.174 -4.564  -13.224 1.00 41.28 ? 75  PHE B O   1 
ATOM   244  C  CB  . PHE A 1 33 ? -12.482 -1.823  -13.673 1.00 61.53 ? 75  PHE B CB  1 
ATOM   245  C  CG  . PHE A 1 33 ? -13.488 -0.695  -13.615 1.00 71.15 ? 75  PHE B CG  1 
ATOM   246  C  CD1 . PHE A 1 33 ? -13.121 0.607   -13.972 1.00 74.67 ? 75  PHE B CD1 1 
ATOM   247  C  CD2 . PHE A 1 33 ? -14.813 -0.929  -13.215 1.00 76.78 ? 75  PHE B CD2 1 
ATOM   248  C  CE1 . PHE A 1 33 ? -14.047 1.649   -13.930 1.00 76.67 ? 75  PHE B CE1 1 
ATOM   249  C  CE2 . PHE A 1 33 ? -15.740 0.112   -13.168 1.00 80.37 ? 75  PHE B CE2 1 
ATOM   250  C  CZ  . PHE A 1 33 ? -15.356 1.402   -13.528 1.00 80.02 ? 75  PHE B CZ  1 
ATOM   251  N  N   . GLY A 1 34 ? -13.250 -4.914  -12.396 1.00 41.81 ? 76  GLY B N   1 
ATOM   252  C  CA  . GLY A 1 34 ? -13.278 -6.338  -12.732 1.00 39.67 ? 76  GLY B CA  1 
ATOM   253  C  C   . GLY A 1 34 ? -12.954 -7.257  -11.571 1.00 39.43 ? 76  GLY B C   1 
ATOM   254  O  O   . GLY A 1 34 ? -12.942 -8.483  -11.725 1.00 40.26 ? 76  GLY B O   1 
ATOM   255  N  N   . PHE A 1 35 ? -12.698 -6.669  -10.405 1.00 38.57 ? 77  PHE B N   1 
ATOM   256  C  CA  . PHE A 1 35 ? -12.319 -7.447  -9.227  1.00 37.26 ? 77  PHE B CA  1 
ATOM   257  C  C   . PHE A 1 35 ? -13.128 -7.049  -8.020  1.00 37.44 ? 77  PHE B C   1 
ATOM   258  O  O   . PHE A 1 35 ? -13.443 -5.876  -7.851  1.00 40.20 ? 77  PHE B O   1 
ATOM   259  C  CB  . PHE A 1 35 ? -10.815 -7.317  -8.958  1.00 35.19 ? 77  PHE B CB  1 
ATOM   260  C  CG  . PHE A 1 35 ? -9.987  -8.061  -9.943  1.00 33.10 ? 77  PHE B CG  1 
ATOM   261  C  CD1 . PHE A 1 35 ? -9.506  -7.432  -11.073 1.00 33.04 ? 77  PHE B CD1 1 
ATOM   262  C  CD2 . PHE A 1 35 ? -9.735  -9.417  -9.769  1.00 34.38 ? 77  PHE B CD2 1 
ATOM   263  C  CE1 . PHE A 1 35 ? -8.768  -8.133  -12.008 1.00 32.23 ? 77  PHE B CE1 1 
ATOM   264  C  CE2 . PHE A 1 35 ? -9.002  -10.127 -10.707 1.00 34.57 ? 77  PHE B CE2 1 
ATOM   265  C  CZ  . PHE A 1 35 ? -8.519  -9.479  -11.829 1.00 32.88 ? 77  PHE B CZ  1 
ATOM   266  N  N   . GLU A 1 36 ? -13.482 -8.036  -7.204  1.00 36.70 ? 78  GLU B N   1 
ATOM   267  C  CA  . GLU A 1 36 ? -14.222 -7.786  -5.965  1.00 37.41 ? 78  GLU B CA  1 
ATOM   268  C  C   . GLU A 1 36 ? -13.757 -8.712  -4.835  1.00 35.33 ? 78  GLU B C   1 
ATOM   269  O  O   . GLU A 1 36 ? -12.836 -9.514  -5.015  1.00 34.50 ? 78  GLU B O   1 
ATOM   270  C  CB  . GLU A 1 36 ? -15.744 -7.893  -6.197  1.00 39.01 ? 78  GLU B CB  1 
ATOM   271  C  CG  . GLU A 1 36 ? -16.224 -9.202  -6.815  0.50 38.62 ? 78  GLU B CG  1 
ATOM   272  C  CD  . GLU A 1 36 ? -17.715 -9.209  -7.122  0.50 40.75 ? 78  GLU B CD  1 
ATOM   273  O  OE1 . GLU A 1 36 ? -18.312 -8.118  -7.280  0.50 41.42 ? 78  GLU B OE1 1 
ATOM   274  O  OE2 . GLU A 1 36 ? -18.295 -10.314 -7.219  0.50 39.87 ? 78  GLU B OE2 1 
ATOM   275  N  N   . GLY A 1 37 ? -14.399 -8.600  -3.675  1.00 34.83 ? 79  GLY B N   1 
ATOM   276  C  CA  . GLY A 1 37 ? -13.987 -9.346  -2.483  1.00 35.00 ? 79  GLY B CA  1 
ATOM   277  C  C   . GLY A 1 37 ? -13.211 -8.428  -1.563  1.00 34.64 ? 79  GLY B C   1 
ATOM   278  O  O   . GLY A 1 37 ? -12.791 -7.339  -1.973  1.00 35.25 ? 79  GLY B O   1 
ATOM   279  N  N   . LYS A 1 38 ? -13.006 -8.852  -0.323  1.00 35.75 ? 80  LYS B N   1 
ATOM   280  C  CA  . LYS A 1 38 ? -12.329 -7.995  0.649   1.00 37.50 ? 80  LYS B CA  1 
ATOM   281  C  C   . LYS A 1 38 ? -10.859 -7.774  0.291   1.00 33.94 ? 80  LYS B C   1 
ATOM   282  O  O   . LYS A 1 38 ? -10.311 -6.731  0.613   1.00 35.32 ? 80  LYS B O   1 
ATOM   283  C  CB  . LYS A 1 38 ? -12.507 -8.509  2.093   1.00 41.46 ? 80  LYS B CB  1 
ATOM   284  C  CG  . LYS A 1 38 ? -11.680 -9.734  2.461   1.00 46.93 ? 80  LYS B CG  1 
ATOM   285  C  CD  . LYS A 1 38 ? -12.253 -10.464 3.673   1.00 53.73 ? 80  LYS B CD  1 
ATOM   286  C  CE  . LYS A 1 38 ? -11.230 -11.383 4.346   1.00 55.27 ? 80  LYS B CE  1 
ATOM   287  N  NZ  . LYS A 1 38 ? -10.306 -10.614 5.237   1.00 57.32 ? 80  LYS B NZ  1 
ATOM   288  N  N   . ASN A 1 39 ? -10.232 -8.744  -0.375  1.00 32.61 ? 81  ASN B N   1 
ATOM   289  C  CA  . ASN A 1 39 ? -8.849  -8.594  -0.824  1.00 31.33 ? 81  ASN B CA  1 
ATOM   290  C  C   . ASN A 1 39 ? -8.714  -8.451  -2.331  1.00 31.40 ? 81  ASN B C   1 
ATOM   291  O  O   . ASN A 1 39 ? -7.625  -8.635  -2.880  1.00 30.22 ? 81  ASN B O   1 
ATOM   292  C  CB  . ASN A 1 39 ? -7.999  -9.754  -0.322  1.00 31.84 ? 81  ASN B CB  1 
ATOM   293  C  CG  . ASN A 1 39 ? -7.902  -9.781  1.195   1.00 34.25 ? 81  ASN B CG  1 
ATOM   294  O  OD1 . ASN A 1 39 ? -7.279  -8.924  1.806   1.00 33.46 ? 81  ASN B OD1 1 
ATOM   295  N  ND2 . ASN A 1 39 ? -8.526  -10.767 1.803   1.00 37.87 ? 81  ASN B ND2 1 
ATOM   296  N  N   . CYS A 1 40 ? -9.819  -8.108  -2.992  1.00 32.24 ? 82  CYS B N   1 
ATOM   297  C  CA  . CYS A 1 40 ? -9.881  -8.012  -4.466  1.00 33.09 ? 82  CYS B CA  1 
ATOM   298  C  C   . CYS A 1 40 ? -9.564  -9.314  -5.160  1.00 31.71 ? 82  CYS B C   1 
ATOM   299  O  O   . CYS A 1 40 ? -9.084  -9.304  -6.292  1.00 30.68 ? 82  CYS B O   1 
ATOM   300  C  CB  . CYS A 1 40 ? -8.929  -6.938  -4.995  1.00 33.08 ? 82  CYS B CB  1 
ATOM   301  S  SG  . CYS A 1 40 ? -9.158  -5.355  -4.191  1.00 35.62 ? 82  CYS B SG  1 
ATOM   302  N  N   . GLU A 1 41 ? -9.827  -10.426 -4.472  1.00 32.34 ? 83  GLU B N   1 
ATOM   303  C  CA  . GLU A 1 41 ? -9.490  -11.757 -4.967  1.00 35.01 ? 83  GLU B CA  1 
ATOM   304  C  C   . GLU A 1 41 ? -10.444 -12.349 -6.030  1.00 36.41 ? 83  GLU B C   1 
ATOM   305  O  O   . GLU A 1 41 ? -10.090 -13.329 -6.681  1.00 35.35 ? 83  GLU B O   1 
ATOM   306  C  CB  . GLU A 1 41 ? -9.309  -12.747 -3.790  1.00 35.09 ? 83  GLU B CB  1 
ATOM   307  C  CG  . GLU A 1 41 ? -10.578 -13.177 -3.058  1.00 36.34 ? 83  GLU B CG  1 
ATOM   308  C  CD  . GLU A 1 41 ? -11.175 -12.102 -2.163  1.00 38.36 ? 83  GLU B CD  1 
ATOM   309  O  OE1 . GLU A 1 41 ? -10.634 -10.982 -2.076  1.00 39.30 ? 83  GLU B OE1 1 
ATOM   310  O  OE2 . GLU A 1 41 ? -12.215 -12.370 -1.535  1.00 43.48 ? 83  GLU B OE2 1 
ATOM   311  N  N   . LEU A 1 42 ? -11.635 -11.766 -6.195  1.00 36.37 ? 84  LEU B N   1 
ATOM   312  C  CA  . LEU A 1 42 ? -12.694 -12.381 -7.020  1.00 37.13 ? 84  LEU B CA  1 
ATOM   313  C  C   . LEU A 1 42 ? -12.903 -11.661 -8.343  1.00 36.75 ? 84  LEU B C   1 
ATOM   314  O  O   . LEU A 1 42 ? -13.128 -10.457 -8.369  1.00 37.06 ? 84  LEU B O   1 
ATOM   315  C  CB  . LEU A 1 42 ? -14.025 -12.404 -6.261  1.00 37.00 ? 84  LEU B CB  1 
ATOM   316  C  CG  . LEU A 1 42 ? -14.155 -13.131 -4.920  1.00 36.96 ? 84  LEU B CG  1 
ATOM   317  C  CD1 . LEU A 1 42 ? -15.498 -12.799 -4.298  1.00 37.18 ? 84  LEU B CD1 1 
ATOM   318  C  CD2 . LEU A 1 42 ? -13.985 -14.636 -5.056  1.00 37.24 ? 84  LEU B CD2 1 
ATOM   319  N  N   . LEU A 1 43 ? -12.833 -12.403 -9.438  1.00 37.92 ? 85  LEU B N   1 
ATOM   320  C  CA  . LEU A 1 43 ? -13.068 -11.830 -10.756 1.00 40.11 ? 85  LEU B CA  1 
ATOM   321  C  C   . LEU A 1 43 ? -14.567 -11.696 -11.000 1.00 40.33 ? 85  LEU B C   1 
ATOM   322  O  O   . LEU A 1 43 ? -15.248 -10.899 -10.351 1.00 42.53 ? 85  LEU B O   1 
ATOM   323  C  CB  . LEU A 1 43 ? -12.417 -12.687 -11.851 1.00 40.67 ? 85  LEU B CB  1 
ATOM   324  N  N   . MET B 1 1  ? -19.821 -20.730 -6.323  1.00 52.19 ? 43  MET A N   1 
ATOM   325  C  CA  . MET B 1 1  ? -18.822 -20.743 -7.432  1.00 53.89 ? 43  MET A CA  1 
ATOM   326  C  C   . MET B 1 1  ? -18.256 -19.343 -7.625  1.00 56.60 ? 43  MET A C   1 
ATOM   327  O  O   . MET B 1 1  ? -18.951 -18.343 -7.393  1.00 53.86 ? 43  MET A O   1 
ATOM   328  C  CB  . MET B 1 1  ? -19.466 -21.216 -8.736  1.00 53.60 ? 43  MET A CB  1 
ATOM   329  N  N   . ASP B 1 2  ? -16.992 -19.274 -8.043  1.00 55.02 ? 44  ASP A N   1 
ATOM   330  C  CA  . ASP B 1 2  ? -16.358 -17.999 -8.374  1.00 51.06 ? 44  ASP A CA  1 
ATOM   331  C  C   . ASP B 1 2  ? -15.050 -18.221 -9.130  1.00 49.29 ? 44  ASP A C   1 
ATOM   332  O  O   . ASP B 1 2  ? -14.469 -19.317 -9.088  1.00 47.20 ? 44  ASP A O   1 
ATOM   333  C  CB  . ASP B 1 2  ? -16.146 -17.138 -7.119  1.00 51.85 ? 44  ASP A CB  1 
ATOM   334  N  N   . ILE B 1 3  ? -14.618 -17.186 -9.853  1.00 47.45 ? 45  ILE A N   1 
ATOM   335  C  CA  . ILE B 1 3  ? -13.360 -17.215 -10.587 1.00 42.38 ? 45  ILE A CA  1 
ATOM   336  C  C   . ILE B 1 3  ? -12.347 -16.361 -9.845  1.00 40.47 ? 45  ILE A C   1 
ATOM   337  O  O   . ILE B 1 3  ? -12.645 -15.246 -9.403  1.00 37.18 ? 45  ILE A O   1 
ATOM   338  C  CB  . ILE B 1 3  ? -13.514 -16.693 -12.034 1.00 44.70 ? 45  ILE A CB  1 
ATOM   339  N  N   . VAL B 1 4  ? -11.140 -16.891 -9.734  1.00 38.30 ? 46  VAL A N   1 
ATOM   340  C  CA  . VAL B 1 4  ? -10.092 -16.267 -8.957  1.00 37.46 ? 46  VAL A CA  1 
ATOM   341  C  C   . VAL B 1 4  ? -8.846  -16.066 -9.834  1.00 36.67 ? 46  VAL A C   1 
ATOM   342  O  O   . VAL B 1 4  ? -8.385  -17.001 -10.488 1.00 36.08 ? 46  VAL A O   1 
ATOM   343  C  CB  . VAL B 1 4  ? -9.851  -17.117 -7.678  1.00 38.16 ? 46  VAL A CB  1 
ATOM   344  C  CG1 . VAL B 1 4  ? -8.386  -17.420 -7.417  1.00 38.66 ? 46  VAL A CG1 1 
ATOM   345  C  CG2 . VAL B 1 4  ? -10.515 -16.458 -6.472  1.00 37.68 ? 46  VAL A CG2 1 
ATOM   346  N  N   . ASP B 1 5  ? -8.309  -14.850 -9.871  1.00 36.83 ? 47  ASP A N   1 
ATOM   347  C  CA  . ASP B 1 5  ? -7.040  -14.661 -10.578 1.00 36.72 ? 47  ASP A CA  1 
ATOM   348  C  C   . ASP B 1 5  ? -5.851  -15.264 -9.831  1.00 35.56 ? 47  ASP A C   1 
ATOM   349  O  O   . ASP B 1 5  ? -4.877  -15.694 -10.459 1.00 34.45 ? 47  ASP A O   1 
ATOM   350  C  CB  . ASP B 1 5  ? -6.755  -13.209 -10.905 1.00 37.50 ? 47  ASP A CB  1 
ATOM   351  C  CG  . ASP B 1 5  ? -5.487  -13.058 -11.745 1.00 40.31 ? 47  ASP A CG  1 
ATOM   352  O  OD1 . ASP B 1 5  ? -4.450  -12.611 -11.180 1.00 34.62 ? 47  ASP A OD1 1 
ATOM   353  O  OD2 . ASP B 1 5  ? -5.528  -13.440 -12.953 1.00 41.07 ? 47  ASP A OD2 1 
ATOM   354  N  N   . GLY B 1 6  ? -5.931  -15.299 -8.501  1.00 34.33 ? 48  GLY A N   1 
ATOM   355  C  CA  . GLY B 1 6  ? -4.908  -15.961 -7.692  1.00 32.81 ? 48  GLY A CA  1 
ATOM   356  C  C   . GLY B 1 6  ? -3.793  -15.017 -7.292  1.00 33.12 ? 48  GLY A C   1 
ATOM   357  O  O   . GLY B 1 6  ? -3.621  -13.962 -7.901  1.00 32.61 ? 48  GLY A O   1 
ATOM   358  N  N   . ASP B 1 7  ? -3.018  -15.408 -6.287  1.00 33.01 ? 49  ASP A N   1 
ATOM   359  C  CA  . ASP B 1 7  ? -1.934  -14.574 -5.765  1.00 32.96 ? 49  ASP A CA  1 
ATOM   360  C  C   . ASP B 1 7  ? -0.579  -15.054 -6.281  1.00 32.85 ? 49  ASP A C   1 
ATOM   361  O  O   . ASP B 1 7  ? -0.088  -16.115 -5.882  1.00 32.66 ? 49  ASP A O   1 
ATOM   362  C  CB  . ASP B 1 7  ? -1.981  -14.554 -4.227  1.00 33.88 ? 49  ASP A CB  1 
ATOM   363  C  CG  . ASP B 1 7  ? -0.811  -13.805 -3.598  1.00 36.08 ? 49  ASP A CG  1 
ATOM   364  O  OD1 . ASP B 1 7  ? -0.015  -13.164 -4.324  1.00 34.30 ? 49  ASP A OD1 1 
ATOM   365  O  OD2 . ASP B 1 7  ? -0.676  -13.878 -2.349  1.00 40.09 ? 49  ASP A OD2 1 
ATOM   366  N  N   . GLN B 1 8  ? 0.027   -14.270 -7.172  1.00 30.02 ? 50  GLN A N   1 
ATOM   367  C  CA  . GLN B 1 8  ? 1.291   -14.686 -7.793  1.00 30.81 ? 50  GLN A CA  1 
ATOM   368  C  C   . GLN B 1 8  ? 2.544   -14.404 -6.935  1.00 31.45 ? 50  GLN A C   1 
ATOM   369  O  O   . GLN B 1 8  ? 3.639   -14.882 -7.246  1.00 30.60 ? 50  GLN A O   1 
ATOM   370  C  CB  . GLN B 1 8  ? 1.416   -14.136 -9.219  1.00 29.96 ? 50  GLN A CB  1 
ATOM   371  C  CG  . GLN B 1 8  ? 0.532   -14.853 -10.235 1.00 27.27 ? 50  GLN A CG  1 
ATOM   372  C  CD  . GLN B 1 8  ? -0.939  -14.460 -10.156 1.00 27.87 ? 50  GLN A CD  1 
ATOM   373  O  OE1 . GLN B 1 8  ? -1.291  -13.278 -9.962  1.00 26.31 ? 50  GLN A OE1 1 
ATOM   374  N  NE2 . GLN B 1 8  ? -1.814  -15.446 -10.328 1.00 26.79 ? 50  GLN A NE2 1 
ATOM   375  N  N   . CYS B 1 9  ? 2.359   -13.665 -5.839  1.00 30.58 ? 51  CYS A N   1 
ATOM   376  C  CA  . CYS B 1 9  ? 3.388   -13.518 -4.802  1.00 33.54 ? 51  CYS A CA  1 
ATOM   377  C  C   . CYS B 1 9  ? 3.550   -14.731 -3.849  1.00 35.59 ? 51  CYS A C   1 
ATOM   378  O  O   . CYS B 1 9  ? 4.495   -14.776 -3.059  1.00 33.32 ? 51  CYS A O   1 
ATOM   379  C  CB  . CYS B 1 9  ? 3.110   -12.263 -3.987  1.00 31.93 ? 51  CYS A CB  1 
ATOM   380  S  SG  . CYS B 1 9  ? 3.326   -10.768 -4.955  1.00 31.49 ? 51  CYS A SG  1 
ATOM   381  N  N   . GLU B 1 10 ? 2.645   -15.709 -3.953  1.00 39.59 ? 52  GLU A N   1 
ATOM   382  C  CA  . GLU B 1 10 ? 2.596   -16.863 -3.045  1.00 44.36 ? 52  GLU A CA  1 
ATOM   383  C  C   . GLU B 1 10 ? 3.964   -17.515 -2.831  1.00 43.53 ? 52  GLU A C   1 
ATOM   384  O  O   . GLU B 1 10 ? 4.360   -17.780 -1.698  1.00 44.74 ? 52  GLU A O   1 
ATOM   385  C  CB  . GLU B 1 10 ? 1.542   -17.883 -3.525  1.00 47.97 ? 52  GLU A CB  1 
ATOM   386  C  CG  . GLU B 1 10 ? 1.733   -19.319 -3.047  1.00 55.96 ? 52  GLU A CG  1 
ATOM   387  C  CD  . GLU B 1 10 ? 2.328   -20.226 -4.124  1.00 63.95 ? 52  GLU A CD  1 
ATOM   388  O  OE1 . GLU B 1 10 ? 1.768   -20.279 -5.241  1.00 66.94 ? 52  GLU A OE1 1 
ATOM   389  O  OE2 . GLU B 1 10 ? 3.352   -20.903 -3.857  1.00 69.60 ? 52  GLU A OE2 1 
ATOM   390  N  N   . SER B 1 11 ? 4.698   -17.739 -3.919  1.00 41.59 ? 53  SER A N   1 
ATOM   391  C  CA  . SER B 1 11 ? 6.014   -18.389 -3.855  1.00 40.23 ? 53  SER A CA  1 
ATOM   392  C  C   . SER B 1 11 ? 7.198   -17.492 -3.465  1.00 37.87 ? 53  SER A C   1 
ATOM   393  O  O   . SER B 1 11 ? 8.350   -17.921 -3.528  1.00 36.50 ? 53  SER A O   1 
ATOM   394  C  CB  . SER B 1 11 ? 6.316   -19.096 -5.178  1.00 43.95 ? 53  SER A CB  1 
ATOM   395  O  OG  . SER B 1 11 ? 6.549   -18.160 -6.216  1.00 43.30 ? 53  SER A OG  1 
ATOM   396  N  N   . ASN B 1 12 ? 6.915   -16.257 -3.068  1.00 38.33 ? 54  ASN A N   1 
ATOM   397  C  CA  . ASN B 1 12 ? 7.959   -15.299 -2.660  1.00 38.21 ? 54  ASN A CA  1 
ATOM   398  C  C   . ASN B 1 12 ? 9.107   -15.068 -3.644  1.00 34.93 ? 54  ASN A C   1 
ATOM   399  O  O   . ASN B 1 12 ? 10.273  -15.286 -3.304  1.00 35.12 ? 54  ASN A O   1 
ATOM   400  C  CB  . ASN B 1 12 ? 8.512   -15.669 -1.277  1.00 43.24 ? 54  ASN A CB  1 
ATOM   401  C  CG  . ASN B 1 12 ? 7.464   -15.564 -0.193  1.00 49.42 ? 54  ASN A CG  1 
ATOM   402  O  OD1 . ASN B 1 12 ? 6.573   -16.412 -0.096  1.00 52.66 ? 54  ASN A OD1 1 
ATOM   403  N  ND2 . ASN B 1 12 ? 7.554   -14.515 0.624   1.00 51.29 ? 54  ASN A ND2 1 
ATOM   404  N  N   . PRO B 1 13 ? 8.790   -14.596 -4.861  1.00 33.07 ? 55  PRO A N   1 
ATOM   405  C  CA  . PRO B 1 13 ? 9.838   -14.453 -5.873  1.00 31.62 ? 55  PRO A CA  1 
ATOM   406  C  C   . PRO B 1 13 ? 10.832  -13.307 -5.617  1.00 30.72 ? 55  PRO A C   1 
ATOM   407  O  O   . PRO B 1 13 ? 11.949  -13.373 -6.108  1.00 30.52 ? 55  PRO A O   1 
ATOM   408  C  CB  . PRO B 1 13 ? 9.042   -14.163 -7.138  1.00 30.82 ? 55  PRO A CB  1 
ATOM   409  C  CG  . PRO B 1 13 ? 7.866   -13.401 -6.635  1.00 30.22 ? 55  PRO A CG  1 
ATOM   410  C  CD  . PRO B 1 13 ? 7.502   -14.058 -5.335  1.00 30.81 ? 55  PRO A CD  1 
ATOM   411  N  N   . CYS B 1 14 ? 10.441  -12.262 -4.888  1.00 29.94 ? 56  CYS A N   1 
ATOM   412  C  CA  . CYS B 1 14 ? 11.325  -11.084 -4.776  1.00 31.23 ? 56  CYS A CA  1 
ATOM   413  C  C   . CYS B 1 14 ? 12.568  -11.362 -3.928  1.00 29.80 ? 56  CYS A C   1 
ATOM   414  O  O   . CYS B 1 14 ? 12.466  -11.912 -2.832  1.00 30.77 ? 56  CYS A O   1 
ATOM   415  C  CB  . CYS B 1 14 ? 10.571  -9.853  -4.266  1.00 30.27 ? 56  CYS A CB  1 
ATOM   416  S  SG  . CYS B 1 14 ? 9.058   -9.532  -5.179  1.00 33.41 ? 56  CYS A SG  1 
ATOM   417  N  N   . LEU B 1 15 ? 13.739  -11.027 -4.465  1.00 29.22 ? 57  LEU A N   1 
ATOM   418  C  CA  . LEU B 1 15 ? 15.004  -11.218 -3.746  1.00 28.57 ? 57  LEU A CA  1 
ATOM   419  C  C   . LEU B 1 15 ? 15.410  -9.934  -3.031  1.00 29.58 ? 57  LEU A C   1 
ATOM   420  O  O   . LEU B 1 15 ? 14.751  -8.873  -3.166  1.00 27.29 ? 57  LEU A O   1 
ATOM   421  C  CB  . LEU B 1 15 ? 16.132  -11.680 -4.698  1.00 29.56 ? 57  LEU A CB  1 
ATOM   422  C  CG  . LEU B 1 15 ? 15.916  -12.897 -5.621  1.00 29.97 ? 57  LEU A CG  1 
ATOM   423  C  CD1 . LEU B 1 15 ? 17.115  -13.180 -6.520  1.00 28.64 ? 57  LEU A CD1 1 
ATOM   424  C  CD2 . LEU B 1 15 ? 15.578  -14.135 -4.811  1.00 31.72 ? 57  LEU A CD2 1 
ATOM   425  N  N   . ASN B 1 16 ? 16.472  -10.049 -2.239  1.00 28.01 ? 58  ASN A N   1 
ATOM   426  C  CA  . ASN B 1 16 ? 17.218  -8.898  -1.748  1.00 28.48 ? 58  ASN A CA  1 
ATOM   427  C  C   . ASN B 1 16 ? 16.420  -7.901  -0.923  1.00 29.74 ? 58  ASN A C   1 
ATOM   428  O  O   . ASN B 1 16 ? 16.773  -6.723  -0.845  1.00 29.65 ? 58  ASN A O   1 
ATOM   429  C  CB  . ASN B 1 16 ? 17.927  -8.207  -2.908  1.00 27.18 ? 58  ASN A CB  1 
ATOM   430  C  CG  . ASN B 1 16 ? 18.879  -9.133  -3.623  1.00 26.87 ? 58  ASN A CG  1 
ATOM   431  O  OD1 . ASN B 1 16 ? 19.554  -9.927  -2.989  1.00 27.42 ? 58  ASN A OD1 1 
ATOM   432  N  ND2 . ASN B 1 16 ? 18.917  -9.059  -4.945  1.00 26.66 ? 58  ASN A ND2 1 
ATOM   433  N  N   . GLY B 1 17 ? 15.348  -8.385  -0.304  1.00 30.55 ? 59  GLY A N   1 
ATOM   434  C  CA  . GLY B 1 17 ? 14.511  -7.555  0.578   1.00 32.93 ? 59  GLY A CA  1 
ATOM   435  C  C   . GLY B 1 17 ? 13.358  -6.850  -0.113  1.00 35.06 ? 59  GLY A C   1 
ATOM   436  O  O   . GLY B 1 17 ? 12.566  -6.161  0.547   1.00 34.36 ? 59  GLY A O   1 
ATOM   437  N  N   . GLY B 1 18 ? 13.259  -7.029  -1.436  1.00 36.44 ? 60  GLY A N   1 
ATOM   438  C  CA  . GLY B 1 18 ? 12.166  -6.474  -2.254  1.00 32.30 ? 60  GLY A CA  1 
ATOM   439  C  C   . GLY B 1 18 ? 10.788  -6.880  -1.773  1.00 32.65 ? 60  GLY A C   1 
ATOM   440  O  O   . GLY B 1 18 ? 10.605  -7.958  -1.199  1.00 32.80 ? 60  GLY A O   1 
ATOM   441  N  N   . SER B 1 19 ? 9.811   -6.019  -2.005  1.00 31.09 ? 61  SER A N   1 
ATOM   442  C  CA  . SER B 1 19 ? 8.456   -6.275  -1.552  1.00 32.81 ? 61  SER A CA  1 
ATOM   443  C  C   . SER B 1 19 ? 7.560   -6.706  -2.736  1.00 33.18 ? 61  SER A C   1 
ATOM   444  O  O   . SER B 1 19 ? 7.507   -6.013  -3.763  1.00 31.97 ? 61  SER A O   1 
ATOM   445  C  CB  . SER B 1 19 ? 7.934   -5.006  -0.857  1.00 34.65 ? 61  SER A CB  1 
ATOM   446  O  OG  . SER B 1 19 ? 6.544   -5.067  -0.623  1.00 41.81 ? 61  SER A OG  1 
ATOM   447  N  N   . CYS B 1 20 ? 6.874   -7.845  -2.601  1.00 29.41 ? 62  CYS A N   1 
ATOM   448  C  CA  . CYS B 1 20 ? 6.005   -8.361  -3.667  1.00 29.37 ? 62  CYS A CA  1 
ATOM   449  C  C   . CYS B 1 20 ? 4.574   -7.805  -3.574  1.00 28.89 ? 62  CYS A C   1 
ATOM   450  O  O   . CYS B 1 20 ? 3.923   -7.874  -2.530  1.00 25.82 ? 62  CYS A O   1 
ATOM   451  C  CB  . CYS B 1 20 ? 5.981   -9.896  -3.665  1.00 30.98 ? 62  CYS A CB  1 
ATOM   452  S  SG  . CYS B 1 20 ? 5.373   -10.636 -5.215  1.00 31.34 ? 62  CYS A SG  1 
ATOM   453  N  N   . LYS B 1 21 ? 4.108   -7.208  -4.665  1.00 28.81 ? 63  LYS A N   1 
ATOM   454  C  CA  . LYS B 1 21 ? 2.704   -6.791  -4.779  1.00 28.42 ? 63  LYS A CA  1 
ATOM   455  C  C   . LYS B 1 21 ? 2.090   -7.591  -5.922  1.00 28.38 ? 63  LYS A C   1 
ATOM   456  O  O   . LYS B 1 21 ? 2.654   -7.647  -7.032  1.00 27.77 ? 63  LYS A O   1 
ATOM   457  C  CB  . LYS B 1 21 ? 2.577   -5.286  -5.028  1.00 27.93 ? 63  LYS A CB  1 
ATOM   458  C  CG  . LYS B 1 21 ? 1.146   -4.756  -5.022  0.50 27.87 ? 63  LYS A CG  1 
ATOM   459  C  CD  . LYS B 1 21 ? 1.127   -3.235  -5.005  0.50 28.37 ? 63  LYS A CD  1 
ATOM   460  C  CE  . LYS B 1 21 ? 0.130   -2.664  -6.007  0.50 29.28 ? 63  LYS A CE  1 
ATOM   461  N  NZ  . LYS B 1 21 ? -1.287  -2.904  -5.626  0.50 28.23 ? 63  LYS A NZ  1 
ATOM   462  N  N   . ASP B 1 22 ? 0.966   -8.245  -5.627  1.00 26.86 ? 64  ASP A N   1 
ATOM   463  C  CA  . ASP B 1 22 ? 0.292   -9.096  -6.593  1.00 25.72 ? 64  ASP A CA  1 
ATOM   464  C  C   . ASP B 1 22 ? -0.422  -8.228  -7.610  1.00 25.90 ? 64  ASP A C   1 
ATOM   465  O  O   . ASP B 1 22 ? -0.985  -7.195  -7.253  1.00 25.24 ? 64  ASP A O   1 
ATOM   466  C  CB  . ASP B 1 22 ? -0.733  -9.986  -5.891  1.00 23.89 ? 64  ASP A CB  1 
ATOM   467  C  CG  . ASP B 1 22 ? -1.549  -10.820 -6.874  1.00 23.00 ? 64  ASP A CG  1 
ATOM   468  O  OD1 . ASP B 1 22 ? -0.974  -11.689 -7.580  1.00 21.12 ? 64  ASP A OD1 1 
ATOM   469  O  OD2 . ASP B 1 22 ? -2.770  -10.584 -6.951  1.00 21.68 ? 64  ASP A OD2 1 
ATOM   470  N  N   . ASP B 1 23 ? -0.397  -8.648  -8.870  1.00 25.04 ? 65  ASP A N   1 
ATOM   471  C  CA  . ASP B 1 23 ? -1.183  -7.978  -9.908  1.00 25.64 ? 65  ASP A CA  1 
ATOM   472  C  C   . ASP B 1 23 ? -1.939  -9.042  -10.750 1.00 26.93 ? 65  ASP A C   1 
ATOM   473  O  O   . ASP B 1 23 ? -1.960  -10.229 -10.387 1.00 24.90 ? 65  ASP A O   1 
ATOM   474  C  CB  . ASP B 1 23 ? -0.265  -7.089  -10.765 1.00 25.24 ? 65  ASP A CB  1 
ATOM   475  C  CG  . ASP B 1 23 ? -1.022  -6.018  -11.516 0.50 23.97 ? 65  ASP A CG  1 
ATOM   476  O  OD1 . ASP B 1 23 ? -1.678  -6.323  -12.530 0.50 22.44 ? 65  ASP A OD1 1 
ATOM   477  O  OD2 . ASP B 1 23 ? -0.942  -4.858  -11.098 0.50 24.62 ? 65  ASP A OD2 1 
ATOM   478  N  N   . ILE B 1 24 ? -2.540  -8.628  -11.867 1.00 26.97 ? 66  ILE A N   1 
ATOM   479  C  CA  . ILE B 1 24 ? -3.353  -9.537  -12.668 1.00 29.07 ? 66  ILE A CA  1 
ATOM   480  C  C   . ILE B 1 24 ? -2.446  -10.521 -13.380 1.00 29.07 ? 66  ILE A C   1 
ATOM   481  O  O   . ILE B 1 24 ? -1.626  -10.141 -14.226 1.00 30.73 ? 66  ILE A O   1 
ATOM   482  C  CB  . ILE B 1 24 ? -4.256  -8.777  -13.663 1.00 32.09 ? 66  ILE A CB  1 
ATOM   483  C  CG1 . ILE B 1 24 ? -5.157  -7.781  -12.911 1.00 33.11 ? 66  ILE A CG1 1 
ATOM   484  C  CG2 . ILE B 1 24 ? -5.109  -9.745  -14.490 1.00 30.48 ? 66  ILE A CG2 1 
ATOM   485  C  CD1 . ILE B 1 24 ? -5.670  -6.646  -13.779 1.00 34.65 ? 66  ILE A CD1 1 
ATOM   486  N  N   . ASN B 1 25 ? -2.548  -11.784 -12.995 1.00 27.75 ? 67  ASN A N   1 
ATOM   487  C  CA  . ASN B 1 25 ? -1.782  -12.831 -13.646 1.00 29.40 ? 67  ASN A CA  1 
ATOM   488  C  C   . ASN B 1 25 ? -0.294  -12.502 -13.678 1.00 29.48 ? 67  ASN A C   1 
ATOM   489  O  O   . ASN B 1 25 ? 0.397   -12.778 -14.677 1.00 31.60 ? 67  ASN A O   1 
ATOM   490  C  CB  . ASN B 1 25 ? -2.325  -13.038 -15.079 1.00 32.19 ? 67  ASN A CB  1 
ATOM   491  C  CG  . ASN B 1 25 ? -1.850  -14.321 -15.707 1.00 33.05 ? 67  ASN A CG  1 
ATOM   492  O  OD1 . ASN B 1 25 ? -1.844  -15.362 -15.063 1.00 33.70 ? 67  ASN A OD1 1 
ATOM   493  N  ND2 . ASN B 1 25 ? -1.438  -14.252 -16.980 1.00 34.44 ? 67  ASN A ND2 1 
ATOM   494  N  N   . SER B 1 26 ? 0.203   -11.918 -12.589 1.00 27.36 ? 68  SER A N   1 
ATOM   495  C  CA  . SER B 1 26 ? 1.585   -11.411 -12.515 1.00 27.05 ? 68  SER A CA  1 
ATOM   496  C  C   . SER B 1 26 ? 1.871   -10.783 -11.143 1.00 27.38 ? 68  SER A C   1 
ATOM   497  O  O   . SER B 1 26 ? 0.966   -10.592 -10.335 1.00 27.58 ? 68  SER A O   1 
ATOM   498  C  CB  . SER B 1 26 ? 1.835   -10.358 -13.603 1.00 25.27 ? 68  SER A CB  1 
ATOM   499  O  OG  . SER B 1 26 ? 1.031   -9.219  -13.383 1.00 25.68 ? 68  SER A OG  1 
ATOM   500  N  N   . TYR B 1 27 ? 3.130   -10.459 -10.888 1.00 26.40 ? 69  TYR A N   1 
ATOM   501  C  CA  . TYR B 1 27 ? 3.470   -9.713  -9.690  1.00 26.89 ? 69  TYR A CA  1 
ATOM   502  C  C   . TYR B 1 27 ? 4.440   -8.617  -10.069 1.00 28.42 ? 69  TYR A C   1 
ATOM   503  O  O   . TYR B 1 27 ? 5.076   -8.704  -11.112 1.00 30.55 ? 69  TYR A O   1 
ATOM   504  C  CB  . TYR B 1 27 ? 4.110   -10.630 -8.650  1.00 24.89 ? 69  TYR A CB  1 
ATOM   505  C  CG  . TYR B 1 27 ? 5.358   -11.330 -9.140  1.00 24.48 ? 69  TYR A CG  1 
ATOM   506  C  CD1 . TYR B 1 27 ? 6.615   -10.696 -9.095  1.00 23.82 ? 69  TYR A CD1 1 
ATOM   507  C  CD2 . TYR B 1 27 ? 5.294   -12.625 -9.642  1.00 23.45 ? 69  TYR A CD2 1 
ATOM   508  C  CE1 . TYR B 1 27 ? 7.765   -11.339 -9.549  1.00 22.91 ? 69  TYR A CE1 1 
ATOM   509  C  CE2 . TYR B 1 27 ? 6.435   -13.265 -10.091 1.00 23.75 ? 69  TYR A CE2 1 
ATOM   510  C  CZ  . TYR B 1 27 ? 7.663   -12.619 -10.046 1.00 23.36 ? 69  TYR A CZ  1 
ATOM   511  O  OH  . TYR B 1 27 ? 8.787   -13.276 -10.488 1.00 23.59 ? 69  TYR A OH  1 
ATOM   512  N  N   . GLU B 1 28 ? 4.534   -7.594  -9.224  1.00 30.08 ? 70  GLU A N   1 
ATOM   513  C  CA  . GLU B 1 28 ? 5.610   -6.618  -9.274  1.00 31.56 ? 70  GLU A CA  1 
ATOM   514  C  C   . GLU B 1 28 ? 6.447   -6.685  -7.989  1.00 31.22 ? 70  GLU A C   1 
ATOM   515  O  O   . GLU B 1 28 ? 5.906   -6.724  -6.879  1.00 28.95 ? 70  GLU A O   1 
ATOM   516  C  CB  . GLU B 1 28 ? 5.053   -5.200  -9.440  1.00 34.59 ? 70  GLU A CB  1 
ATOM   517  C  CG  . GLU B 1 28 ? 4.776   -4.793  -10.877 0.50 38.69 ? 70  GLU A CG  1 
ATOM   518  C  CD  . GLU B 1 28 ? 3.341   -5.045  -11.301 0.50 41.22 ? 70  GLU A CD  1 
ATOM   519  O  OE1 . GLU B 1 28 ? 2.427   -4.817  -10.472 0.50 43.04 ? 70  GLU A OE1 1 
ATOM   520  O  OE2 . GLU B 1 28 ? 3.128   -5.453  -12.471 0.50 40.81 ? 70  GLU A OE2 1 
ATOM   521  N  N   . CYS B 1 29 ? 7.767   -6.677  -8.144  1.00 30.05 ? 71  CYS A N   1 
ATOM   522  C  CA  . CYS B 1 29 ? 8.653   -6.544  -7.003  1.00 30.04 ? 71  CYS A CA  1 
ATOM   523  C  C   . CYS B 1 29 ? 9.012   -5.064  -6.781  1.00 31.97 ? 71  CYS A C   1 
ATOM   524  O  O   . CYS B 1 29 ? 9.525   -4.397  -7.680  1.00 30.32 ? 71  CYS A O   1 
ATOM   525  C  CB  . CYS B 1 29 ? 9.914   -7.382  -7.201  1.00 28.88 ? 71  CYS A CB  1 
ATOM   526  S  SG  . CYS B 1 29 ? 9.655   -9.162  -7.089  1.00 31.32 ? 71  CYS A SG  1 
ATOM   527  N  N   . TRP B 1 30 ? 8.727   -4.548  -5.589  1.00 33.29 ? 72  TRP A N   1 
ATOM   528  C  CA  . TRP B 1 30 ? 9.174   -3.210  -5.235  1.00 34.32 ? 72  TRP A CA  1 
ATOM   529  C  C   . TRP B 1 30 ? 10.532  -3.345  -4.635  1.00 33.45 ? 72  TRP A C   1 
ATOM   530  O  O   . TRP B 1 30 ? 10.688  -3.879  -3.535  1.00 33.23 ? 72  TRP A O   1 
ATOM   531  C  CB  . TRP B 1 30 ? 8.183   -2.533  -4.303  1.00 38.08 ? 72  TRP A CB  1 
ATOM   532  C  CG  . TRP B 1 30 ? 6.914   -2.183  -5.034  1.00 45.31 ? 72  TRP A CG  1 
ATOM   533  C  CD1 . TRP B 1 30 ? 5.856   -3.031  -5.351  1.00 46.58 ? 72  TRP A CD1 1 
ATOM   534  C  CD2 . TRP B 1 30 ? 6.537   -0.884  -5.600  1.00 49.08 ? 72  TRP A CD2 1 
ATOM   535  N  NE1 . TRP B 1 30 ? 4.879   -2.363  -6.043  1.00 47.21 ? 72  TRP A NE1 1 
ATOM   536  C  CE2 . TRP B 1 30 ? 5.219   -1.075  -6.225  1.00 50.54 ? 72  TRP A CE2 1 
ATOM   537  C  CE3 . TRP B 1 30 ? 7.131   0.375   -5.650  1.00 53.76 ? 72  TRP A CE3 1 
ATOM   538  C  CZ2 . TRP B 1 30 ? 4.546   -0.039  -6.864  1.00 54.63 ? 72  TRP A CZ2 1 
ATOM   539  C  CZ3 . TRP B 1 30 ? 6.443   1.415   -6.301  1.00 56.45 ? 72  TRP A CZ3 1 
ATOM   540  C  CH2 . TRP B 1 30 ? 5.183   1.213   -6.891  1.00 56.48 ? 72  TRP A CH2 1 
ATOM   541  N  N   . CYS B 1 31 ? 11.535  -2.900  -5.385  1.00 32.99 ? 73  CYS A N   1 
ATOM   542  C  CA  . CYS B 1 31 ? 12.921  -3.162  -5.055  1.00 34.83 ? 73  CYS A CA  1 
ATOM   543  C  C   . CYS B 1 31 ? 13.475  -2.117  -4.084  1.00 38.75 ? 73  CYS A C   1 
ATOM   544  O  O   . CYS B 1 31 ? 12.973  -0.984  -4.032  1.00 36.57 ? 73  CYS A O   1 
ATOM   545  C  CB  . CYS B 1 31 ? 13.773  -3.222  -6.330  1.00 35.88 ? 73  CYS A CB  1 
ATOM   546  S  SG  . CYS B 1 31 ? 13.359  -4.579  -7.465  1.00 35.26 ? 73  CYS A SG  1 
ATOM   547  N  N   . PRO B 1 32 ? 14.505  -2.503  -3.297  1.00 38.63 ? 74  PRO A N   1 
ATOM   548  C  CA  . PRO B 1 32 ? 15.166  -1.528  -2.460  1.00 38.44 ? 74  PRO A CA  1 
ATOM   549  C  C   . PRO B 1 32 ? 16.054  -0.623  -3.313  1.00 40.68 ? 74  PRO A C   1 
ATOM   550  O  O   . PRO B 1 32 ? 16.328  -0.931  -4.485  1.00 37.30 ? 74  PRO A O   1 
ATOM   551  C  CB  . PRO B 1 32 ? 16.010  -2.388  -1.502  1.00 38.81 ? 74  PRO A CB  1 
ATOM   552  C  CG  . PRO B 1 32 ? 15.582  -3.797  -1.717  1.00 37.73 ? 74  PRO A CG  1 
ATOM   553  C  CD  . PRO B 1 32 ? 15.090  -3.843  -3.127  1.00 38.16 ? 74  PRO A CD  1 
ATOM   554  N  N   . PHE B 1 33 ? 16.466  0.497   -2.716  1.00 45.03 ? 75  PHE A N   1 
ATOM   555  C  CA  . PHE B 1 33 ? 17.324  1.504   -3.344  1.00 47.70 ? 75  PHE A CA  1 
ATOM   556  C  C   . PHE B 1 33 ? 18.505  0.845   -4.058  1.00 43.53 ? 75  PHE A C   1 
ATOM   557  O  O   . PHE B 1 33 ? 19.220  0.051   -3.457  1.00 44.73 ? 75  PHE A O   1 
ATOM   558  C  CB  . PHE B 1 33 ? 17.764  2.523   -2.260  1.00 54.04 ? 75  PHE A CB  1 
ATOM   559  C  CG  . PHE B 1 33 ? 19.095  3.188   -2.516  1.00 59.61 ? 75  PHE A CG  1 
ATOM   560  C  CD1 . PHE B 1 33 ? 19.206  4.242   -3.420  1.00 62.62 ? 75  PHE A CD1 1 
ATOM   561  C  CD2 . PHE B 1 33 ? 20.236  2.776   -1.828  1.00 62.32 ? 75  PHE A CD2 1 
ATOM   562  C  CE1 . PHE B 1 33 ? 20.431  4.854   -3.649  1.00 64.83 ? 75  PHE A CE1 1 
ATOM   563  C  CE2 . PHE B 1 33 ? 21.465  3.387   -2.047  1.00 66.70 ? 75  PHE A CE2 1 
ATOM   564  C  CZ  . PHE B 1 33 ? 21.562  4.429   -2.961  1.00 67.03 ? 75  PHE A CZ  1 
ATOM   565  N  N   . GLY B 1 34 ? 18.658  1.130   -5.350  1.00 40.34 ? 76  GLY A N   1 
ATOM   566  C  CA  . GLY B 1 34 ? 19.782  0.602   -6.151  1.00 40.99 ? 76  GLY A CA  1 
ATOM   567  C  C   . GLY B 1 34 ? 19.702  -0.837  -6.667  1.00 39.72 ? 76  GLY A C   1 
ATOM   568  O  O   . GLY B 1 34 ? 20.655  -1.345  -7.268  1.00 39.25 ? 76  GLY A O   1 
ATOM   569  N  N   . PHE B 1 35 ? 18.586  -1.512  -6.424  1.00 36.28 ? 77  PHE A N   1 
ATOM   570  C  CA  . PHE B 1 35 ? 18.385  -2.834  -7.007  1.00 35.33 ? 77  PHE A CA  1 
ATOM   571  C  C   . PHE B 1 35 ? 17.334  -2.755  -8.109  1.00 33.97 ? 77  PHE A C   1 
ATOM   572  O  O   . PHE B 1 35 ? 16.365  -2.016  -7.981  1.00 32.28 ? 77  PHE A O   1 
ATOM   573  C  CB  . PHE B 1 35 ? 17.970  -3.859  -5.938  1.00 33.22 ? 77  PHE A CB  1 
ATOM   574  C  CG  . PHE B 1 35 ? 19.106  -4.332  -5.070  1.00 33.09 ? 77  PHE A CG  1 
ATOM   575  C  CD1 . PHE B 1 35 ? 19.369  -3.719  -3.855  1.00 32.02 ? 77  PHE A CD1 1 
ATOM   576  C  CD2 . PHE B 1 35 ? 19.906  -5.405  -5.465  1.00 34.37 ? 77  PHE A CD2 1 
ATOM   577  C  CE1 . PHE B 1 35 ? 20.415  -4.145  -3.058  1.00 32.78 ? 77  PHE A CE1 1 
ATOM   578  C  CE2 . PHE B 1 35 ? 20.957  -5.845  -4.666  1.00 34.97 ? 77  PHE A CE2 1 
ATOM   579  C  CZ  . PHE B 1 35 ? 21.212  -5.208  -3.455  1.00 33.99 ? 77  PHE A CZ  1 
ATOM   580  N  N   . GLU B 1 36 ? 17.524  -3.538  -9.172  1.00 35.18 ? 78  GLU A N   1 
ATOM   581  C  CA  . GLU B 1 36 ? 16.608  -3.565  -10.328 1.00 34.76 ? 78  GLU A CA  1 
ATOM   582  C  C   . GLU B 1 36 ? 16.298  -5.002  -10.744 1.00 34.15 ? 78  GLU A C   1 
ATOM   583  O  O   . GLU B 1 36 ? 16.784  -5.961  -10.135 1.00 33.17 ? 78  GLU A O   1 
ATOM   584  C  CB  . GLU B 1 36 ? 17.229  -2.851  -11.548 1.00 34.43 ? 78  GLU A CB  1 
ATOM   585  C  CG  . GLU B 1 36 ? 18.003  -1.572  -11.283 0.50 35.70 ? 78  GLU A CG  1 
ATOM   586  C  CD  . GLU B 1 36 ? 18.587  -0.977  -12.554 0.50 36.76 ? 78  GLU A CD  1 
ATOM   587  O  OE1 . GLU B 1 36 ? 18.749  -1.716  -13.550 0.50 35.77 ? 78  GLU A OE1 1 
ATOM   588  O  OE2 . GLU B 1 36 ? 18.893  0.235   -12.557 0.50 38.39 ? 78  GLU A OE2 1 
ATOM   589  N  N   . GLY B 1 37 ? 15.518  -5.143  -11.811 1.00 32.74 ? 79  GLY A N   1 
ATOM   590  C  CA  . GLY B 1 37 ? 15.208  -6.443  -12.369 1.00 31.40 ? 79  GLY A CA  1 
ATOM   591  C  C   . GLY B 1 37 ? 13.874  -6.950  -11.886 1.00 32.87 ? 79  GLY A C   1 
ATOM   592  O  O   . GLY B 1 37 ? 13.341  -6.465  -10.878 1.00 31.92 ? 79  GLY A O   1 
ATOM   593  N  N   . LYS B 1 38 ? 13.338  -7.931  -12.620 1.00 32.99 ? 80  LYS A N   1 
ATOM   594  C  CA  . LYS B 1 38 ? 12.062  -8.576  -12.316 1.00 33.68 ? 80  LYS A CA  1 
ATOM   595  C  C   . LYS B 1 38 ? 11.929  -8.958  -10.829 1.00 31.68 ? 80  LYS A C   1 
ATOM   596  O  O   . LYS B 1 38 ? 10.892  -8.711  -10.197 1.00 30.64 ? 80  LYS A O   1 
ATOM   597  C  CB  . LYS B 1 38 ? 11.911  -9.832  -13.206 1.00 36.23 ? 80  LYS A CB  1 
ATOM   598  C  CG  . LYS B 1 38 ? 10.825  -10.809 -12.774 1.00 39.45 ? 80  LYS A CG  1 
ATOM   599  C  CD  . LYS B 1 38 ? 10.897  -12.140 -13.518 1.00 42.61 ? 80  LYS A CD  1 
ATOM   600  C  CE  . LYS B 1 38 ? 9.857   -12.214 -14.623 1.00 45.39 ? 80  LYS A CE  1 
ATOM   601  N  NZ  . LYS B 1 38 ? 9.895   -13.525 -15.330 1.00 47.12 ? 80  LYS A NZ  1 
ATOM   602  N  N   . ASN B 1 39 ? 12.981  -9.576  -10.303 1.00 30.76 ? 81  ASN A N   1 
ATOM   603  C  CA  . ASN B 1 39 ? 13.003  -10.102 -8.941  1.00 31.95 ? 81  ASN A CA  1 
ATOM   604  C  C   . ASN B 1 39 ? 13.940  -9.340  -7.994  1.00 30.70 ? 81  ASN A C   1 
ATOM   605  O  O   . ASN B 1 39 ? 14.251  -9.828  -6.911  1.00 31.35 ? 81  ASN A O   1 
ATOM   606  C  CB  . ASN B 1 39 ? 13.375  -11.596 -8.969  1.00 32.88 ? 81  ASN A CB  1 
ATOM   607  C  CG  . ASN B 1 39 ? 12.290  -12.469 -9.613  1.00 35.09 ? 81  ASN A CG  1 
ATOM   608  O  OD1 . ASN B 1 39 ? 11.104  -12.152 -9.555  1.00 36.98 ? 81  ASN A OD1 1 
ATOM   609  N  ND2 . ASN B 1 39 ? 12.698  -13.576 -10.209 1.00 35.58 ? 81  ASN A ND2 1 
ATOM   610  N  N   . CYS B 1 40 ? 14.370  -8.144  -8.403  1.00 31.26 ? 82  CYS A N   1 
ATOM   611  C  CA  . CYS B 1 40 ? 15.316  -7.289  -7.644  1.00 31.46 ? 82  CYS A CA  1 
ATOM   612  C  C   . CYS B 1 40 ? 16.704  -7.872  -7.550  1.00 31.13 ? 82  CYS A C   1 
ATOM   613  O  O   . CYS B 1 40 ? 17.456  -7.546  -6.631  1.00 32.26 ? 82  CYS A O   1 
ATOM   614  C  CB  . CYS B 1 40 ? 14.815  -6.974  -6.234  1.00 30.43 ? 82  CYS A CB  1 
ATOM   615  S  SG  . CYS B 1 40 ? 13.175  -6.257  -6.245  1.00 35.37 ? 82  CYS A SG  1 
ATOM   616  N  N   . GLU B 1 41 ? 17.044  -8.712  -8.523  1.00 31.34 ? 83  GLU A N   1 
ATOM   617  C  CA  . GLU B 1 41 ? 18.302  -9.448  -8.536  1.00 32.83 ? 83  GLU A CA  1 
ATOM   618  C  C   . GLU B 1 41 ? 19.516  -8.647  -9.066  1.00 34.31 ? 83  GLU A C   1 
ATOM   619  O  O   . GLU B 1 41 ? 20.660  -9.047  -8.845  1.00 33.89 ? 83  GLU A O   1 
ATOM   620  C  CB  . GLU B 1 41 ? 18.117  -10.752 -9.330  1.00 34.53 ? 83  GLU A CB  1 
ATOM   621  C  CG  . GLU B 1 41 ? 18.145  -10.591 -10.853 1.00 38.68 ? 83  GLU A CG  1 
ATOM   622  C  CD  . GLU B 1 41 ? 16.835  -10.114 -11.482 1.00 39.41 ? 83  GLU A CD  1 
ATOM   623  O  OE1 . GLU B 1 41 ? 15.877  -9.742  -10.776 1.00 38.32 ? 83  GLU A OE1 1 
ATOM   624  O  OE2 . GLU B 1 41 ? 16.768  -10.108 -12.725 1.00 43.70 ? 83  GLU A OE2 1 
ATOM   625  N  N   . LEU B 1 42 ? 19.261  -7.524  -9.749  1.00 35.03 ? 84  LEU A N   1 
ATOM   626  C  CA  . LEU B 1 42 ? 20.326  -6.721  -10.377 1.00 36.44 ? 84  LEU A CA  1 
ATOM   627  C  C   . LEU B 1 42 ? 20.723  -5.496  -9.561  1.00 35.28 ? 84  LEU A C   1 
ATOM   628  O  O   . LEU B 1 42 ? 19.870  -4.735  -9.110  1.00 33.88 ? 84  LEU A O   1 
ATOM   629  C  CB  . LEU B 1 42 ? 19.920  -6.258  -11.783 1.00 38.16 ? 84  LEU A CB  1 
ATOM   630  C  CG  . LEU B 1 42 ? 19.565  -7.238  -12.902 1.00 41.64 ? 84  LEU A CG  1 
ATOM   631  C  CD1 . LEU B 1 42 ? 19.041  -6.458  -14.102 1.00 42.17 ? 84  LEU A CD1 1 
ATOM   632  C  CD2 . LEU B 1 42 ? 20.751  -8.103  -13.303 1.00 41.87 ? 84  LEU A CD2 1 
ATOM   633  N  N   . LEU B 1 43 ? 22.026  -5.293  -9.428  1.00 38.16 ? 85  LEU A N   1 
ATOM   634  C  CA  . LEU B 1 43 ? 22.577  -4.206  -8.623  1.00 42.95 ? 85  LEU A CA  1 
ATOM   635  C  C   . LEU B 1 43 ? 22.640  -2.867  -9.368  1.00 44.45 ? 85  LEU A C   1 
ATOM   636  O  O   . LEU B 1 43 ? 22.867  -2.826  -10.575 1.00 46.85 ? 85  LEU A O   1 
ATOM   637  C  CB  . LEU B 1 43 ? 23.960  -4.595  -8.083  1.00 44.91 ? 85  LEU A CB  1 
ATOM   638  C  CG  . LEU B 1 43 ? 24.204  -4.194  -6.628  1.00 48.63 ? 85  LEU A CG  1 
ATOM   639  C  CD1 . LEU B 1 43 ? 24.911  -5.306  -5.865  1.00 51.37 ? 85  LEU A CD1 1 
ATOM   640  C  CD2 . LEU B 1 43 ? 24.980  -2.884  -6.557  1.00 51.08 ? 85  LEU A CD2 1 
ATOM   641  N  N   . ASP C 1 2  ? 8.116   24.586  -17.065 1.00 41.88 ? 44  ASP C N   1 
ATOM   642  C  CA  . ASP C 1 2  ? 7.344   25.129  -15.907 1.00 41.15 ? 44  ASP C CA  1 
ATOM   643  C  C   . ASP C 1 2  ? 7.872   24.658  -14.551 1.00 37.55 ? 44  ASP C C   1 
ATOM   644  O  O   . ASP C 1 2  ? 8.525   23.620  -14.444 1.00 35.57 ? 44  ASP C O   1 
ATOM   645  C  CB  . ASP C 1 2  ? 5.866   24.749  -16.012 1.00 44.04 ? 44  ASP C CB  1 
ATOM   646  C  CG  . ASP C 1 2  ? 5.203   25.286  -17.269 1.00 49.28 ? 44  ASP C CG  1 
ATOM   647  O  OD1 . ASP C 1 2  ? 4.907   26.500  -17.318 1.00 51.47 ? 44  ASP C OD1 1 
ATOM   648  O  OD2 . ASP C 1 2  ? 4.952   24.477  -18.196 1.00 51.72 ? 44  ASP C OD2 1 
ATOM   649  N  N   . ILE C 1 3  ? 7.567   25.430  -13.513 1.00 37.98 ? 45  ILE C N   1 
ATOM   650  C  CA  . ILE C 1 3  ? 7.810   25.001  -12.134 1.00 38.35 ? 45  ILE C CA  1 
ATOM   651  C  C   . ILE C 1 3  ? 6.496   24.512  -11.532 1.00 36.96 ? 45  ILE C C   1 
ATOM   652  O  O   . ILE C 1 3  ? 5.491   25.237  -11.513 1.00 34.90 ? 45  ILE C O   1 
ATOM   653  C  CB  . ILE C 1 3  ? 8.391   26.132  -11.257 1.00 39.46 ? 45  ILE C CB  1 
ATOM   654  C  CG1 . ILE C 1 3  ? 9.639   26.741  -11.918 1.00 42.04 ? 45  ILE C CG1 1 
ATOM   655  C  CG2 . ILE C 1 3  ? 8.717   25.599  -9.871  1.00 40.20 ? 45  ILE C CG2 1 
ATOM   656  C  CD1 . ILE C 1 3  ? 10.314  27.847  -11.121 1.00 43.49 ? 45  ILE C CD1 1 
ATOM   657  N  N   . VAL C 1 4  ? 6.493   23.275  -11.051 1.00 36.88 ? 46  VAL C N   1 
ATOM   658  C  CA  . VAL C 1 4  ? 5.295   22.753  -10.409 1.00 38.23 ? 46  VAL C CA  1 
ATOM   659  C  C   . VAL C 1 4  ? 5.525   22.396  -8.952  1.00 39.83 ? 46  VAL C C   1 
ATOM   660  O  O   . VAL C 1 4  ? 6.627   22.016  -8.536  1.00 38.92 ? 46  VAL C O   1 
ATOM   661  C  CB  . VAL C 1 4  ? 4.684   21.530  -11.134 1.00 39.16 ? 46  VAL C CB  1 
ATOM   662  C  CG1 . VAL C 1 4  ? 4.252   21.884  -12.557 1.00 37.48 ? 46  VAL C CG1 1 
ATOM   663  C  CG2 . VAL C 1 4  ? 5.635   20.346  -11.112 1.00 39.29 ? 46  VAL C CG2 1 
ATOM   664  N  N   . ASP C 1 5  ? 4.479   22.546  -8.164  1.00 40.39 ? 47  ASP C N   1 
ATOM   665  C  CA  . ASP C 1 5  ? 4.451   21.808  -6.938  1.00 42.84 ? 47  ASP C CA  1 
ATOM   666  C  C   . ASP C 1 5  ? 3.420   20.704  -7.115  1.00 42.52 ? 47  ASP C C   1 
ATOM   667  O  O   . ASP C 1 5  ? 2.248   20.954  -7.520  1.00 38.49 ? 47  ASP C O   1 
ATOM   668  C  CB  . ASP C 1 5  ? 4.172   22.678  -5.724  1.00 42.82 ? 47  ASP C CB  1 
ATOM   669  C  CG  . ASP C 1 5  ? 4.453   21.941  -4.438  1.00 50.14 ? 47  ASP C CG  1 
ATOM   670  O  OD1 . ASP C 1 5  ? 5.366   21.076  -4.461  1.00 51.90 ? 47  ASP C OD1 1 
ATOM   671  O  OD2 . ASP C 1 5  ? 3.754   22.194  -3.432  1.00 49.75 ? 47  ASP C OD2 1 
ATOM   672  N  N   . GLY C 1 6  ? 3.884   19.482  -6.856  1.00 40.94 ? 48  GLY C N   1 
ATOM   673  C  CA  . GLY C 1 6  ? 3.065   18.293  -7.054  1.00 40.96 ? 48  GLY C CA  1 
ATOM   674  C  C   . GLY C 1 6  ? 2.171   18.002  -5.867  1.00 38.99 ? 48  GLY C C   1 
ATOM   675  O  O   . GLY C 1 6  ? 2.062   18.810  -4.943  1.00 39.46 ? 48  GLY C O   1 
ATOM   676  N  N   . ASP C 1 7  ? 1.528   16.843  -5.931  1.00 36.73 ? 49  ASP C N   1 
ATOM   677  C  CA  . ASP C 1 7  ? 0.672   16.321  -4.892  1.00 36.13 ? 49  ASP C CA  1 
ATOM   678  C  C   . ASP C 1 7  ? 1.532   15.462  -3.955  1.00 34.78 ? 49  ASP C C   1 
ATOM   679  O  O   . ASP C 1 7  ? 1.926   14.356  -4.305  1.00 33.32 ? 49  ASP C O   1 
ATOM   680  C  CB  . ASP C 1 7  ? -0.421  15.474  -5.551  1.00 36.36 ? 49  ASP C CB  1 
ATOM   681  C  CG  . ASP C 1 7  ? -1.521  15.072  -4.597  1.00 38.45 ? 49  ASP C CG  1 
ATOM   682  O  OD1 . ASP C 1 7  ? -1.384  15.293  -3.375  1.00 36.61 ? 49  ASP C OD1 1 
ATOM   683  O  OD2 . ASP C 1 7  ? -2.541  14.525  -5.076  1.00 39.79 ? 49  ASP C OD2 1 
ATOM   684  N  N   . GLN C 1 8  ? 1.837   15.981  -2.772  1.00 34.01 ? 50  GLN C N   1 
ATOM   685  C  CA  . GLN C 1 8  ? 2.650   15.245  -1.797  1.00 34.27 ? 50  GLN C CA  1 
ATOM   686  C  C   . GLN C 1 8  ? 1.871   14.089  -1.150  1.00 34.15 ? 50  GLN C C   1 
ATOM   687  O  O   . GLN C 1 8  ? 2.453   13.288  -0.416  1.00 33.20 ? 50  GLN C O   1 
ATOM   688  C  CB  . GLN C 1 8  ? 3.196   16.188  -0.717  1.00 34.12 ? 50  GLN C CB  1 
ATOM   689  C  CG  . GLN C 1 8  ? 4.434   16.982  -1.139  1.00 35.03 ? 50  GLN C CG  1 
ATOM   690  C  CD  . GLN C 1 8  ? 4.123   18.139  -2.082  1.00 35.12 ? 50  GLN C CD  1 
ATOM   691  O  OE1 . GLN C 1 8  ? 3.133   18.860  -1.908  1.00 33.40 ? 50  GLN C OE1 1 
ATOM   692  N  NE2 . GLN C 1 8  ? 4.982   18.334  -3.077  1.00 33.97 ? 50  GLN C NE2 1 
ATOM   693  N  N   . CYS C 1 9  ? 0.564   14.016  -1.429  1.00 31.86 ? 51  CYS C N   1 
ATOM   694  C  CA  . CYS C 1 9  ? -0.301  12.939  -0.946  1.00 32.47 ? 51  CYS C CA  1 
ATOM   695  C  C   . CYS C 1 9  ? -0.221  11.703  -1.853  1.00 35.11 ? 51  CYS C C   1 
ATOM   696  O  O   . CYS C 1 9  ? -0.785  10.647  -1.545  1.00 32.50 ? 51  CYS C O   1 
ATOM   697  C  CB  . CYS C 1 9  ? -1.744  13.421  -0.846  1.00 31.44 ? 51  CYS C CB  1 
ATOM   698  S  SG  . CYS C 1 9  ? -2.015  14.587  0.507   1.00 31.73 ? 51  CYS C SG  1 
ATOM   699  N  N   . GLU C 1 10 ? 0.488   11.867  -2.966  1.00 37.82 ? 52  GLU C N   1 
ATOM   700  C  CA  . GLU C 1 10 ? 0.811   10.819  -3.935  1.00 42.04 ? 52  GLU C CA  1 
ATOM   701  C  C   . GLU C 1 10 ? 1.150   9.497   -3.260  1.00 40.94 ? 52  GLU C C   1 
ATOM   702  O  O   . GLU C 1 10 ? 0.559   8.460   -3.568  1.00 39.76 ? 52  GLU C O   1 
ATOM   703  C  CB  . GLU C 1 10 ? 2.054   11.278  -4.683  1.00 44.53 ? 52  GLU C CB  1 
ATOM   704  C  CG  . GLU C 1 10 ? 2.039   11.070  -6.176  1.00 52.23 ? 52  GLU C CG  1 
ATOM   705  C  CD  . GLU C 1 10 ? 2.880   12.122  -6.882  1.00 53.85 ? 52  GLU C CD  1 
ATOM   706  O  OE1 . GLU C 1 10 ? 2.309   12.836  -7.734  1.00 56.70 ? 52  GLU C OE1 1 
ATOM   707  O  OE2 . GLU C 1 10 ? 4.089   12.260  -6.554  1.00 52.22 ? 52  GLU C OE2 1 
ATOM   708  N  N   . SER C 1 11 ? 2.127   9.560   -2.352  1.00 40.92 ? 53  SER C N   1 
ATOM   709  C  CA  . SER C 1 11 ? 2.684   8.388   -1.657  1.00 41.95 ? 53  SER C CA  1 
ATOM   710  C  C   . SER C 1 11 ? 1.766   7.752   -0.595  1.00 41.80 ? 53  SER C C   1 
ATOM   711  O  O   . SER C 1 11 ? 2.163   6.789   0.066   1.00 43.45 ? 53  SER C O   1 
ATOM   712  C  CB  . SER C 1 11 ? 4.036   8.755   -1.026  1.00 39.70 ? 53  SER C CB  1 
ATOM   713  O  OG  . SER C 1 11 ? 3.950   9.942   -0.252  1.00 36.77 ? 53  SER C OG  1 
ATOM   714  N  N   . ASN C 1 12 ? 0.549   8.284   -0.458  1.00 40.93 ? 54  ASN C N   1 
ATOM   715  C  CA  . ASN C 1 12 ? -0.438  7.852   0.557   1.00 41.97 ? 54  ASN C CA  1 
ATOM   716  C  C   . ASN C 1 12 ? 0.120   7.709   1.988   1.00 36.39 ? 54  ASN C C   1 
ATOM   717  O  O   . ASN C 1 12 ? 0.081   6.629   2.562   1.00 35.51 ? 54  ASN C O   1 
ATOM   718  C  CB  . ASN C 1 12 ? -1.188  6.591   0.097   1.00 44.72 ? 54  ASN C CB  1 
ATOM   719  C  CG  . ASN C 1 12 ? -2.070  6.854   -1.119  1.00 51.37 ? 54  ASN C CG  1 
ATOM   720  O  OD1 . ASN C 1 12 ? -1.742  7.684   -1.963  1.00 53.32 ? 54  ASN C OD1 1 
ATOM   721  N  ND2 . ASN C 1 12 ? -3.196  6.147   -1.212  1.00 54.10 ? 54  ASN C ND2 1 
ATOM   722  N  N   . PRO C 1 13 ? 0.634   8.814   2.561   1.00 33.67 ? 55  PRO C N   1 
ATOM   723  C  CA  . PRO C 1 13 ? 1.367   8.726   3.836   1.00 32.30 ? 55  PRO C CA  1 
ATOM   724  C  C   . PRO C 1 13 ? 0.500   8.514   5.076   1.00 32.79 ? 55  PRO C C   1 
ATOM   725  O  O   . PRO C 1 13 ? 1.034   8.072   6.109   1.00 33.43 ? 55  PRO C O   1 
ATOM   726  C  CB  . PRO C 1 13 ? 2.049   10.086  3.942   1.00 29.99 ? 55  PRO C CB  1 
ATOM   727  C  CG  . PRO C 1 13 ? 1.149   11.010  3.187   1.00 31.08 ? 55  PRO C CG  1 
ATOM   728  C  CD  . PRO C 1 13 ? 0.545   10.205  2.069   1.00 30.08 ? 55  PRO C CD  1 
ATOM   729  N  N   . CYS C 1 14 ? -0.797  8.844   4.997   1.00 30.24 ? 56  CYS C N   1 
ATOM   730  C  CA  . CYS C 1 14 ? -1.652  8.852   6.199   1.00 28.51 ? 56  CYS C CA  1 
ATOM   731  C  C   . CYS C 1 14 ? -2.130  7.455   6.571   1.00 27.41 ? 56  CYS C C   1 
ATOM   732  O  O   . CYS C 1 14 ? -2.755  6.752   5.768   1.00 26.32 ? 56  CYS C O   1 
ATOM   733  C  CB  . CYS C 1 14 ? -2.836  9.821   6.084   1.00 28.38 ? 56  CYS C CB  1 
ATOM   734  S  SG  . CYS C 1 14 ? -2.462  11.526  5.573   1.00 30.81 ? 56  CYS C SG  1 
ATOM   735  N  N   . LEU C 1 15 ? -1.827  7.076   7.807   1.00 25.70 ? 57  LEU C N   1 
ATOM   736  C  CA  . LEU C 1 15 ? -2.171  5.766   8.331   1.00 25.55 ? 57  LEU C CA  1 
ATOM   737  C  C   . LEU C 1 15 ? -3.448  5.826   9.153   1.00 25.95 ? 57  LEU C C   1 
ATOM   738  O  O   . LEU C 1 15 ? -4.015  6.902   9.383   1.00 25.03 ? 57  LEU C O   1 
ATOM   739  C  CB  . LEU C 1 15 ? -1.032  5.217   9.206   1.00 24.47 ? 57  LEU C CB  1 
ATOM   740  C  CG  . LEU C 1 15 ? 0.375   5.080   8.609   1.00 24.40 ? 57  LEU C CG  1 
ATOM   741  C  CD1 . LEU C 1 15 ? 1.360   4.625   9.678   1.00 22.54 ? 57  LEU C CD1 1 
ATOM   742  C  CD2 . LEU C 1 15 ? 0.377   4.117   7.438   1.00 23.07 ? 57  LEU C CD2 1 
ATOM   743  N  N   . ASN C 1 16 ? -3.910  4.640   9.553   1.00 26.20 ? 58  ASN C N   1 
ATOM   744  C  CA  . ASN C 1 16 ? -4.940  4.476   10.580  1.00 26.66 ? 58  ASN C CA  1 
ATOM   745  C  C   . ASN C 1 16 ? -6.257  5.185   10.304  1.00 27.61 ? 58  ASN C C   1 
ATOM   746  O  O   . ASN C 1 16 ? -6.930  5.635   11.218  1.00 29.92 ? 58  ASN C O   1 
ATOM   747  C  CB  . ASN C 1 16 ? -4.359  4.820   11.956  1.00 23.73 ? 58  ASN C CB  1 
ATOM   748  C  CG  . ASN C 1 16 ? -3.200  3.926   12.307  1.00 23.02 ? 58  ASN C CG  1 
ATOM   749  O  OD1 . ASN C 1 16 ? -3.269  2.704   12.120  1.00 23.07 ? 58  ASN C OD1 1 
ATOM   750  N  ND2 . ASN C 1 16 ? -2.116  4.514   12.784  1.00 21.88 ? 58  ASN C ND2 1 
ATOM   751  N  N   . GLY C 1 17 ? -6.618  5.279   9.034   1.00 28.10 ? 59  GLY C N   1 
ATOM   752  C  CA  . GLY C 1 17 ? -7.913  5.827   8.689   1.00 29.26 ? 59  GLY C CA  1 
ATOM   753  C  C   . GLY C 1 17 ? -7.869  7.334   8.531   1.00 31.46 ? 59  GLY C C   1 
ATOM   754  O  O   . GLY C 1 17 ? -8.910  7.963   8.420   1.00 33.50 ? 59  GLY C O   1 
ATOM   755  N  N   . GLY C 1 18 ? -6.667  7.910   8.512   1.00 30.93 ? 60  GLY C N   1 
ATOM   756  C  CA  . GLY C 1 18 ? -6.511  9.354   8.376   1.00 30.32 ? 60  GLY C CA  1 
ATOM   757  C  C   . GLY C 1 18 ? -6.692  9.810   6.948   1.00 29.35 ? 60  GLY C C   1 
ATOM   758  O  O   . GLY C 1 18 ? -6.630  9.012   6.023   1.00 29.16 ? 60  GLY C O   1 
ATOM   759  N  N   . SER C 1 19 ? -6.862  11.111  6.772   1.00 30.38 ? 61  SER C N   1 
ATOM   760  C  CA  . SER C 1 19 ? -7.134  11.690  5.468   1.00 32.60 ? 61  SER C CA  1 
ATOM   761  C  C   . SER C 1 19 ? -6.057  12.706  5.048   1.00 32.08 ? 61  SER C C   1 
ATOM   762  O  O   . SER C 1 19 ? -5.722  13.604  5.819   1.00 32.47 ? 61  SER C O   1 
ATOM   763  C  CB  . SER C 1 19 ? -8.507  12.361  5.521   1.00 34.51 ? 61  SER C CB  1 
ATOM   764  O  OG  . SER C 1 19 ? -9.184  12.184  4.299   1.00 37.31 ? 61  SER C OG  1 
ATOM   765  N  N   . CYS C 1 20 ? -5.531  12.574  3.828   1.00 29.96 ? 62  CYS C N   1 
ATOM   766  C  CA  . CYS C 1 20 ? -4.452  13.454  3.343   1.00 31.18 ? 62  CYS C CA  1 
ATOM   767  C  C   . CYS C 1 20 ? -4.982  14.673  2.567   1.00 31.27 ? 62  CYS C C   1 
ATOM   768  O  O   . CYS C 1 20 ? -5.781  14.523  1.626   1.00 31.00 ? 62  CYS C O   1 
ATOM   769  C  CB  . CYS C 1 20 ? -3.490  12.657  2.445   1.00 30.31 ? 62  CYS C CB  1 
ATOM   770  S  SG  . CYS C 1 20 ? -1.849  13.407  2.204   1.00 32.84 ? 62  CYS C SG  1 
ATOM   771  N  N   . LYS C 1 21 ? -4.547  15.870  2.960   1.00 30.37 ? 63  LYS C N   1 
ATOM   772  C  CA  . LYS C 1 21 ? -4.781  17.095  2.167   1.00 29.09 ? 63  LYS C CA  1 
ATOM   773  C  C   . LYS C 1 21 ? -3.423  17.579  1.638   1.00 27.58 ? 63  LYS C C   1 
ATOM   774  O  O   . LYS C 1 21 ? -2.460  17.661  2.403   1.00 27.06 ? 63  LYS C O   1 
ATOM   775  C  CB  . LYS C 1 21 ? -5.451  18.180  3.017   1.00 31.60 ? 63  LYS C CB  1 
ATOM   776  C  CG  . LYS C 1 21 ? -5.896  19.431  2.255   0.50 33.70 ? 63  LYS C CG  1 
ATOM   777  C  CD  . LYS C 1 21 ? -6.269  20.565  3.209   0.50 34.88 ? 63  LYS C CD  1 
ATOM   778  C  CE  . LYS C 1 21 ? -6.211  21.939  2.545   0.50 35.56 ? 63  LYS C CE  1 
ATOM   779  N  NZ  . LYS C 1 21 ? -4.812  22.403  2.293   0.50 35.07 ? 63  LYS C NZ  1 
ATOM   780  N  N   . ASP C 1 22 ? -3.331  17.840  0.328   1.00 26.04 ? 64  ASP C N   1 
ATOM   781  C  CA  . ASP C 1 22 ? -2.098  18.349  -0.255  1.00 25.81 ? 64  ASP C CA  1 
ATOM   782  C  C   . ASP C 1 22 ? -1.971  19.801  0.117   1.00 26.32 ? 64  ASP C C   1 
ATOM   783  O  O   . ASP C 1 22 ? -2.956  20.522  0.227   1.00 26.32 ? 64  ASP C O   1 
ATOM   784  C  CB  . ASP C 1 22 ? -2.057  18.184  -1.778  1.00 25.64 ? 64  ASP C CB  1 
ATOM   785  C  CG  . ASP C 1 22 ? -0.815  18.814  -2.402  1.00 26.52 ? 64  ASP C CG  1 
ATOM   786  O  OD1 . ASP C 1 22 ? 0.324   18.343  -2.165  1.00 25.44 ? 64  ASP C OD1 1 
ATOM   787  O  OD2 . ASP C 1 22 ? -0.956  19.814  -3.127  1.00 27.45 ? 64  ASP C OD2 1 
ATOM   788  N  N   . ASP C 1 23 ? -0.753  20.229  0.359   1.00 26.37 ? 65  ASP C N   1 
ATOM   789  C  CA  . ASP C 1 23 ? -0.539  21.634  0.626   1.00 29.69 ? 65  ASP C CA  1 
ATOM   790  C  C   . ASP C 1 23 ? 0.683   22.035  -0.165  1.00 29.23 ? 65  ASP C C   1 
ATOM   791  O  O   . ASP C 1 23 ? 1.141   21.269  -1.026  1.00 29.36 ? 65  ASP C O   1 
ATOM   792  C  CB  . ASP C 1 23 ? -0.357  21.897  2.134   1.00 29.36 ? 65  ASP C CB  1 
ATOM   793  C  CG  . ASP C 1 23 ? -0.823  23.281  2.541   0.50 29.38 ? 65  ASP C CG  1 
ATOM   794  O  OD1 . ASP C 1 23 ? -0.371  24.277  1.932   0.50 29.47 ? 65  ASP C OD1 1 
ATOM   795  O  OD2 . ASP C 1 23 ? -1.647  23.370  3.468   0.50 31.44 ? 65  ASP C OD2 1 
ATOM   796  N  N   . ILE C 1 24 ? 1.215   23.220  0.111   1.00 30.73 ? 66  ILE C N   1 
ATOM   797  C  CA  . ILE C 1 24 ? 2.395   23.684  -0.623  1.00 33.44 ? 66  ILE C CA  1 
ATOM   798  C  C   . ILE C 1 24 ? 3.619   23.020  -0.025  1.00 34.61 ? 66  ILE C C   1 
ATOM   799  O  O   . ILE C 1 24 ? 3.925   23.213  1.155   1.00 38.85 ? 66  ILE C O   1 
ATOM   800  C  CB  . ILE C 1 24 ? 2.508   25.229  -0.650  1.00 32.49 ? 66  ILE C CB  1 
ATOM   801  C  CG1 . ILE C 1 24 ? 1.308   25.821  -1.416  1.00 32.64 ? 66  ILE C CG1 1 
ATOM   802  C  CG2 . ILE C 1 24 ? 3.830   25.639  -1.284  1.00 30.23 ? 66  ILE C CG2 1 
ATOM   803  C  CD1 . ILE C 1 24 ? 0.802   27.163  -0.918  1.00 32.99 ? 66  ILE C CD1 1 
ATOM   804  N  N   . ASN C 1 25 ? 4.277   22.210  -0.842  1.00 35.99 ? 67  ASN C N   1 
ATOM   805  C  CA  . ASN C 1 25 ? 5.482   21.473  -0.460  1.00 40.61 ? 67  ASN C CA  1 
ATOM   806  C  C   . ASN C 1 25 ? 5.363   20.704  0.873   1.00 42.07 ? 67  ASN C C   1 
ATOM   807  O  O   . ASN C 1 25 ? 6.313   20.637  1.676   1.00 41.31 ? 67  ASN C O   1 
ATOM   808  C  CB  . ASN C 1 25 ? 6.699   22.407  -0.469  1.00 43.38 ? 67  ASN C CB  1 
ATOM   809  C  CG  . ASN C 1 25 ? 7.980   21.683  -0.835  1.00 44.94 ? 67  ASN C CG  1 
ATOM   810  O  OD1 . ASN C 1 25 ? 8.111   21.111  -1.931  1.00 47.52 ? 67  ASN C OD1 1 
ATOM   811  N  ND2 . ASN C 1 25 ? 8.934   21.703  0.079   1.00 43.52 ? 67  ASN C ND2 1 
ATOM   812  N  N   . SER C 1 26 ? 4.173   20.138  1.089   1.00 39.29 ? 68  SER C N   1 
ATOM   813  C  CA  . SER C 1 26 ? 3.833   19.390  2.294   1.00 36.56 ? 68  SER C CA  1 
ATOM   814  C  C   . SER C 1 26 ? 2.431   18.795  2.156   1.00 36.06 ? 68  SER C C   1 
ATOM   815  O  O   . SER C 1 26 ? 1.731   19.016  1.155   1.00 33.38 ? 68  SER C O   1 
ATOM   816  C  CB  . SER C 1 26 ? 3.902   20.299  3.537   1.00 36.07 ? 68  SER C CB  1 
ATOM   817  O  OG  . SER C 1 26 ? 2.981   21.377  3.472   1.00 34.69 ? 68  SER C OG  1 
ATOM   818  N  N   . TYR C 1 27 ? 2.025   18.045  3.170   1.00 32.96 ? 69  TYR C N   1 
ATOM   819  C  CA  . TYR C 1 27 ? 0.651   17.587  3.278   1.00 31.89 ? 69  TYR C CA  1 
ATOM   820  C  C   . TYR C 1 27 ? 0.182   17.696  4.716   1.00 30.74 ? 69  TYR C C   1 
ATOM   821  O  O   . TYR C 1 27 ? 0.986   17.817  5.629   1.00 29.66 ? 69  TYR C O   1 
ATOM   822  C  CB  . TYR C 1 27 ? 0.531   16.141  2.785   1.00 30.36 ? 69  TYR C CB  1 
ATOM   823  C  CG  . TYR C 1 27 ? 1.425   15.172  3.513   1.00 29.36 ? 69  TYR C CG  1 
ATOM   824  C  CD1 . TYR C 1 27 ? 1.014   14.554  4.697   1.00 28.89 ? 69  TYR C CD1 1 
ATOM   825  C  CD2 . TYR C 1 27 ? 2.678   14.864  3.015   1.00 29.14 ? 69  TYR C CD2 1 
ATOM   826  C  CE1 . TYR C 1 27 ? 1.849   13.669  5.371   1.00 28.99 ? 69  TYR C CE1 1 
ATOM   827  C  CE2 . TYR C 1 27 ? 3.509   13.986  3.674   1.00 29.99 ? 69  TYR C CE2 1 
ATOM   828  C  CZ  . TYR C 1 27 ? 3.100   13.395  4.853   1.00 30.14 ? 69  TYR C CZ  1 
ATOM   829  O  OH  . TYR C 1 27 ? 3.957   12.503  5.475   1.00 30.90 ? 69  TYR C OH  1 
ATOM   830  N  N   . GLU C 1 28 ? -1.128  17.661  4.900   1.00 32.66 ? 70  GLU C N   1 
ATOM   831  C  CA  . GLU C 1 28 ? -1.703  17.488  6.215   1.00 35.14 ? 70  GLU C CA  1 
ATOM   832  C  C   . GLU C 1 28 ? -2.473  16.180  6.249   1.00 34.81 ? 70  GLU C C   1 
ATOM   833  O  O   . GLU C 1 28 ? -3.267  15.909  5.347   1.00 32.97 ? 70  GLU C O   1 
ATOM   834  C  CB  . GLU C 1 28 ? -2.637  18.649  6.541   1.00 39.09 ? 70  GLU C CB  1 
ATOM   835  C  CG  . GLU C 1 28 ? -1.912  19.958  6.822   0.50 41.29 ? 70  GLU C CG  1 
ATOM   836  C  CD  . GLU C 1 28 ? -2.773  21.177  6.552   0.50 43.55 ? 70  GLU C CD  1 
ATOM   837  O  OE1 . GLU C 1 28 ? -4.005  21.021  6.350   0.50 43.96 ? 70  GLU C OE1 1 
ATOM   838  O  OE2 . GLU C 1 28 ? -2.206  22.294  6.546   0.50 43.62 ? 70  GLU C OE2 1 
ATOM   839  N  N   . CYS C 1 29 ? -2.210  15.369  7.274   1.00 34.37 ? 71  CYS C N   1 
ATOM   840  C  CA  . CYS C 1 29 ? -3.064  14.231  7.613   1.00 35.75 ? 71  CYS C CA  1 
ATOM   841  C  C   . CYS C 1 29 ? -4.153  14.613  8.635   1.00 37.56 ? 71  CYS C C   1 
ATOM   842  O  O   . CYS C 1 29 ? -3.857  15.190  9.683   1.00 37.37 ? 71  CYS C O   1 
ATOM   843  C  CB  . CYS C 1 29 ? -2.234  13.070  8.155   1.00 31.66 ? 71  CYS C CB  1 
ATOM   844  S  SG  . CYS C 1 29 ? -1.167  12.285  6.939   1.00 30.26 ? 71  CYS C SG  1 
ATOM   845  N  N   . TRP C 1 30 ? -5.411  14.307  8.316   1.00 41.73 ? 72  TRP C N   1 
ATOM   846  C  CA  . TRP C 1 30 ? -6.518  14.503  9.257   1.00 44.47 ? 72  TRP C CA  1 
ATOM   847  C  C   . TRP C 1 30 ? -6.783  13.195  9.948   1.00 42.09 ? 72  TRP C C   1 
ATOM   848  O  O   . TRP C 1 30 ? -7.209  12.227  9.323   1.00 39.77 ? 72  TRP C O   1 
ATOM   849  C  CB  . TRP C 1 30 ? -7.777  14.975  8.553   1.00 52.94 ? 72  TRP C CB  1 
ATOM   850  C  CG  . TRP C 1 30 ? -7.664  16.262  7.772   1.00 65.01 ? 72  TRP C CG  1 
ATOM   851  C  CD1 . TRP C 1 30 ? -7.049  17.459  8.160   1.00 68.40 ? 72  TRP C CD1 1 
ATOM   852  C  CD2 . TRP C 1 30 ? -8.240  16.542  6.441   1.00 73.56 ? 72  TRP C CD2 1 
ATOM   853  N  NE1 . TRP C 1 30 ? -7.184  18.420  7.182   1.00 74.57 ? 72  TRP C NE1 1 
ATOM   854  C  CE2 . TRP C 1 30 ? -7.889  17.935  6.125   1.00 77.97 ? 72  TRP C CE2 1 
ATOM   855  C  CE3 . TRP C 1 30 ? -8.981  15.799  5.510   1.00 74.74 ? 72  TRP C CE3 1 
ATOM   856  C  CZ2 . TRP C 1 30 ? -8.278  18.536  4.929   1.00 79.36 ? 72  TRP C CZ2 1 
ATOM   857  C  CZ3 . TRP C 1 30 ? -9.355  16.412  4.304   1.00 74.88 ? 72  TRP C CZ3 1 
ATOM   858  C  CH2 . TRP C 1 30 ? -9.012  17.747  4.022   1.00 78.69 ? 72  TRP C CH2 1 
ATOM   859  N  N   . CYS C 1 31 ? -6.514  13.150  11.245  1.00 40.20 ? 73  CYS C N   1 
ATOM   860  C  CA  . CYS C 1 31 ? -6.524  11.896  11.986  1.00 39.46 ? 73  CYS C CA  1 
ATOM   861  C  C   . CYS C 1 31 ? -7.878  11.632  12.613  1.00 39.97 ? 73  CYS C C   1 
ATOM   862  O  O   . CYS C 1 31 ? -8.533  12.564  13.067  1.00 41.14 ? 73  CYS C O   1 
ATOM   863  C  CB  . CYS C 1 31 ? -5.438  11.923  13.051  1.00 37.25 ? 73  CYS C CB  1 
ATOM   864  S  SG  . CYS C 1 31 ? -3.779  12.223  12.380  1.00 38.71 ? 73  CYS C SG  1 
ATOM   865  N  N   . PRO C 1 32 ? -8.315  10.359  12.636  1.00 41.55 ? 74  PRO C N   1 
ATOM   866  C  CA  . PRO C 1 32 ? -9.591  10.073  13.294  1.00 42.64 ? 74  PRO C CA  1 
ATOM   867  C  C   . PRO C 1 32 ? -9.437  10.149  14.809  1.00 43.93 ? 74  PRO C C   1 
ATOM   868  O  O   . PRO C 1 32 ? -8.313  10.166  15.310  1.00 41.42 ? 74  PRO C O   1 
ATOM   869  C  CB  . PRO C 1 32 ? -9.887  8.632   12.873  1.00 42.28 ? 74  PRO C CB  1 
ATOM   870  C  CG  . PRO C 1 32 ? -8.541  8.031   12.676  1.00 43.39 ? 74  PRO C CG  1 
ATOM   871  C  CD  . PRO C 1 32 ? -7.640  9.130   12.178  1.00 40.88 ? 74  PRO C CD  1 
ATOM   872  N  N   . PHE C 1 33 ? -10.561 10.196  15.521  1.00 47.63 ? 75  PHE C N   1 
ATOM   873  C  CA  . PHE C 1 33 ? -10.587 10.087  16.983  1.00 49.40 ? 75  PHE C CA  1 
ATOM   874  C  C   . PHE C 1 33 ? -9.542  9.093   17.521  1.00 46.67 ? 75  PHE C C   1 
ATOM   875  O  O   . PHE C 1 33 ? -9.506  7.933   17.105  1.00 45.66 ? 75  PHE C O   1 
ATOM   876  C  CB  . PHE C 1 33 ? -12.010 9.706   17.443  1.00 54.71 ? 75  PHE C CB  1 
ATOM   877  C  CG  . PHE C 1 33 ? -12.118 9.407   18.907  1.00 60.24 ? 75  PHE C CG  1 
ATOM   878  C  CD1 . PHE C 1 33 ? -12.156 10.443  19.842  1.00 63.11 ? 75  PHE C CD1 1 
ATOM   879  C  CD2 . PHE C 1 33 ? -12.170 8.089   19.360  1.00 63.32 ? 75  PHE C CD2 1 
ATOM   880  C  CE1 . PHE C 1 33 ? -12.240 10.169  21.202  1.00 66.26 ? 75  PHE C CE1 1 
ATOM   881  C  CE2 . PHE C 1 33 ? -12.256 7.809   20.718  1.00 66.70 ? 75  PHE C CE2 1 
ATOM   882  C  CZ  . PHE C 1 33 ? -12.294 8.851   21.640  1.00 67.58 ? 75  PHE C CZ  1 
ATOM   883  N  N   . GLY C 1 34 ? -8.675  9.561   18.418  1.00 45.67 ? 76  GLY C N   1 
ATOM   884  C  CA  . GLY C 1 34 ? -7.722  8.683   19.112  1.00 46.34 ? 76  GLY C CA  1 
ATOM   885  C  C   . GLY C 1 34 ? -6.308  8.574   18.551  1.00 48.93 ? 76  GLY C C   1 
ATOM   886  O  O   . GLY C 1 34 ? -5.443  7.922   19.153  1.00 49.33 ? 76  GLY C O   1 
ATOM   887  N  N   . PHE C 1 35 ? -6.068  9.209   17.404  1.00 47.02 ? 77  PHE C N   1 
ATOM   888  C  CA  . PHE C 1 35 ? -4.761  9.144   16.739  1.00 45.18 ? 77  PHE C CA  1 
ATOM   889  C  C   . PHE C 1 35 ? -4.209  10.514  16.415  1.00 43.43 ? 77  PHE C C   1 
ATOM   890  O  O   . PHE C 1 35 ? -4.957  11.445  16.150  1.00 43.48 ? 77  PHE C O   1 
ATOM   891  C  CB  . PHE C 1 35 ? -4.848  8.306   15.465  1.00 42.81 ? 77  PHE C CB  1 
ATOM   892  C  CG  . PHE C 1 35 ? -4.957  6.845   15.733  1.00 42.72 ? 77  PHE C CG  1 
ATOM   893  C  CD1 . PHE C 1 35 ? -6.202  6.236   15.859  1.00 43.61 ? 77  PHE C CD1 1 
ATOM   894  C  CD2 . PHE C 1 35 ? -3.815  6.076   15.897  1.00 41.60 ? 77  PHE C CD2 1 
ATOM   895  C  CE1 . PHE C 1 35 ? -6.302  4.882   16.138  1.00 40.81 ? 77  PHE C CE1 1 
ATOM   896  C  CE2 . PHE C 1 35 ? -3.912  4.720   16.164  1.00 41.66 ? 77  PHE C CE2 1 
ATOM   897  C  CZ  . PHE C 1 35 ? -5.155  4.126   16.282  1.00 39.81 ? 77  PHE C CZ  1 
ATOM   898  N  N   . GLU C 1 36 ? -2.888  10.613  16.434  1.00 42.14 ? 78  GLU C N   1 
ATOM   899  C  CA  . GLU C 1 36 ? -2.198  11.873  16.247  1.00 43.01 ? 78  GLU C CA  1 
ATOM   900  C  C   . GLU C 1 36 ? -0.862  11.601  15.552  1.00 40.64 ? 78  GLU C C   1 
ATOM   901  O  O   . GLU C 1 36 ? -0.576  10.467  15.165  1.00 38.87 ? 78  GLU C O   1 
ATOM   902  C  CB  . GLU C 1 36 ? -1.996  12.576  17.602  1.00 44.31 ? 78  GLU C CB  1 
ATOM   903  C  CG  . GLU C 1 36 ? -2.971  13.723  17.889  0.50 47.03 ? 78  GLU C CG  1 
ATOM   904  C  CD  . GLU C 1 36 ? -4.267  13.315  18.595  0.50 49.90 ? 78  GLU C CD  1 
ATOM   905  O  OE1 . GLU C 1 36 ? -4.283  12.330  19.373  0.50 52.68 ? 78  GLU C OE1 1 
ATOM   906  O  OE2 . GLU C 1 36 ? -5.288  14.006  18.388  0.50 48.51 ? 78  GLU C OE2 1 
ATOM   907  N  N   . GLY C 1 37 ? -0.046  12.635  15.391  1.00 40.35 ? 79  GLY C N   1 
ATOM   908  C  CA  . GLY C 1 37 ? 1.225   12.495  14.695  1.00 37.31 ? 79  GLY C CA  1 
ATOM   909  C  C   . GLY C 1 37 ? 1.077   12.995  13.276  1.00 39.65 ? 79  GLY C C   1 
ATOM   910  O  O   . GLY C 1 37 ? -0.039  13.221  12.803  1.00 41.08 ? 79  GLY C O   1 
ATOM   911  N  N   . LYS C 1 38 ? 2.214   13.165  12.611  1.00 40.13 ? 80  LYS C N   1 
ATOM   912  C  CA  . LYS C 1 38 ? 2.306   13.666  11.241  1.00 40.49 ? 80  LYS C CA  1 
ATOM   913  C  C   . LYS C 1 38 ? 1.522   12.782  10.241  1.00 37.64 ? 80  LYS C C   1 
ATOM   914  O  O   . LYS C 1 38 ? 0.793   13.296  9.392   1.00 33.79 ? 80  LYS C O   1 
ATOM   915  C  CB  . LYS C 1 38 ? 3.804   13.773  10.890  1.00 42.65 ? 80  LYS C CB  1 
ATOM   916  C  CG  . LYS C 1 38 ? 4.186   14.009  9.440   1.00 45.90 ? 80  LYS C CG  1 
ATOM   917  C  CD  . LYS C 1 38 ? 5.699   14.216  9.347   1.00 47.57 ? 80  LYS C CD  1 
ATOM   918  C  CE  . LYS C 1 38 ? 6.301   13.574  8.103   1.00 49.86 ? 80  LYS C CE  1 
ATOM   919  N  NZ  . LYS C 1 38 ? 7.687   14.063  7.850   1.00 50.38 ? 80  LYS C NZ  1 
ATOM   920  N  N   . ASN C 1 39 ? 1.663   11.463  10.384  1.00 34.43 ? 81  ASN C N   1 
ATOM   921  C  CA  . ASN C 1 39 ? 1.017   10.480  9.520   1.00 31.87 ? 81  ASN C CA  1 
ATOM   922  C  C   . ASN C 1 39 ? -0.072  9.691   10.242  1.00 30.83 ? 81  ASN C C   1 
ATOM   923  O  O   . ASN C 1 39 ? -0.401  8.573   9.854   1.00 29.75 ? 81  ASN C O   1 
ATOM   924  C  CB  . ASN C 1 39 ? 2.062   9.517   8.949   1.00 31.88 ? 81  ASN C CB  1 
ATOM   925  C  CG  . ASN C 1 39 ? 3.046   10.199  8.006   1.00 33.58 ? 81  ASN C CG  1 
ATOM   926  O  OD1 . ASN C 1 39 ? 2.817   11.313  7.541   1.00 34.28 ? 81  ASN C OD1 1 
ATOM   927  N  ND2 . ASN C 1 39 ? 4.155   9.533   7.731   1.00 35.78 ? 81  ASN C ND2 1 
ATOM   928  N  N   . CYS C 1 40 ? -0.626  10.280  11.298  1.00 32.41 ? 82  CYS C N   1 
ATOM   929  C  CA  . CYS C 1 40 ? -1.620  9.625   12.158  1.00 33.27 ? 82  CYS C CA  1 
ATOM   930  C  C   . CYS C 1 40 ? -1.107  8.314   12.731  1.00 32.33 ? 82  CYS C C   1 
ATOM   931  O  O   . CYS C 1 40 ? -1.883  7.408   13.035  1.00 32.87 ? 82  CYS C O   1 
ATOM   932  C  CB  . CYS C 1 40 ? -2.947  9.403   11.412  1.00 32.87 ? 82  CYS C CB  1 
ATOM   933  S  SG  . CYS C 1 40 ? -3.662  10.920  10.757  1.00 34.98 ? 82  CYS C SG  1 
ATOM   934  N  N   . GLU C 1 41 ? 0.201   8.230   12.899  1.00 32.42 ? 83  GLU C N   1 
ATOM   935  C  CA  . GLU C 1 41 ? 0.826   6.988   13.312  1.00 34.72 ? 83  GLU C CA  1 
ATOM   936  C  C   . GLU C 1 41 ? 0.802   6.718   14.831  1.00 35.83 ? 83  GLU C C   1 
ATOM   937  O  O   . GLU C 1 41 ? 1.034   5.586   15.260  1.00 34.62 ? 83  GLU C O   1 
ATOM   938  C  CB  . GLU C 1 41 ? 2.247   6.876   12.741  1.00 33.91 ? 83  GLU C CB  1 
ATOM   939  C  CG  . GLU C 1 41 ? 3.309   7.668   13.483  1.00 35.82 ? 83  GLU C CG  1 
ATOM   940  C  CD  . GLU C 1 41 ? 3.421   9.130   13.057  1.00 36.88 ? 83  GLU C CD  1 
ATOM   941  O  OE1 . GLU C 1 41 ? 2.423   9.738   12.599  1.00 34.20 ? 83  GLU C OE1 1 
ATOM   942  O  OE2 . GLU C 1 41 ? 4.535   9.689   13.215  1.00 38.61 ? 83  GLU C OE2 1 
ATOM   943  N  N   . LEU C 1 42 ? 0.490   7.740   15.628  1.00 37.02 ? 84  LEU C N   1 
ATOM   944  C  CA  . LEU C 1 42 ? 0.641   7.653   17.080  1.00 38.56 ? 84  LEU C CA  1 
ATOM   945  C  C   . LEU C 1 42 ? -0.694  7.599   17.792  1.00 40.15 ? 84  LEU C C   1 
ATOM   946  O  O   . LEU C 1 42 ? -1.606  8.357   17.468  1.00 39.37 ? 84  LEU C O   1 
ATOM   947  C  CB  . LEU C 1 42 ? 1.468   8.830   17.617  1.00 38.03 ? 84  LEU C CB  1 
ATOM   948  C  CG  . LEU C 1 42 ? 2.899   8.953   17.088  1.00 39.84 ? 84  LEU C CG  1 
ATOM   949  C  CD1 . LEU C 1 42 ? 3.545   10.212  17.642  1.00 41.07 ? 84  LEU C CD1 1 
ATOM   950  C  CD2 . LEU C 1 42 ? 3.752   7.731   17.409  1.00 40.68 ? 84  LEU C CD2 1 
ATOM   951  N  N   . LEU C 1 43 ? -0.790  6.702   18.773  1.00 42.93 ? 85  LEU C N   1 
ATOM   952  C  CA  . LEU C 1 43 ? -2.019  6.502   19.533  1.00 44.92 ? 85  LEU C CA  1 
ATOM   953  C  C   . LEU C 1 43 ? -2.396  7.744   20.350  1.00 45.60 ? 85  LEU C C   1 
ATOM   954  O  O   . LEU C 1 43 ? -1.528  8.515   20.760  1.00 44.47 ? 85  LEU C O   1 
ATOM   955  C  CB  . LEU C 1 43 ? -1.876  5.287   20.454  1.00 48.03 ? 85  LEU C CB  1 
ATOM   956  C  CG  . LEU C 1 43 ? -3.138  4.441   20.624  1.00 48.55 ? 85  LEU C CG  1 
ATOM   957  C  CD1 . LEU C 1 43 ? -3.304  3.487   19.452  1.00 51.75 ? 85  LEU C CD1 1 
ATOM   958  C  CD2 . LEU C 1 43 ? -3.081  3.651   21.917  1.00 50.39 ? 85  LEU C CD2 1 
HETATM 959  C  C2  . BGC D 2 .  ? -2.058  -8.157  6.184   1.00 35.13 ? 1   BGC D C2  1 
HETATM 960  C  C3  . BGC D 2 .  ? -2.686  -9.402  6.746   1.00 35.51 ? 1   BGC D C3  1 
HETATM 961  C  C4  . BGC D 2 .  ? -2.968  -10.357 5.602   1.00 36.90 ? 1   BGC D C4  1 
HETATM 962  C  C5  . BGC D 2 .  ? -1.619  -10.803 5.038   1.00 38.94 ? 1   BGC D C5  1 
HETATM 963  C  C6  . BGC D 2 .  ? -1.759  -11.864 3.949   1.00 39.38 ? 1   BGC D C6  1 
HETATM 964  C  C1  . BGC D 2 .  ? -0.802  -8.539  5.432   1.00 35.28 ? 1   BGC D C1  1 
HETATM 965  O  O2  . BGC D 2 .  ? -1.717  -7.301  7.268   1.00 32.42 ? 1   BGC D O2  1 
HETATM 966  O  O3  . BGC D 2 .  ? -3.891  -8.973  7.325   1.00 35.69 ? 1   BGC D O3  1 
HETATM 967  O  O4  . BGC D 2 .  ? -3.764  -11.443 6.082   1.00 40.37 ? 1   BGC D O4  1 
HETATM 968  O  O5  . BGC D 2 .  ? -0.955  -9.641  4.511   1.00 38.24 ? 1   BGC D O5  1 
HETATM 969  O  O6  . BGC D 2 .  ? -0.751  -11.651 2.956   1.00 42.93 ? 1   BGC D O6  1 
HETATM 970  C  C1  . XYS D 2 .  ? -4.222  -9.728  8.487   1.00 37.62 ? 2   XYS D C1  1 
HETATM 971  C  C2  . XYS D 2 .  ? -5.735  -9.606  8.648   1.00 38.71 ? 2   XYS D C2  1 
HETATM 972  C  C3  . XYS D 2 .  ? -6.120  -8.218  9.147   1.00 39.20 ? 2   XYS D C3  1 
HETATM 973  C  C4  . XYS D 2 .  ? -5.273  -7.826  10.368  1.00 37.60 ? 2   XYS D C4  1 
HETATM 974  C  C5  . XYS D 2 .  ? -3.778  -7.966  10.110  1.00 35.32 ? 2   XYS D C5  1 
HETATM 975  O  O2  . XYS D 2 .  ? -6.373  -9.847  7.370   1.00 40.54 ? 2   XYS D O2  1 
HETATM 976  O  O3  . XYS D 2 .  ? -7.534  -8.272  9.406   1.00 41.48 ? 2   XYS D O3  1 
HETATM 977  O  O4  . XYS D 2 .  ? -5.506  -6.454  10.676  1.00 37.49 ? 2   XYS D O4  1 
HETATM 978  O  O5  . XYS D 2 .  ? -3.457  -9.272  9.623   1.00 37.89 ? 2   XYS D O5  1 
HETATM 979  C  C1  . XYS D 2 .  ? -8.239  -7.036  9.553   1.00 42.70 ? 3   XYS D C1  1 
HETATM 980  C  C2  . XYS D 2 .  ? -9.682  -7.346  9.938   1.00 45.96 ? 3   XYS D C2  1 
HETATM 981  C  C3  . XYS D 2 .  ? -10.445 -7.923  8.750   1.00 47.76 ? 3   XYS D C3  1 
HETATM 982  C  C4  . XYS D 2 .  ? -10.353 -7.011  7.534   1.00 48.47 ? 3   XYS D C4  1 
HETATM 983  C  C5  . XYS D 2 .  ? -8.898  -6.685  7.208   1.00 44.41 ? 3   XYS D C5  1 
HETATM 984  O  O2  . XYS D 2 .  ? -9.682  -8.301  11.000  1.00 48.94 ? 3   XYS D O2  1 
HETATM 985  O  O3  . XYS D 2 .  ? -11.821 -8.046  9.102   1.00 54.46 ? 3   XYS D O3  1 
HETATM 986  O  O4  . XYS D 2 .  ? -10.961 -7.671  6.417   1.00 49.66 ? 3   XYS D O4  1 
HETATM 987  O  O5  . XYS D 2 .  ? -8.193  -6.222  8.369   1.00 43.68 ? 3   XYS D O5  1 
HETATM 988  C  C2  . BGC E 2 .  ? 5.931   -16.944 -8.784  1.00 38.85 ? 1   BGC E C2  1 
HETATM 989  C  C3  . BGC E 2 .  ? 6.695   -17.234 -10.062 1.00 37.38 ? 1   BGC E C3  1 
HETATM 990  C  C4  . BGC E 2 .  ? 8.146   -17.227 -9.704  1.00 38.99 ? 1   BGC E C4  1 
HETATM 991  C  C5  . BGC E 2 .  ? 8.287   -18.251 -8.614  1.00 40.22 ? 1   BGC E C5  1 
HETATM 992  C  C6  . BGC E 2 .  ? 9.705   -18.660 -8.313  1.00 42.66 ? 1   BGC E C6  1 
HETATM 993  C  C1  . BGC E 2 .  ? 6.326   -17.775 -7.564  1.00 38.95 ? 1   BGC E C1  1 
HETATM 994  O  O2  . BGC E 2 .  ? 4.576   -17.176 -8.983  1.00 37.31 ? 1   BGC E O2  1 
HETATM 995  O  O3  . BGC E 2 .  ? 6.480   -16.228 -11.026 1.00 39.35 ? 1   BGC E O3  1 
HETATM 996  O  O4  . BGC E 2 .  ? 8.939   -17.537 -10.826 1.00 38.27 ? 1   BGC E O4  1 
HETATM 997  O  O5  . BGC E 2 .  ? 7.705   -17.726 -7.457  1.00 39.88 ? 1   BGC E O5  1 
HETATM 998  O  O6  . BGC E 2 .  ? 10.655  -17.654 -8.569  1.00 43.67 ? 1   BGC E O6  1 
HETATM 999  C  C1  . XYS E 2 .  ? 6.266   -16.693 -12.351 1.00 38.35 ? 2   XYS E C1  1 
HETATM 1000 C  C2  . XYS E 2 .  ? 6.357   -15.618 -13.426 1.00 36.72 ? 2   XYS E C2  1 
HETATM 1001 C  C3  . XYS E 2 .  ? 5.239   -14.630 -13.385 1.00 35.45 ? 2   XYS E C3  1 
HETATM 1002 C  C4  . XYS E 2 .  ? 3.931   -15.377 -13.351 1.00 35.75 ? 2   XYS E C4  1 
HETATM 1003 C  C5  . XYS E 2 .  ? 3.943   -16.417 -12.281 1.00 35.99 ? 2   XYS E C5  1 
HETATM 1004 O  O2  . XYS E 2 .  ? 7.560   -14.895 -13.277 1.00 39.63 ? 2   XYS E O2  1 
HETATM 1005 O  O3  . XYS E 2 .  ? 5.382   -13.756 -14.467 1.00 34.64 ? 2   XYS E O3  1 
HETATM 1006 O  O4  . XYS E 2 .  ? 2.842   -14.555 -13.033 1.00 34.53 ? 2   XYS E O4  1 
HETATM 1007 O  O5  . XYS E 2 .  ? 5.011   -17.285 -12.467 1.00 39.07 ? 2   XYS E O5  1 
HETATM 1008 C  C1  . XYS E 2 .  ? 4.703   -12.529 -14.346 1.00 33.95 ? 3   XYS E C1  1 
HETATM 1009 C  C2  . XYS E 2 .  ? 4.922   -11.631 -15.547 1.00 35.04 ? 3   XYS E C2  1 
HETATM 1010 C  C3  . XYS E 2 .  ? 6.256   -10.886 -15.489 1.00 37.59 ? 3   XYS E C3  1 
HETATM 1011 C  C4  . XYS E 2 .  ? 6.342   -10.198 -14.145 1.00 36.69 ? 3   XYS E C4  1 
HETATM 1012 C  C5  . XYS E 2 .  ? 6.265   -11.255 -13.076 1.00 35.12 ? 3   XYS E C5  1 
HETATM 1013 O  O2  . XYS E 2 .  ? 4.751   -12.393 -16.704 1.00 33.14 ? 3   XYS E O2  1 
HETATM 1014 O  O3  . XYS E 2 .  ? 6.358   -9.862  -16.450 1.00 40.03 ? 3   XYS E O3  1 
HETATM 1015 O  O4  . XYS E 2 .  ? 7.505   -9.415  -14.022 1.00 36.21 ? 3   XYS E O4  1 
HETATM 1016 O  O5  . XYS E 2 .  ? 4.997   -11.829 -13.165 1.00 35.54 ? 3   XYS E O5  1 
HETATM 1017 C  C2  . BGC F 2 .  ? 5.096   11.560  1.106   1.00 43.73 ? 1   BGC F C2  1 
HETATM 1018 C  C3  . BGC F 2 .  ? 6.370   11.732  1.946   1.00 44.33 ? 1   BGC F C3  1 
HETATM 1019 C  C4  . BGC F 2 .  ? 6.375   10.638  3.012   1.00 43.52 ? 1   BGC F C4  1 
HETATM 1020 C  C5  . BGC F 2 .  ? 6.465   9.330   2.252   1.00 44.32 ? 1   BGC F C5  1 
HETATM 1021 C  C6  . BGC F 2 .  ? 6.788   8.124   3.129   1.00 47.68 ? 1   BGC F C6  1 
HETATM 1022 C  C1  . BGC F 2 .  ? 4.935   10.133  0.578   1.00 44.02 ? 1   BGC F C1  1 
HETATM 1023 O  O2  . BGC F 2 .  ? 5.079   12.466  0.001   1.00 42.98 ? 1   BGC F O2  1 
HETATM 1024 O  O3  . BGC F 2 .  ? 6.390   13.021  2.559   1.00 44.32 ? 1   BGC F O3  1 
HETATM 1025 O  O4  . BGC F 2 .  ? 7.439   10.818  3.947   1.00 45.95 ? 1   BGC F O4  1 
HETATM 1026 O  O5  . BGC F 2 .  ? 5.201   9.168   1.608   1.00 43.85 ? 1   BGC F O5  1 
HETATM 1027 O  O6  . BGC F 2 .  ? 5.587   7.618   3.715   1.00 45.72 ? 1   BGC F O6  1 
HETATM 1028 C  C1  . XYS F 2 .  ? 7.670   13.661  2.564   1.00 44.16 ? 2   XYS F C1  1 
HETATM 1029 C  C2  . XYS F 2 .  ? 7.748   14.606  3.762   1.00 42.13 ? 2   XYS F C2  1 
HETATM 1030 C  C3  . XYS F 2 .  ? 6.992   15.903  3.546   1.00 44.03 ? 2   XYS F C3  1 
HETATM 1031 C  C4  . XYS F 2 .  ? 7.412   16.557  2.245   1.00 44.69 ? 2   XYS F C4  1 
HETATM 1032 C  C5  . XYS F 2 .  ? 7.182   15.578  1.094   1.00 43.53 ? 2   XYS F C5  1 
HETATM 1033 O  O2  . XYS F 2 .  ? 7.099   14.006  4.871   1.00 44.73 ? 2   XYS F O2  1 
HETATM 1034 O  O3  . XYS F 2 .  ? 7.192   16.776  4.658   1.00 46.06 ? 2   XYS F O3  1 
HETATM 1035 O  O4  . XYS F 2 .  ? 6.636   17.758  2.084   1.00 46.35 ? 2   XYS F O4  1 
HETATM 1036 O  O5  . XYS F 2 .  ? 7.893   14.346  1.314   1.00 47.53 ? 2   XYS F O5  1 
HETATM 1037 C  C1  . XYS F 2 .  ? 6.213   17.814  4.758   1.00 49.40 ? 3   XYS F C1  1 
HETATM 1038 C  C2  . XYS F 2 .  ? 6.485   18.728  5.956   1.00 55.37 ? 3   XYS F C2  1 
HETATM 1039 C  C3  . XYS F 2 .  ? 5.911   18.192  7.271   1.00 58.31 ? 3   XYS F C3  1 
HETATM 1040 C  C4  . XYS F 2 .  ? 4.470   17.693  7.098   1.00 58.83 ? 3   XYS F C4  1 
HETATM 1041 C  C5  . XYS F 2 .  ? 4.366   16.712  5.942   1.00 54.23 ? 3   XYS F C5  1 
HETATM 1042 O  O2  . XYS F 2 .  ? 7.900   18.910  6.072   1.00 56.90 ? 3   XYS F O2  1 
HETATM 1043 O  O3  . XYS F 2 .  ? 5.927   19.255  8.234   1.00 58.25 ? 3   XYS F O3  1 
HETATM 1044 O  O4  . XYS F 2 .  ? 4.005   17.035  8.277   1.00 57.65 ? 3   XYS F O4  1 
HETATM 1045 O  O5  . XYS F 2 .  ? 4.863   17.316  4.744   1.00 50.23 ? 3   XYS F O5  1 
HETATM 1046 CA CA  . CA  G 3 .  ? -3.060  0.713   11.078  1.00 27.01 ? 102 CA  B CA  1 
HETATM 1047 CA CA  . CA  H 3 .  ? -2.983  -11.955 -9.030  1.00 28.41 ? 103 CA  B CA  1 
HETATM 1048 CA CA  . CA  I 3 .  ? 1.617   20.257  -3.084  1.00 31.25 ? 102 CA  C CA  1 
HETATM 1049 O  O   . HOH J 4 .  ? -4.283  -11.110 0.391   1.00 35.01 ? 201 HOH B O   1 
HETATM 1050 O  O   . HOH J 4 .  ? 0.051   -8.486  -2.973  1.00 32.69 ? 202 HOH B O   1 
HETATM 1051 O  O   . HOH J 4 .  ? -7.153  -13.365 -7.014  1.00 36.61 ? 203 HOH B O   1 
HETATM 1052 O  O   . HOH J 4 .  ? 5.679   -3.494  1.713   1.00 42.66 ? 204 HOH B O   1 
HETATM 1053 O  O   . HOH J 4 .  ? -2.345  -3.271  15.748  1.00 43.19 ? 205 HOH B O   1 
HETATM 1054 O  O   . HOH J 4 .  ? -16.649 -8.368  -10.608 1.00 43.85 ? 206 HOH B O   1 
HETATM 1055 O  O   . HOH J 4 .  ? -2.147  -4.416  -1.307  1.00 34.27 ? 207 HOH B O   1 
HETATM 1056 O  O   . HOH J 4 .  ? 2.065   7.248   21.581  1.00 46.38 ? 208 HOH B O   1 
HETATM 1057 O  O   . HOH J 4 .  ? -2.408  3.580   3.725   1.00 32.87 ? 209 HOH B O   1 
HETATM 1058 O  O   . HOH J 4 .  ? -9.907  0.510   -12.546 1.00 54.96 ? 210 HOH B O   1 
HETATM 1059 O  O   . HOH K 4 .  ? -2.222  -5.648  -5.668  1.00 27.50 ? 201 HOH A O   1 
HETATM 1060 O  O   . HOH K 4 .  ? 15.008  -8.901  -14.362 1.00 38.65 ? 202 HOH A O   1 
HETATM 1061 O  O   . HOH K 4 .  ? 2.196   -13.187 -16.778 1.00 37.25 ? 203 HOH A O   1 
HETATM 1062 O  O   . HOH K 4 .  ? 9.062   -6.807  -10.653 1.00 33.86 ? 204 HOH A O   1 
HETATM 1063 O  O   . HOH K 4 .  ? 18.719  -11.152 -14.328 1.00 50.21 ? 205 HOH A O   1 
HETATM 1064 O  O   . HOH K 4 .  ? 8.554   -11.924 -2.766  1.00 36.25 ? 206 HOH A O   1 
HETATM 1065 O  O   . HOH K 4 .  ? 11.010  -15.792 -11.836 1.00 40.74 ? 207 HOH A O   1 
HETATM 1066 O  O   . HOH K 4 .  ? 7.233   -9.750  -0.385  1.00 37.24 ? 208 HOH A O   1 
HETATM 1067 O  O   . HOH K 4 .  ? -7.431  -15.326 -14.460 1.00 57.04 ? 209 HOH A O   1 
HETATM 1068 O  O   . HOH K 4 .  ? -0.102  -10.857 -1.519  1.00 43.19 ? 210 HOH A O   1 
HETATM 1069 O  O   . HOH K 4 .  ? 11.134  -3.066  -0.334  1.00 46.50 ? 211 HOH A O   1 
HETATM 1070 O  O   . HOH K 4 .  ? 15.686  -13.443 -13.577 1.00 53.36 ? 212 HOH A O   1 
HETATM 1071 O  O   . HOH L 4 .  ? -5.025  5.610   6.089   1.00 36.60 ? 201 HOH C O   1 
HETATM 1072 O  O   . HOH L 4 .  ? 0.007   15.768  9.459   1.00 37.93 ? 202 HOH C O   1 
HETATM 1073 O  O   . HOH L 4 .  ? 6.061   27.589  -13.955 1.00 34.11 ? 203 HOH C O   1 
HETATM 1074 O  O   . HOH L 4 .  ? 4.431   12.400  13.889  1.00 43.82 ? 204 HOH C O   1 
HETATM 1075 O  O   . HOH L 4 .  ? -12.980 10.023  14.215  1.00 40.62 ? 205 HOH C O   1 
HETATM 1076 O  O   . HOH L 4 .  ? 0.552   3.506   13.358  1.00 28.64 ? 206 HOH C O   1 
HETATM 1077 O  O   . HOH L 4 .  ? 7.246   10.551  6.826   1.00 45.37 ? 207 HOH C O   1 
HETATM 1078 O  O   . HOH L 4 .  ? 1.197   15.546  -8.544  1.00 38.93 ? 208 HOH C O   1 
HETATM 1079 O  O   . HOH L 4 .  ? 3.496   21.903  -17.976 1.00 42.32 ? 209 HOH C O   1 
HETATM 1080 O  O   . HOH L 4 .  ? -10.165 12.270  8.870   1.00 50.31 ? 210 HOH C O   1 
HETATM 1081 O  O   . HOH L 4 .  ? -2.725  9.108   2.724   1.00 30.43 ? 211 HOH C O   1 
HETATM 1082 O  O   . HOH L 4 .  ? -5.322  16.854  -1.687  1.00 36.89 ? 212 HOH C O   1 
HETATM 1083 O  O   . HOH L 4 .  ? 7.854   17.304  -2.845  1.00 43.53 ? 213 HOH C O   1 
HETATM 1084 O  O   . HOH L 4 .  ? -6.183  9.962   2.071   1.00 39.32 ? 214 HOH C O   1 
HETATM 1085 O  O   . HOH L 4 .  ? 1.639   16.044  14.236  1.00 48.81 ? 215 HOH C O   1 
# 
